data_3DC1
#
_entry.id   3DC1
#
_cell.length_a   60.930
_cell.length_b   72.090
_cell.length_c   109.079
_cell.angle_alpha   89.97
_cell.angle_beta   100.65
_cell.angle_gamma   93.88
#
_symmetry.space_group_name_H-M   'P 1'
#
loop_
_entity.id
_entity.type
_entity.pdbx_description
1 polymer 'Kynurenine/alpha-aminoadipate aminotransferase mitochondrial'
2 non-polymer '2-OXOGLUTARIC ACID'
3 non-polymer GLYCEROL
4 water water
#
_entity_poly.entity_id   1
_entity_poly.type   'polypeptide(L)'
_entity_poly.pdbx_seq_one_letter_code
;MNYARFITAASAARNPSPIRTMTDILSRGPKSMISLAGGLPNPNMFPFKTAVITVENGKTIQFGEEMMKRALQYSPSAGI
PELLSWLKQLQIKLHNPPTIHYPPSQGQMDLCVTSGSQQGLCKVFEMIINPGDNVLLDEPAYSGTLQSLHPLGCNIINVA
SDESGIVPDSLRDILSRWKPEDAKNPQKNTPKFLYTVPNGNNPTGNSLTSERKKEIYELARKYDFLIIEDDPYYFLQFNK
FRVPTFLSMDVDGRVIRADSFS(LLP)IISSGLRIGFLTGPKPLIERVILHIQVSTLHPSTFNQLMISQLLHEWGEEGFM
AHVDRVIDFYSNQKDAILAAADKWLTGLAEWHVPAAGMFLWIKVKGINDVKELIEEKAVKMGVLMLPGNAFYVDSSAPSP
YLRASFSSASPEQMDVAFQVLAQLIKESL
;
_entity_poly.pdbx_strand_id   A,B,C,D
#
loop_
_chem_comp.id
_chem_comp.type
_chem_comp.name
_chem_comp.formula
AKG non-polymer '2-OXOGLUTARIC ACID' 'C5 H6 O5'
GOL non-polymer GLYCEROL 'C3 H8 O3'
#
# COMPACT_ATOMS: atom_id res chain seq x y z
N MET A 1 27.62 -27.01 17.09
CA MET A 1 28.68 -27.99 17.26
C MET A 1 28.63 -28.62 18.63
N ASN A 2 28.28 -27.84 19.63
CA ASN A 2 28.00 -28.34 20.97
C ASN A 2 26.61 -27.86 21.37
N TYR A 3 25.64 -28.75 21.19
CA TYR A 3 24.24 -28.40 21.29
C TYR A 3 23.75 -28.50 22.73
N ALA A 4 24.51 -29.16 23.60
CA ALA A 4 24.06 -29.31 24.99
C ALA A 4 23.97 -27.98 25.71
N ARG A 5 24.80 -27.01 25.33
CA ARG A 5 24.73 -25.72 26.03
C ARG A 5 23.49 -24.95 25.57
N PHE A 6 22.86 -25.48 24.52
CA PHE A 6 21.73 -24.88 23.86
C PHE A 6 20.38 -25.50 24.26
N ILE A 7 20.43 -26.51 25.14
CA ILE A 7 19.29 -27.31 25.48
C ILE A 7 19.14 -27.33 26.98
N THR A 8 18.00 -26.83 27.44
CA THR A 8 17.61 -26.87 28.87
C THR A 8 17.69 -28.24 29.62
N ALA A 9 17.93 -28.18 30.92
CA ALA A 9 18.00 -29.43 31.72
C ALA A 9 16.74 -30.24 31.41
N ALA A 10 15.60 -29.54 31.43
CA ALA A 10 14.25 -30.08 31.14
C ALA A 10 14.12 -30.72 29.75
N SER A 11 14.43 -29.90 28.75
CA SER A 11 14.44 -30.36 27.37
C SER A 11 15.27 -31.63 27.22
N ALA A 12 16.26 -31.79 28.09
CA ALA A 12 17.29 -32.81 27.91
C ALA A 12 16.90 -34.12 28.59
N ALA A 13 16.14 -34.01 29.66
CA ALA A 13 15.68 -35.18 30.41
C ALA A 13 14.49 -35.84 29.71
N ARG A 14 14.07 -35.26 28.59
CA ARG A 14 12.95 -35.80 27.82
C ARG A 14 13.32 -37.12 27.12
N ASN A 15 12.47 -38.13 27.31
CA ASN A 15 12.65 -39.43 26.69
C ASN A 15 11.59 -39.71 25.63
N PRO A 16 11.97 -40.39 24.56
CA PRO A 16 11.07 -40.62 23.42
C PRO A 16 9.84 -41.42 23.83
N SER A 17 8.67 -40.91 23.43
CA SER A 17 7.38 -41.27 23.98
C SER A 17 6.32 -41.53 22.90
N PRO A 18 6.59 -42.47 22.02
CA PRO A 18 5.65 -42.79 20.93
C PRO A 18 4.45 -43.58 21.43
N GLY A 29 9.94 -58.12 12.08
CA GLY A 29 8.64 -58.75 12.07
C GLY A 29 8.41 -59.59 10.83
N PRO A 30 8.71 -60.88 10.92
CA PRO A 30 8.33 -61.84 9.88
C PRO A 30 6.95 -61.54 9.32
N LYS A 31 5.96 -61.42 10.19
CA LYS A 31 4.58 -61.15 9.77
C LYS A 31 3.96 -62.28 8.97
N SER A 32 2.78 -62.01 8.41
CA SER A 32 1.53 -62.42 9.04
C SER A 32 1.64 -62.35 10.55
N MET A 33 1.68 -61.13 11.09
CA MET A 33 1.77 -60.92 12.52
C MET A 33 0.42 -60.50 13.10
N ILE A 34 0.11 -61.01 14.29
CA ILE A 34 -0.98 -60.46 15.10
C ILE A 34 -0.43 -59.56 16.20
N SER A 35 -0.94 -58.32 16.25
CA SER A 35 -0.44 -57.33 17.21
C SER A 35 -1.54 -56.82 18.14
N LEU A 36 -1.27 -56.82 19.43
CA LEU A 36 -2.29 -56.55 20.43
C LEU A 36 -1.86 -55.41 21.37
N ALA A 37 -0.63 -54.97 21.15
CA ALA A 37 -0.01 -53.89 21.90
C ALA A 37 0.00 -52.53 21.20
N GLY A 38 -0.76 -52.39 20.13
CA GLY A 38 -1.03 -51.09 19.57
C GLY A 38 -1.88 -50.25 20.49
N GLY A 39 -1.82 -48.94 20.30
CA GLY A 39 -2.75 -48.07 20.99
C GLY A 39 -3.75 -47.34 20.10
N LEU A 40 -3.57 -47.48 18.78
CA LEU A 40 -4.56 -47.01 17.82
C LEU A 40 -5.97 -47.44 18.24
N PRO A 41 -6.89 -46.48 18.28
CA PRO A 41 -8.32 -46.79 18.25
C PRO A 41 -8.74 -47.39 16.92
N ASN A 42 -9.82 -48.18 16.93
CA ASN A 42 -10.39 -48.71 15.70
C ASN A 42 -11.02 -47.63 14.84
N PRO A 43 -10.32 -47.27 13.76
CA PRO A 43 -10.68 -46.10 12.98
C PRO A 43 -12.06 -46.26 12.23
N ASN A 44 -12.59 -47.48 12.19
CA ASN A 44 -13.86 -47.79 11.55
C ASN A 44 -15.04 -47.20 12.28
N MET A 45 -14.81 -46.76 13.51
CA MET A 45 -15.89 -46.24 14.35
C MET A 45 -16.13 -44.77 14.04
N PHE A 46 -15.30 -44.23 13.17
CA PHE A 46 -15.35 -42.84 12.93
C PHE A 46 -16.38 -42.53 11.85
N PRO A 47 -17.04 -41.36 11.95
CA PRO A 47 -18.25 -41.15 11.13
C PRO A 47 -17.92 -40.74 9.71
N PHE A 48 -16.75 -40.16 9.54
CA PHE A 48 -16.39 -39.56 8.28
C PHE A 48 -15.82 -40.67 7.42
N LYS A 49 -16.36 -40.81 6.23
CA LYS A 49 -16.17 -41.98 5.43
C LYS A 49 -15.38 -41.66 4.14
N THR A 50 -15.71 -40.55 3.46
CA THR A 50 -15.04 -40.17 2.19
C THR A 50 -14.90 -38.71 2.01
N ALA A 51 -13.88 -38.30 1.30
CA ALA A 51 -13.72 -36.89 1.09
C ALA A 51 -13.37 -36.59 -0.34
N VAL A 52 -13.89 -35.46 -0.81
CA VAL A 52 -13.52 -34.85 -2.06
C VAL A 52 -13.28 -33.37 -1.76
N ILE A 53 -12.19 -32.83 -2.27
CA ILE A 53 -11.87 -31.45 -2.09
C ILE A 53 -11.44 -30.96 -3.48
N THR A 54 -11.94 -29.80 -3.91
CA THR A 54 -11.55 -29.22 -5.18
C THR A 54 -10.46 -28.17 -4.99
N VAL A 55 -9.66 -28.03 -6.03
CA VAL A 55 -8.48 -27.20 -6.09
C VAL A 55 -8.66 -26.37 -7.35
N GLU A 56 -8.47 -25.06 -7.24
CA GLU A 56 -8.33 -24.19 -8.42
C GLU A 56 -7.04 -24.58 -9.18
N ASN A 57 -7.17 -24.87 -10.48
CA ASN A 57 -6.00 -25.31 -11.32
C ASN A 57 -5.23 -26.54 -10.78
N GLY A 58 -6.00 -27.60 -10.52
CA GLY A 58 -5.47 -28.80 -9.88
C GLY A 58 -6.51 -29.91 -9.97
N LYS A 59 -6.03 -31.15 -10.00
CA LYS A 59 -6.87 -32.30 -9.75
C LYS A 59 -7.49 -32.29 -8.37
N THR A 60 -8.80 -32.55 -8.37
CA THR A 60 -9.58 -32.82 -7.20
C THR A 60 -8.94 -33.84 -6.26
N ILE A 61 -8.71 -33.43 -5.01
CA ILE A 61 -8.22 -34.38 -4.02
C ILE A 61 -9.35 -35.26 -3.50
N GLN A 62 -9.12 -36.58 -3.49
CA GLN A 62 -10.13 -37.52 -3.04
C GLN A 62 -9.58 -38.41 -1.97
N PHE A 63 -10.35 -38.61 -0.90
CA PHE A 63 -10.07 -39.67 0.05
C PHE A 63 -11.11 -40.74 -0.09
N GLY A 64 -10.67 -41.93 -0.50
CA GLY A 64 -11.51 -43.13 -0.50
C GLY A 64 -11.60 -43.64 0.92
N GLU A 65 -12.41 -44.66 1.14
CA GLU A 65 -12.58 -45.18 2.48
C GLU A 65 -11.26 -45.54 3.22
N GLU A 66 -10.25 -46.02 2.49
CA GLU A 66 -8.97 -46.39 3.14
C GLU A 66 -8.10 -45.21 3.54
N MET A 67 -7.63 -44.43 2.58
CA MET A 67 -7.07 -43.11 2.82
C MET A 67 -7.75 -42.32 3.98
N MET A 68 -9.08 -42.19 3.88
CA MET A 68 -9.88 -41.48 4.88
C MET A 68 -9.65 -41.99 6.29
N LYS A 69 -9.76 -43.31 6.42
CA LYS A 69 -9.43 -44.02 7.64
C LYS A 69 -8.02 -43.67 8.17
N ARG A 70 -7.04 -43.63 7.29
CA ARG A 70 -5.70 -43.28 7.66
C ARG A 70 -5.66 -41.83 8.08
N ALA A 71 -6.59 -41.04 7.52
CA ALA A 71 -6.62 -39.63 7.68
C ALA A 71 -7.32 -39.23 8.95
N LEU A 72 -8.03 -40.17 9.56
CA LEU A 72 -8.80 -39.90 10.79
C LEU A 72 -8.09 -40.50 12.00
N GLN A 73 -6.89 -41.05 11.70
CA GLN A 73 -6.14 -41.94 12.61
C GLN A 73 -4.86 -41.26 13.17
N TYR A 74 -4.37 -41.68 14.34
CA TYR A 74 -3.08 -41.25 14.79
C TYR A 74 -2.06 -41.47 13.64
N SER A 75 -1.14 -40.51 13.49
CA SER A 75 0.02 -40.72 12.58
C SER A 75 1.39 -40.30 13.22
N PRO A 76 2.50 -40.36 12.46
CA PRO A 76 3.80 -40.08 13.09
C PRO A 76 3.86 -38.66 13.57
N SER A 77 4.56 -38.50 14.70
CA SER A 77 4.82 -37.22 15.42
C SER A 77 5.34 -36.04 14.64
N ALA A 78 6.26 -36.36 13.76
CA ALA A 78 7.03 -35.39 13.04
C ALA A 78 6.46 -35.17 11.64
N GLY A 79 5.42 -35.93 11.24
CA GLY A 79 4.67 -35.69 9.99
C GLY A 79 4.50 -36.98 9.21
N ILE A 80 3.43 -37.10 8.41
CA ILE A 80 3.35 -38.25 7.51
C ILE A 80 4.61 -38.24 6.61
N PRO A 81 5.20 -39.41 6.31
CA PRO A 81 6.44 -39.53 5.50
C PRO A 81 6.35 -39.06 4.04
N GLU A 82 5.18 -38.93 3.46
CA GLU A 82 5.17 -38.49 2.09
C GLU A 82 5.23 -36.96 2.10
N LEU A 83 4.71 -36.39 3.19
CA LEU A 83 4.86 -34.94 3.39
C LEU A 83 6.29 -34.62 3.90
N LEU A 84 6.83 -35.37 4.87
CA LEU A 84 8.22 -35.08 5.33
C LEU A 84 9.23 -35.18 4.23
N SER A 85 9.15 -36.20 3.39
CA SER A 85 10.17 -36.27 2.33
C SER A 85 10.05 -35.17 1.32
N TRP A 86 8.83 -34.66 1.12
CA TRP A 86 8.59 -33.67 0.06
C TRP A 86 9.05 -32.36 0.62
N LEU A 87 8.78 -32.09 1.90
CA LEU A 87 9.44 -30.86 2.46
C LEU A 87 10.99 -30.95 2.63
N LYS A 88 11.46 -32.11 3.08
CA LYS A 88 12.89 -32.37 3.15
C LYS A 88 13.55 -32.22 1.79
N GLN A 89 12.88 -32.72 0.75
CA GLN A 89 13.33 -32.50 -0.62
C GLN A 89 13.28 -31.03 -1.00
N LEU A 90 12.10 -30.42 -0.97
CA LEU A 90 12.01 -29.01 -1.25
C LEU A 90 13.15 -28.26 -0.59
N GLN A 91 13.50 -28.67 0.60
CA GLN A 91 14.47 -27.91 1.37
C GLN A 91 15.88 -28.06 0.80
N ILE A 92 16.22 -29.28 0.39
CA ILE A 92 17.46 -29.53 -0.32
C ILE A 92 17.50 -28.75 -1.64
N LYS A 93 16.33 -28.45 -2.18
CA LYS A 93 16.22 -27.89 -3.52
C LYS A 93 16.20 -26.37 -3.48
N LEU A 94 15.54 -25.81 -2.46
CA LEU A 94 15.46 -24.36 -2.29
C LEU A 94 16.67 -23.78 -1.61
N HIS A 95 17.38 -24.57 -0.81
CA HIS A 95 18.43 -24.06 0.06
C HIS A 95 19.67 -24.93 0.00
N ASN A 96 19.47 -26.22 -0.27
CA ASN A 96 20.58 -27.16 -0.41
C ASN A 96 21.59 -27.02 0.72
N PRO A 97 21.18 -27.38 1.93
CA PRO A 97 21.96 -27.09 3.14
C PRO A 97 23.25 -27.89 3.18
N PRO A 98 24.36 -27.23 3.50
CA PRO A 98 25.66 -27.90 3.58
C PRO A 98 25.66 -29.02 4.62
N THR A 99 24.55 -29.17 5.31
CA THR A 99 24.52 -29.95 6.52
C THR A 99 23.80 -31.26 6.24
N ILE A 100 23.21 -31.35 5.05
CA ILE A 100 22.37 -32.47 4.68
C ILE A 100 23.09 -33.78 4.94
N HIS A 101 24.33 -33.88 4.45
CA HIS A 101 25.06 -35.15 4.56
C HIS A 101 25.99 -35.26 5.74
N TYR A 102 25.76 -34.44 6.77
CA TYR A 102 26.50 -34.55 8.06
C TYR A 102 26.14 -35.75 8.92
N PRO A 103 27.11 -36.24 9.72
CA PRO A 103 26.70 -37.05 10.83
C PRO A 103 25.52 -36.48 11.65
N PRO A 104 24.54 -37.35 12.02
CA PRO A 104 23.41 -36.89 12.82
C PRO A 104 23.84 -36.07 14.08
N SER A 105 24.78 -36.58 14.86
CA SER A 105 25.13 -35.94 16.15
C SER A 105 25.90 -34.63 15.90
N GLN A 106 26.45 -34.48 14.70
CA GLN A 106 27.01 -33.22 14.25
C GLN A 106 26.05 -32.30 13.48
N GLY A 107 24.74 -32.40 13.72
CA GLY A 107 23.81 -31.44 13.14
C GLY A 107 23.12 -31.76 11.81
N GLN A 108 23.18 -32.99 11.32
CA GLN A 108 22.48 -33.32 10.07
C GLN A 108 21.06 -32.69 9.84
N MET A 109 20.92 -31.92 8.79
CA MET A 109 19.66 -31.25 8.53
C MET A 109 18.50 -32.19 8.84
N ASP A 110 17.66 -31.78 9.79
CA ASP A 110 16.44 -32.51 10.13
C ASP A 110 15.23 -31.54 9.96
N LEU A 111 14.02 -32.10 9.92
CA LEU A 111 12.76 -31.37 9.62
C LEU A 111 11.60 -32.15 10.23
N CYS A 112 10.76 -31.48 11.03
CA CYS A 112 9.44 -32.05 11.34
C CYS A 112 8.31 -31.17 10.90
N VAL A 113 7.22 -31.78 10.42
CA VAL A 113 5.97 -31.01 10.15
C VAL A 113 5.46 -30.55 11.53
N THR A 114 5.05 -29.29 11.65
CA THR A 114 4.49 -28.84 12.90
C THR A 114 3.11 -28.23 12.73
N SER A 115 2.43 -28.05 13.86
CA SER A 115 1.07 -27.57 13.85
C SER A 115 1.05 -26.08 13.53
N GLY A 116 1.49 -25.71 12.34
CA GLY A 116 1.76 -24.28 12.07
C GLY A 116 3.16 -23.91 12.56
N SER A 117 3.78 -22.90 11.93
CA SER A 117 5.20 -22.67 12.12
C SER A 117 5.49 -22.18 13.52
N GLN A 118 4.56 -21.45 14.11
CA GLN A 118 4.79 -20.96 15.49
C GLN A 118 4.77 -22.04 16.59
N GLN A 119 4.33 -23.25 16.26
CA GLN A 119 4.45 -24.36 17.18
C GLN A 119 5.93 -24.66 17.29
N GLY A 120 6.60 -24.88 16.16
CA GLY A 120 7.99 -25.18 16.17
C GLY A 120 8.81 -24.14 16.93
N LEU A 121 8.47 -22.85 16.69
CA LEU A 121 9.29 -21.73 17.14
C LEU A 121 9.17 -21.48 18.66
N CYS A 122 7.95 -21.70 19.17
CA CYS A 122 7.72 -21.79 20.60
C CYS A 122 8.51 -22.95 21.22
N LYS A 123 8.38 -24.17 20.66
CA LYS A 123 9.01 -25.36 21.26
C LYS A 123 10.54 -25.17 21.30
N VAL A 124 11.02 -24.35 20.36
CA VAL A 124 12.37 -23.97 20.26
C VAL A 124 12.84 -22.93 21.32
N PHE A 125 11.98 -22.02 21.74
CA PHE A 125 12.38 -21.10 22.80
C PHE A 125 12.38 -21.84 24.11
N GLU A 126 11.42 -22.76 24.27
CA GLU A 126 11.26 -23.48 25.52
C GLU A 126 12.45 -24.38 25.71
N MET A 127 12.98 -24.87 24.59
CA MET A 127 14.11 -25.77 24.58
C MET A 127 15.42 -25.04 24.99
N ILE A 128 15.54 -23.78 24.56
CA ILE A 128 16.79 -23.03 24.67
C ILE A 128 16.93 -22.20 25.95
N ILE A 129 15.84 -21.55 26.35
CA ILE A 129 15.89 -20.41 27.24
C ILE A 129 15.70 -20.76 28.71
N ASN A 130 16.78 -20.52 29.49
CA ASN A 130 16.76 -20.46 30.96
C ASN A 130 16.51 -19.04 31.43
N PRO A 131 15.84 -18.85 32.58
CA PRO A 131 15.62 -17.43 32.96
C PRO A 131 16.95 -16.74 33.24
N GLY A 132 17.13 -15.54 32.70
CA GLY A 132 18.41 -14.86 32.82
C GLY A 132 19.20 -14.84 31.54
N ASP A 133 18.97 -15.81 30.66
CA ASP A 133 19.72 -15.83 29.41
C ASP A 133 19.52 -14.57 28.59
N ASN A 134 20.55 -14.27 27.80
CA ASN A 134 20.59 -13.12 26.94
C ASN A 134 20.26 -13.51 25.50
N VAL A 135 19.35 -12.77 24.86
CA VAL A 135 18.94 -13.09 23.47
C VAL A 135 18.85 -11.87 22.54
N LEU A 136 19.13 -12.10 21.27
CA LEU A 136 19.17 -11.01 20.34
C LEU A 136 17.99 -11.10 19.41
N LEU A 137 17.32 -9.96 19.21
CA LEU A 137 16.63 -9.71 17.98
C LEU A 137 16.52 -8.24 17.65
N ASP A 138 15.82 -7.93 16.58
CA ASP A 138 15.76 -6.56 16.07
C ASP A 138 14.36 -6.03 16.18
N GLU A 139 14.20 -4.93 16.92
CA GLU A 139 12.92 -4.24 17.11
C GLU A 139 12.77 -3.16 16.04
N PRO A 140 11.51 -2.99 15.48
CA PRO A 140 10.31 -3.69 15.94
C PRO A 140 10.32 -5.19 15.60
N ALA A 141 9.73 -5.99 16.49
CA ALA A 141 9.68 -7.46 16.34
C ALA A 141 8.23 -7.92 16.44
N TYR A 142 7.88 -9.07 15.86
CA TYR A 142 6.47 -9.47 15.86
C TYR A 142 5.95 -9.65 17.29
N SER A 143 4.86 -8.95 17.61
CA SER A 143 4.29 -9.00 18.96
C SER A 143 4.16 -10.41 19.54
N GLY A 144 3.94 -11.40 18.64
CA GLY A 144 3.71 -12.78 19.08
C GLY A 144 4.96 -13.37 19.71
N THR A 145 6.08 -13.02 19.11
CA THR A 145 7.36 -13.51 19.49
C THR A 145 7.79 -12.80 20.74
N LEU A 146 7.52 -11.50 20.80
CA LEU A 146 7.66 -10.74 22.05
C LEU A 146 6.98 -11.41 23.22
N GLN A 147 5.71 -11.75 23.01
CA GLN A 147 4.87 -12.28 24.10
C GLN A 147 5.17 -13.73 24.46
N SER A 148 5.77 -14.46 23.51
CA SER A 148 6.25 -15.81 23.74
C SER A 148 7.49 -15.80 24.60
N LEU A 149 8.38 -14.85 24.34
CA LEU A 149 9.70 -14.82 24.93
C LEU A 149 9.58 -14.23 26.32
N HIS A 150 8.54 -13.42 26.48
CA HIS A 150 8.50 -12.56 27.64
C HIS A 150 8.44 -13.38 28.91
N PRO A 151 7.55 -14.40 28.99
CA PRO A 151 7.49 -15.23 30.19
C PRO A 151 8.63 -16.20 30.36
N LEU A 152 9.47 -16.36 29.35
CA LEU A 152 10.60 -17.24 29.46
C LEU A 152 11.76 -16.61 30.27
N GLY A 153 11.68 -15.31 30.50
CA GLY A 153 12.57 -14.64 31.44
C GLY A 153 13.97 -14.49 30.88
N CYS A 154 14.07 -14.26 29.58
CA CYS A 154 15.32 -13.86 28.95
C CYS A 154 15.51 -12.34 29.02
N ASN A 155 16.77 -11.91 29.05
CA ASN A 155 17.13 -10.55 28.67
C ASN A 155 17.12 -10.36 27.15
N ILE A 156 16.12 -9.64 26.66
CA ILE A 156 16.09 -9.25 25.24
C ILE A 156 17.03 -8.10 24.94
N ILE A 157 17.94 -8.29 24.01
CA ILE A 157 18.88 -7.23 23.66
C ILE A 157 18.63 -6.85 22.24
N ASN A 158 18.27 -5.58 22.09
CA ASN A 158 17.79 -5.04 20.86
C ASN A 158 18.95 -4.71 19.94
N VAL A 159 18.87 -5.14 18.70
CA VAL A 159 19.89 -4.88 17.69
C VAL A 159 19.30 -3.84 16.76
N ALA A 160 20.09 -2.90 16.24
CA ALA A 160 19.50 -1.84 15.43
C ALA A 160 19.10 -2.44 14.08
N SER A 161 18.04 -1.92 13.48
CA SER A 161 17.59 -2.39 12.15
C SER A 161 17.40 -1.17 11.28
N ASP A 162 17.17 -1.36 9.98
CA ASP A 162 16.92 -0.25 9.08
C ASP A 162 16.20 -0.79 7.82
N GLU A 163 16.23 -0.07 6.70
CA GLU A 163 15.60 -0.50 5.44
C GLU A 163 15.79 -1.97 5.10
N SER A 164 16.89 -2.51 5.63
CA SER A 164 17.51 -3.75 5.18
C SER A 164 17.61 -4.72 6.34
N GLY A 165 16.83 -4.52 7.40
CA GLY A 165 16.88 -5.45 8.52
C GLY A 165 17.97 -5.15 9.53
N ILE A 166 18.42 -6.20 10.19
CA ILE A 166 19.43 -6.13 11.25
C ILE A 166 20.68 -5.44 10.72
N VAL A 167 20.99 -4.30 11.32
CA VAL A 167 22.26 -3.61 11.05
C VAL A 167 23.39 -4.44 11.72
N PRO A 168 24.26 -5.10 10.91
CA PRO A 168 25.29 -5.97 11.53
C PRO A 168 26.41 -5.23 12.34
N ASP A 169 26.73 -3.99 11.97
CA ASP A 169 27.66 -3.18 12.78
C ASP A 169 27.15 -3.10 14.22
N SER A 170 25.82 -3.08 14.32
CA SER A 170 25.17 -2.94 15.60
C SER A 170 25.32 -4.28 16.30
N LEU A 171 25.05 -5.36 15.58
CA LEU A 171 25.35 -6.69 16.09
C LEU A 171 26.83 -6.84 16.56
N ARG A 172 27.79 -6.28 15.83
CA ARG A 172 29.22 -6.31 16.26
C ARG A 172 29.48 -5.55 17.60
N ASP A 173 28.98 -4.33 17.65
CA ASP A 173 29.15 -3.49 18.84
C ASP A 173 28.49 -4.09 20.09
N ILE A 174 27.38 -4.81 19.90
CA ILE A 174 26.69 -5.45 21.03
C ILE A 174 27.56 -6.59 21.55
N LEU A 175 28.12 -7.36 20.63
CA LEU A 175 28.85 -8.53 21.03
C LEU A 175 30.20 -8.12 21.65
N SER A 176 30.79 -7.01 21.21
CA SER A 176 32.08 -6.56 21.74
C SER A 176 32.13 -6.52 23.28
N ARG A 177 31.00 -6.42 23.96
CA ARG A 177 31.03 -6.63 25.42
C ARG A 177 31.49 -8.03 25.92
N TRP A 178 31.63 -9.01 25.02
CA TRP A 178 32.21 -10.33 25.37
C TRP A 178 33.42 -10.58 24.43
N LYS A 179 34.14 -11.67 24.67
CA LYS A 179 35.13 -12.11 23.67
C LYS A 179 34.69 -13.45 23.20
N PRO A 180 35.03 -13.80 21.96
CA PRO A 180 34.60 -15.12 21.46
C PRO A 180 34.72 -16.23 22.51
N GLU A 181 35.82 -16.18 23.28
CA GLU A 181 36.19 -17.19 24.30
C GLU A 181 35.15 -17.42 25.40
N ASP A 182 34.26 -16.44 25.55
CA ASP A 182 33.18 -16.46 26.55
C ASP A 182 32.00 -17.39 26.16
N ALA A 183 31.96 -17.81 24.89
CA ALA A 183 31.05 -18.88 24.46
C ALA A 183 31.23 -20.21 25.26
N LYS A 184 32.49 -20.55 25.54
CA LYS A 184 32.76 -21.84 26.20
C LYS A 184 32.56 -21.74 27.71
N ASN A 185 32.28 -20.53 28.19
CA ASN A 185 32.10 -20.25 29.61
C ASN A 185 30.66 -19.82 29.86
N PRO A 186 29.80 -20.76 30.25
CA PRO A 186 28.38 -20.42 30.39
C PRO A 186 28.11 -19.27 31.34
N GLN A 187 29.03 -19.07 32.30
CA GLN A 187 28.77 -18.07 33.37
C GLN A 187 28.97 -16.64 32.88
N LYS A 188 29.62 -16.50 31.73
CA LYS A 188 29.66 -15.25 31.00
C LYS A 188 28.32 -14.77 30.45
N ASN A 189 27.36 -15.70 30.31
CA ASN A 189 26.03 -15.39 29.74
C ASN A 189 26.02 -14.86 28.32
N THR A 190 26.91 -15.38 27.49
CA THR A 190 26.86 -15.06 26.07
C THR A 190 25.48 -15.32 25.43
N PRO A 191 25.11 -14.52 24.43
CA PRO A 191 23.83 -14.76 23.75
C PRO A 191 23.54 -16.21 23.31
N LYS A 192 22.46 -16.77 23.82
CA LYS A 192 22.02 -18.12 23.39
C LYS A 192 21.70 -18.27 21.86
N PHE A 193 21.16 -17.17 21.27
CA PHE A 193 20.67 -17.08 19.88
C PHE A 193 20.28 -15.66 19.35
N LEU A 194 20.36 -15.48 18.02
CA LEU A 194 19.76 -14.36 17.28
C LEU A 194 18.45 -14.73 16.55
N TYR A 195 17.35 -14.11 16.97
CA TYR A 195 16.05 -14.33 16.33
C TYR A 195 15.82 -13.22 15.38
N THR A 196 15.41 -13.57 14.17
CA THR A 196 15.16 -12.66 13.08
C THR A 196 13.97 -13.11 12.20
N VAL A 197 13.37 -12.14 11.50
CA VAL A 197 12.40 -12.38 10.42
C VAL A 197 13.05 -11.81 9.17
N PRO A 198 13.72 -12.67 8.39
CA PRO A 198 14.51 -12.11 7.34
C PRO A 198 13.74 -11.50 6.14
N ASN A 199 12.45 -11.77 6.02
CA ASN A 199 11.68 -11.35 4.85
C ASN A 199 10.41 -10.60 5.22
N GLY A 200 10.19 -9.46 4.58
CA GLY A 200 9.39 -8.39 5.16
C GLY A 200 8.96 -8.70 6.58
N ASN A 201 9.87 -8.53 7.53
CA ASN A 201 9.50 -8.46 8.94
C ASN A 201 8.06 -8.00 9.13
N ASN A 202 7.32 -8.72 9.96
CA ASN A 202 6.12 -8.21 10.57
C ASN A 202 6.50 -7.45 11.86
N PRO A 203 6.27 -6.11 11.91
CA PRO A 203 5.44 -5.20 11.11
C PRO A 203 6.16 -4.31 10.05
N THR A 204 7.49 -4.34 9.95
CA THR A 204 8.15 -3.37 9.06
C THR A 204 8.03 -3.67 7.58
N GLY A 205 7.94 -4.94 7.20
CA GLY A 205 7.98 -5.30 5.80
C GLY A 205 9.35 -5.19 5.14
N ASN A 206 10.38 -4.93 5.97
CA ASN A 206 11.78 -4.94 5.55
C ASN A 206 12.40 -6.35 5.44
N SER A 207 13.37 -6.52 4.52
CA SER A 207 14.14 -7.76 4.45
C SER A 207 15.67 -7.53 4.45
N LEU A 208 16.38 -8.45 5.09
CA LEU A 208 17.85 -8.54 5.08
C LEU A 208 18.41 -8.62 3.69
N THR A 209 19.65 -8.21 3.52
CA THR A 209 20.28 -8.43 2.23
C THR A 209 21.16 -9.62 2.40
N SER A 210 21.53 -10.25 1.27
CA SER A 210 22.50 -11.30 1.22
C SER A 210 23.90 -10.94 1.83
N GLU A 211 24.38 -9.70 1.65
CA GLU A 211 25.67 -9.30 2.26
C GLU A 211 25.53 -9.33 3.78
N ARG A 212 24.43 -8.79 4.29
CA ARG A 212 24.18 -8.73 5.72
C ARG A 212 24.02 -10.10 6.35
N LYS A 213 23.31 -10.98 5.66
CA LYS A 213 23.13 -12.31 6.15
C LYS A 213 24.51 -13.01 6.29
N LYS A 214 25.36 -12.97 5.25
CA LYS A 214 26.78 -13.38 5.42
C LYS A 214 27.45 -12.86 6.73
N GLU A 215 27.54 -11.53 6.88
CA GLU A 215 28.10 -10.88 8.07
C GLU A 215 27.48 -11.42 9.35
N ILE A 216 26.15 -11.50 9.40
CA ILE A 216 25.46 -12.01 10.58
C ILE A 216 25.90 -13.42 10.94
N TYR A 217 25.99 -14.29 9.94
CA TYR A 217 26.58 -15.58 10.07
C TYR A 217 28.03 -15.60 10.68
N GLU A 218 28.99 -14.83 10.13
CA GLU A 218 30.35 -14.69 10.73
C GLU A 218 30.35 -14.43 12.24
N LEU A 219 29.58 -13.41 12.66
CA LEU A 219 29.41 -13.04 14.10
C LEU A 219 28.86 -14.20 14.91
N ALA A 220 27.80 -14.84 14.38
CA ALA A 220 27.21 -16.02 15.06
C ALA A 220 28.21 -17.19 15.22
N ARG A 221 29.00 -17.42 14.17
CA ARG A 221 30.15 -18.31 14.24
C ARG A 221 31.13 -17.89 15.39
N LYS A 222 31.66 -16.67 15.29
CA LYS A 222 32.65 -16.09 16.23
C LYS A 222 32.22 -16.33 17.69
N TYR A 223 30.93 -16.12 17.92
CA TYR A 223 30.33 -16.06 19.26
C TYR A 223 29.43 -17.24 19.62
N ASP A 224 29.35 -18.21 18.71
CA ASP A 224 28.66 -19.47 18.97
C ASP A 224 27.24 -19.24 19.50
N PHE A 225 26.46 -18.53 18.71
CA PHE A 225 25.08 -18.49 19.03
C PHE A 225 24.21 -19.04 17.87
N LEU A 226 23.06 -19.57 18.24
CA LEU A 226 22.11 -20.06 17.25
C LEU A 226 21.49 -18.92 16.47
N ILE A 227 21.14 -19.20 15.21
CA ILE A 227 20.29 -18.30 14.47
C ILE A 227 18.94 -18.97 14.24
N ILE A 228 17.88 -18.35 14.76
CA ILE A 228 16.53 -18.73 14.41
C ILE A 228 16.07 -17.74 13.36
N GLU A 229 15.97 -18.27 12.16
CA GLU A 229 15.41 -17.62 11.03
C GLU A 229 13.93 -17.93 10.98
N ASP A 230 13.11 -16.94 11.35
CA ASP A 230 11.66 -17.04 11.28
C ASP A 230 11.22 -16.58 9.94
N ASP A 231 10.88 -17.49 9.03
CA ASP A 231 10.74 -17.11 7.62
C ASP A 231 9.35 -17.41 6.99
N PRO A 232 8.31 -16.88 7.60
CA PRO A 232 6.94 -17.14 7.17
C PRO A 232 6.59 -16.45 5.88
N TYR A 233 7.37 -15.44 5.52
CA TYR A 233 7.13 -14.62 4.31
C TYR A 233 8.19 -15.02 3.25
N TYR A 234 8.82 -16.16 3.37
CA TYR A 234 9.80 -16.57 2.36
C TYR A 234 9.23 -16.73 0.96
N PHE A 235 8.00 -17.20 0.86
CA PHE A 235 7.43 -17.34 -0.44
C PHE A 235 6.58 -16.14 -0.86
N LEU A 236 6.70 -15.05 -0.10
CA LEU A 236 5.99 -13.81 -0.40
C LEU A 236 6.89 -12.61 -0.83
N GLN A 237 7.96 -12.93 -1.55
CA GLN A 237 9.02 -12.01 -1.90
C GLN A 237 8.86 -11.35 -3.21
N PHE A 238 8.69 -10.04 -3.19
CA PHE A 238 8.45 -9.24 -4.38
C PHE A 238 9.56 -9.23 -5.39
N ASN A 239 10.80 -9.26 -4.90
CA ASN A 239 11.96 -9.50 -5.76
C ASN A 239 11.98 -10.91 -6.33
N LYS A 240 12.19 -11.04 -7.64
CA LYS A 240 12.12 -12.35 -8.31
C LYS A 240 13.31 -13.26 -7.98
N PHE A 241 14.42 -12.69 -7.53
CA PHE A 241 15.48 -13.51 -6.92
C PHE A 241 15.25 -13.54 -5.44
N ARG A 242 15.25 -14.72 -4.86
CA ARG A 242 14.89 -14.86 -3.48
C ARG A 242 16.19 -14.74 -2.75
N VAL A 243 16.24 -13.83 -1.76
CA VAL A 243 17.47 -13.64 -0.99
C VAL A 243 17.83 -14.99 -0.37
N PRO A 244 19.11 -15.42 -0.49
CA PRO A 244 19.51 -16.66 0.17
C PRO A 244 19.24 -16.60 1.67
N THR A 245 18.94 -17.78 2.22
CA THR A 245 18.51 -17.94 3.61
C THR A 245 19.71 -18.22 4.49
N PHE A 246 19.56 -18.09 5.78
CA PHE A 246 20.64 -18.43 6.69
C PHE A 246 20.96 -19.92 6.62
N LEU A 247 19.97 -20.71 6.21
CA LEU A 247 20.07 -22.18 6.21
C LEU A 247 20.92 -22.61 5.02
N SER A 248 20.84 -21.84 3.93
CA SER A 248 21.67 -22.12 2.75
C SER A 248 23.13 -21.82 3.05
N MET A 249 23.41 -21.21 4.20
CA MET A 249 24.79 -20.90 4.54
C MET A 249 25.19 -21.40 5.93
N ASP A 250 24.43 -22.37 6.42
CA ASP A 250 24.70 -23.00 7.68
C ASP A 250 25.70 -24.14 7.53
N VAL A 251 26.97 -23.78 7.41
CA VAL A 251 28.03 -24.75 7.33
C VAL A 251 28.24 -25.36 8.69
N ASP A 252 27.82 -24.65 9.72
CA ASP A 252 28.01 -25.15 11.11
C ASP A 252 26.95 -25.97 11.81
N GLY A 253 25.68 -25.88 11.40
CA GLY A 253 24.63 -26.52 12.16
C GLY A 253 24.18 -25.59 13.29
N ARG A 254 23.98 -24.32 12.96
CA ARG A 254 23.55 -23.36 13.98
C ARG A 254 22.31 -22.55 13.60
N VAL A 255 21.68 -22.96 12.50
CA VAL A 255 20.49 -22.30 11.99
C VAL A 255 19.26 -23.13 12.27
N ILE A 256 18.23 -22.48 12.80
CA ILE A 256 16.94 -23.12 13.03
C ILE A 256 15.97 -22.34 12.24
N ARG A 257 15.41 -23.01 11.24
CA ARG A 257 14.58 -22.33 10.28
C ARG A 257 13.14 -22.64 10.54
N ALA A 258 12.31 -21.62 10.55
CA ALA A 258 10.87 -21.83 10.55
C ALA A 258 10.27 -21.44 9.17
N ASP A 259 9.36 -22.26 8.69
CA ASP A 259 8.69 -22.12 7.41
C ASP A 259 7.25 -22.27 7.63
N SER A 260 6.48 -21.60 6.81
CA SER A 260 5.05 -21.46 7.02
C SER A 260 4.32 -21.66 5.70
N PHE A 261 3.21 -22.39 5.75
CA PHE A 261 2.30 -22.47 4.62
C PHE A 261 1.10 -21.57 4.95
N SER A 262 1.20 -20.83 6.05
CA SER A 262 0.07 -19.93 6.44
C SER A 262 -0.33 -18.81 5.45
N1 LLP A 263 5.56 -15.38 12.21
C2 LLP A 263 5.24 -14.17 11.64
C2' LLP A 263 6.10 -13.00 11.97
C3 LLP A 263 4.14 -14.08 10.81
O3 LLP A 263 3.84 -13.01 10.30
C4 LLP A 263 3.38 -15.19 10.52
C4' LLP A 263 2.20 -15.06 9.61
C5 LLP A 263 3.71 -16.40 11.10
C6 LLP A 263 4.81 -16.47 11.92
C5' LLP A 263 2.92 -17.66 10.85
OP4 LLP A 263 2.42 -18.46 11.93
P LLP A 263 1.97 -19.94 11.65
OP1 LLP A 263 0.59 -19.81 11.24
OP2 LLP A 263 2.86 -20.39 10.61
OP3 LLP A 263 2.15 -20.60 12.92
N LLP A 263 0.60 -18.27 4.69
CA LLP A 263 0.27 -17.13 3.84
CB LLP A 263 1.38 -16.09 3.86
CG LLP A 263 1.38 -15.20 5.08
CD LLP A 263 2.13 -15.83 6.22
CE LLP A 263 1.43 -15.61 7.53
NZ LLP A 263 2.26 -16.00 8.67
C LLP A 263 -0.05 -17.53 2.43
O LLP A 263 -0.54 -16.73 1.65
N ILE A 264 0.22 -18.77 2.08
CA ILE A 264 0.13 -19.20 0.69
C ILE A 264 -0.82 -20.39 0.54
N ILE A 265 -0.75 -21.32 1.48
CA ILE A 265 -1.46 -22.58 1.36
C ILE A 265 -2.71 -22.60 2.24
N SER A 266 -2.51 -22.44 3.54
CA SER A 266 -3.61 -22.33 4.48
C SER A 266 -3.12 -21.92 5.86
N SER A 267 -3.78 -20.91 6.44
CA SER A 267 -3.46 -20.47 7.82
C SER A 267 -4.26 -21.35 8.81
N GLY A 268 -5.39 -21.84 8.29
CA GLY A 268 -6.43 -22.49 9.10
C GLY A 268 -6.19 -23.96 9.34
N LEU A 269 -5.47 -24.61 8.43
CA LEU A 269 -5.18 -26.03 8.56
C LEU A 269 -4.11 -26.28 9.63
N ARG A 270 -3.44 -25.21 10.05
CA ARG A 270 -2.37 -25.31 11.03
C ARG A 270 -1.35 -26.38 10.62
N ILE A 271 -0.48 -26.02 9.69
CA ILE A 271 0.54 -26.93 9.19
C ILE A 271 1.75 -26.18 8.66
N GLY A 272 2.87 -26.29 9.36
CA GLY A 272 4.08 -25.58 8.97
C GLY A 272 5.27 -26.48 9.30
N PHE A 273 6.46 -25.94 9.15
CA PHE A 273 7.57 -26.83 9.19
C PHE A 273 8.84 -26.20 9.73
N LEU A 274 9.62 -27.01 10.40
CA LEU A 274 10.78 -26.52 11.11
C LEU A 274 12.00 -27.32 10.63
N THR A 275 12.94 -26.63 9.99
CA THR A 275 14.20 -27.28 9.62
C THR A 275 15.43 -26.83 10.46
N GLY A 276 16.37 -27.76 10.68
CA GLY A 276 17.40 -27.57 11.74
C GLY A 276 18.22 -28.79 12.14
N PRO A 277 19.29 -28.57 12.98
CA PRO A 277 20.10 -29.70 13.42
C PRO A 277 19.31 -30.76 14.12
N LYS A 278 19.54 -32.01 13.70
CA LYS A 278 18.83 -33.16 14.21
C LYS A 278 18.66 -33.21 15.73
N PRO A 279 19.76 -33.01 16.51
CA PRO A 279 19.68 -33.15 17.95
C PRO A 279 18.74 -32.09 18.54
N LEU A 280 18.71 -30.93 17.87
CA LEU A 280 17.84 -29.88 18.23
C LEU A 280 16.37 -30.14 17.85
N ILE A 281 16.14 -30.63 16.63
CA ILE A 281 14.81 -30.99 16.18
C ILE A 281 14.26 -32.10 17.06
N GLU A 282 15.17 -32.99 17.44
CA GLU A 282 14.86 -34.10 18.32
C GLU A 282 14.23 -33.67 19.64
N ARG A 283 14.81 -32.68 20.32
CA ARG A 283 14.15 -32.11 21.52
C ARG A 283 12.74 -31.55 21.21
N VAL A 284 12.52 -31.11 19.98
CA VAL A 284 11.22 -30.51 19.63
C VAL A 284 10.14 -31.59 19.36
N ILE A 285 10.56 -32.66 18.71
CA ILE A 285 9.68 -33.74 18.36
C ILE A 285 9.27 -34.40 19.66
N LEU A 286 10.22 -34.52 20.60
CA LEU A 286 9.89 -35.18 21.86
C LEU A 286 8.94 -34.36 22.65
N HIS A 287 9.03 -33.03 22.58
CA HIS A 287 8.04 -32.14 23.22
C HIS A 287 6.68 -32.18 22.50
N ILE A 288 6.70 -32.24 21.18
CA ILE A 288 5.44 -32.48 20.43
C ILE A 288 4.71 -33.77 20.89
N GLN A 289 5.46 -34.77 21.34
CA GLN A 289 4.89 -36.13 21.57
C GLN A 289 4.02 -36.22 22.81
N VAL A 290 4.07 -35.22 23.67
CA VAL A 290 3.30 -35.22 24.92
C VAL A 290 2.39 -34.01 24.97
N SER A 291 2.54 -33.14 23.96
CA SER A 291 1.59 -32.06 23.65
C SER A 291 0.57 -32.37 22.53
N THR A 292 0.91 -32.13 21.27
CA THR A 292 -0.06 -32.23 20.19
C THR A 292 -0.12 -33.63 19.58
N LEU A 293 0.82 -34.51 19.98
CA LEU A 293 1.12 -35.80 19.28
C LEU A 293 1.66 -35.56 17.85
N HIS A 294 0.80 -35.02 16.99
CA HIS A 294 1.24 -34.62 15.64
C HIS A 294 0.34 -33.58 14.99
N PRO A 295 0.72 -33.10 13.77
CA PRO A 295 -0.20 -32.22 13.02
C PRO A 295 -1.38 -33.04 12.54
N SER A 296 -2.55 -32.45 12.43
CA SER A 296 -3.68 -33.20 11.89
C SER A 296 -3.28 -34.15 10.71
N THR A 297 -3.53 -35.44 10.82
CA THR A 297 -3.19 -36.39 9.73
C THR A 297 -3.96 -36.01 8.47
N PHE A 298 -5.27 -35.91 8.59
CA PHE A 298 -6.16 -35.37 7.55
C PHE A 298 -5.67 -34.20 6.74
N ASN A 299 -5.13 -33.19 7.43
CA ASN A 299 -4.70 -31.95 6.80
C ASN A 299 -3.36 -32.07 6.11
N GLN A 300 -2.45 -32.84 6.69
CA GLN A 300 -1.24 -33.19 5.97
C GLN A 300 -1.55 -33.97 4.66
N LEU A 301 -2.50 -34.87 4.71
CA LEU A 301 -2.83 -35.64 3.53
C LEU A 301 -3.41 -34.75 2.43
N MET A 302 -4.17 -33.75 2.83
CA MET A 302 -4.70 -32.74 1.92
C MET A 302 -3.57 -32.03 1.27
N ILE A 303 -2.65 -31.53 2.08
CA ILE A 303 -1.51 -30.78 1.58
C ILE A 303 -0.56 -31.61 0.76
N SER A 304 -0.19 -32.76 1.28
CA SER A 304 0.70 -33.67 0.59
C SER A 304 0.22 -34.00 -0.82
N GLN A 305 -0.99 -34.50 -0.95
CA GLN A 305 -1.51 -34.81 -2.28
C GLN A 305 -1.64 -33.58 -3.18
N LEU A 306 -1.73 -32.36 -2.61
CA LEU A 306 -1.69 -31.14 -3.42
C LEU A 306 -0.32 -30.90 -3.97
N LEU A 307 0.70 -31.13 -3.14
CA LEU A 307 2.09 -30.88 -3.47
C LEU A 307 2.69 -31.88 -4.44
N HIS A 308 2.42 -33.16 -4.22
CA HIS A 308 2.83 -34.23 -5.17
C HIS A 308 2.24 -34.13 -6.55
N GLU A 309 1.02 -33.60 -6.60
CA GLU A 309 0.26 -33.42 -7.84
C GLU A 309 0.70 -32.14 -8.60
N TRP A 310 0.95 -31.07 -7.84
CA TRP A 310 1.60 -29.91 -8.42
C TRP A 310 3.06 -30.21 -8.82
N GLY A 311 3.78 -30.88 -7.94
CA GLY A 311 5.21 -31.11 -8.16
C GLY A 311 5.93 -29.85 -7.71
N GLU A 312 7.26 -29.90 -7.69
CA GLU A 312 8.06 -28.74 -7.39
C GLU A 312 7.66 -27.54 -8.26
N GLU A 313 7.76 -27.71 -9.58
CA GLU A 313 7.05 -26.87 -10.51
C GLU A 313 5.54 -27.06 -10.38
N GLY A 314 4.82 -25.95 -10.24
CA GLY A 314 3.41 -25.99 -9.89
C GLY A 314 3.15 -25.48 -8.48
N PHE A 315 3.97 -25.92 -7.54
CA PHE A 315 4.12 -25.23 -6.29
C PHE A 315 4.58 -23.83 -6.61
N MET A 316 5.59 -23.74 -7.46
CA MET A 316 6.22 -22.47 -7.69
C MET A 316 5.34 -21.55 -8.53
N ALA A 317 4.74 -22.08 -9.58
CA ALA A 317 3.75 -21.33 -10.32
C ALA A 317 2.66 -20.74 -9.39
N HIS A 318 2.29 -21.46 -8.35
CA HIS A 318 1.40 -20.97 -7.33
C HIS A 318 1.96 -19.80 -6.55
N VAL A 319 3.17 -19.95 -6.00
CA VAL A 319 3.72 -18.89 -5.18
C VAL A 319 4.03 -17.63 -5.96
N ASP A 320 4.41 -17.80 -7.22
CA ASP A 320 4.43 -16.69 -8.16
C ASP A 320 3.05 -16.03 -8.27
N ARG A 321 2.03 -16.85 -8.48
CA ARG A 321 0.66 -16.36 -8.60
C ARG A 321 0.28 -15.47 -7.43
N VAL A 322 0.73 -15.83 -6.23
CA VAL A 322 0.34 -15.09 -5.05
C VAL A 322 1.28 -13.96 -4.66
N ILE A 323 2.55 -14.07 -5.04
CA ILE A 323 3.44 -12.94 -4.96
C ILE A 323 2.93 -11.85 -5.87
N ASP A 324 2.34 -12.26 -6.98
CA ASP A 324 1.91 -11.28 -7.99
C ASP A 324 0.75 -10.60 -7.43
N PHE A 325 -0.12 -11.37 -6.78
CA PHE A 325 -1.28 -10.76 -6.15
C PHE A 325 -0.82 -9.79 -5.05
N TYR A 326 -0.13 -10.34 -4.06
CA TYR A 326 0.46 -9.48 -3.00
C TYR A 326 1.24 -8.25 -3.51
N SER A 327 2.03 -8.42 -4.58
CA SER A 327 2.71 -7.26 -5.21
C SER A 327 1.81 -6.16 -5.73
N ASN A 328 0.80 -6.50 -6.54
CA ASN A 328 -0.18 -5.52 -6.96
C ASN A 328 -0.82 -4.83 -5.73
N GLN A 329 -1.23 -5.60 -4.72
CA GLN A 329 -1.85 -4.99 -3.49
C GLN A 329 -0.99 -3.94 -2.87
N LYS A 330 0.30 -4.21 -2.72
CA LYS A 330 1.23 -3.27 -2.10
C LYS A 330 1.56 -2.13 -3.05
N ASP A 331 1.60 -2.43 -4.34
CA ASP A 331 1.53 -1.42 -5.37
C ASP A 331 0.38 -0.45 -5.11
N ALA A 332 -0.82 -1.00 -4.91
CA ALA A 332 -2.00 -0.19 -4.68
C ALA A 332 -1.87 0.62 -3.40
N ILE A 333 -1.36 -0.02 -2.35
CA ILE A 333 -1.15 0.67 -1.05
C ILE A 333 -0.07 1.74 -1.12
N LEU A 334 0.93 1.56 -1.97
CA LEU A 334 1.95 2.59 -1.97
C LEU A 334 1.42 3.83 -2.70
N ALA A 335 0.78 3.58 -3.85
CA ALA A 335 0.04 4.55 -4.65
C ALA A 335 -0.78 5.51 -3.82
N ALA A 336 -1.53 4.99 -2.86
CA ALA A 336 -2.46 5.73 -2.05
C ALA A 336 -1.78 6.43 -0.95
N ALA A 337 -0.69 5.83 -0.45
CA ALA A 337 0.11 6.53 0.53
C ALA A 337 0.74 7.71 -0.17
N ASP A 338 1.34 7.51 -1.35
CA ASP A 338 1.88 8.61 -2.11
C ASP A 338 0.84 9.71 -2.23
N LYS A 339 -0.42 9.33 -2.43
CA LYS A 339 -1.46 10.28 -2.81
C LYS A 339 -1.79 11.22 -1.65
N TRP A 340 -1.97 10.65 -0.47
CA TRP A 340 -2.62 11.36 0.62
C TRP A 340 -1.63 11.71 1.73
N LEU A 341 -0.50 11.01 1.73
CA LEU A 341 0.36 10.93 2.92
C LEU A 341 1.66 11.69 2.71
N THR A 342 1.91 12.11 1.48
CA THR A 342 3.11 12.89 1.16
C THR A 342 3.32 14.17 1.99
N GLY A 343 4.46 14.13 2.72
CA GLY A 343 4.88 15.19 3.62
C GLY A 343 4.25 15.07 4.98
N LEU A 344 3.38 14.08 5.21
CA LEU A 344 2.74 13.88 6.50
C LEU A 344 3.31 12.68 7.21
N ALA A 345 4.08 11.91 6.46
CA ALA A 345 4.49 10.60 6.95
C ALA A 345 5.64 10.10 6.15
N GLU A 346 6.34 9.12 6.65
CA GLU A 346 7.32 8.45 5.82
C GLU A 346 7.38 6.93 6.09
N TRP A 347 7.90 6.19 5.11
CA TRP A 347 7.73 4.75 5.03
C TRP A 347 8.64 4.24 3.98
N HIS A 348 9.08 3.00 4.16
CA HIS A 348 9.79 2.25 3.12
C HIS A 348 8.87 1.32 2.41
N VAL A 349 9.19 1.09 1.12
CA VAL A 349 8.57 0.08 0.30
C VAL A 349 8.75 -1.32 0.95
N PRO A 350 7.66 -2.00 1.32
CA PRO A 350 7.92 -3.35 1.87
C PRO A 350 8.61 -4.25 0.84
N ALA A 351 9.61 -4.98 1.30
CA ALA A 351 10.35 -5.91 0.45
C ALA A 351 9.61 -7.24 0.26
N ALA A 352 8.69 -7.54 1.18
CA ALA A 352 7.99 -8.86 1.22
C ALA A 352 6.84 -8.80 2.22
N GLY A 353 5.96 -9.79 2.16
CA GLY A 353 4.99 -9.90 3.22
C GLY A 353 3.76 -9.15 2.86
N MET A 354 2.93 -8.87 3.86
CA MET A 354 1.67 -8.15 3.60
C MET A 354 1.52 -6.86 4.42
N PHE A 355 2.62 -6.30 4.92
CA PHE A 355 2.50 -5.12 5.77
C PHE A 355 3.22 -3.88 5.27
N LEU A 356 2.68 -2.72 5.62
CA LEU A 356 3.36 -1.46 5.42
C LEU A 356 3.47 -0.68 6.73
N TRP A 357 4.64 -0.08 6.95
CA TRP A 357 5.01 0.46 8.25
C TRP A 357 5.26 1.92 8.06
N ILE A 358 4.34 2.71 8.61
CA ILE A 358 4.24 4.13 8.25
C ILE A 358 4.54 4.98 9.48
N LYS A 359 5.50 5.88 9.35
CA LYS A 359 5.91 6.72 10.47
C LYS A 359 5.37 8.13 10.33
N VAL A 360 4.38 8.48 11.14
CA VAL A 360 3.64 9.71 10.97
C VAL A 360 4.36 10.89 11.62
N LYS A 361 4.49 11.99 10.88
CA LYS A 361 5.33 13.10 11.30
C LYS A 361 4.65 13.95 12.37
N GLY A 362 5.43 14.39 13.34
CA GLY A 362 4.93 15.32 14.35
C GLY A 362 3.75 14.90 15.19
N ILE A 363 3.62 13.60 15.48
CA ILE A 363 2.72 13.06 16.51
C ILE A 363 3.54 12.07 17.31
N ASN A 364 3.68 12.26 18.63
CA ASN A 364 4.60 11.35 19.39
C ASN A 364 4.05 9.92 19.58
N ASP A 365 2.74 9.85 19.84
CA ASP A 365 2.04 8.59 19.94
C ASP A 365 0.79 8.54 19.09
N VAL A 366 0.71 7.48 18.31
CA VAL A 366 -0.39 7.26 17.39
C VAL A 366 -1.61 6.50 17.99
N LYS A 367 -1.55 6.15 19.28
CA LYS A 367 -2.65 5.44 19.94
C LYS A 367 -3.95 6.24 20.02
N GLU A 368 -3.90 7.51 20.42
CA GLU A 368 -5.08 8.40 20.36
C GLU A 368 -5.58 8.53 18.92
N LEU A 369 -4.65 8.78 18.01
CA LEU A 369 -5.00 9.06 16.64
C LEU A 369 -5.85 7.90 16.12
N ILE A 370 -5.37 6.67 16.33
CA ILE A 370 -6.14 5.51 15.92
C ILE A 370 -7.29 5.15 16.86
N GLU A 371 -6.98 4.81 18.11
CA GLU A 371 -8.02 4.30 19.03
C GLU A 371 -9.14 5.31 19.37
N GLU A 372 -9.01 6.58 19.02
CA GLU A 372 -10.12 7.52 19.27
C GLU A 372 -10.69 8.12 18.01
N LYS A 373 -9.86 8.92 17.33
CA LYS A 373 -10.26 9.58 16.09
C LYS A 373 -10.51 8.62 14.91
N ALA A 374 -9.52 7.80 14.56
CA ALA A 374 -9.66 6.97 13.38
C ALA A 374 -10.90 6.10 13.44
N VAL A 375 -11.02 5.27 14.45
CA VAL A 375 -12.18 4.42 14.61
C VAL A 375 -13.45 5.21 14.38
N LYS A 376 -13.59 6.31 15.09
CA LYS A 376 -14.84 7.10 14.97
C LYS A 376 -15.22 7.41 13.49
N MET A 377 -14.19 7.74 12.69
CA MET A 377 -14.34 8.00 11.28
C MET A 377 -14.40 6.71 10.38
N GLY A 378 -14.49 5.54 11.01
CA GLY A 378 -14.66 4.29 10.27
C GLY A 378 -13.38 3.73 9.67
N VAL A 379 -12.24 4.19 10.18
CA VAL A 379 -10.97 3.78 9.60
C VAL A 379 -10.06 3.18 10.68
N LEU A 380 -9.33 2.12 10.32
CA LEU A 380 -8.48 1.42 11.29
C LEU A 380 -7.12 1.00 10.77
N MET A 381 -6.08 1.34 11.55
CA MET A 381 -4.74 0.81 11.38
C MET A 381 -4.09 0.45 12.73
N LEU A 382 -3.03 -0.34 12.69
CA LEU A 382 -2.57 -0.95 13.89
C LEU A 382 -1.41 -0.16 14.47
N PRO A 383 -1.59 0.44 15.67
CA PRO A 383 -0.49 1.21 16.35
C PRO A 383 0.73 0.34 16.64
N GLY A 384 1.91 0.91 16.42
CA GLY A 384 3.18 0.20 16.59
C GLY A 384 3.54 -0.28 17.98
N ASN A 385 2.92 0.32 19.01
CA ASN A 385 3.33 0.05 20.40
C ASN A 385 3.76 -1.36 20.70
N ALA A 386 2.96 -2.30 20.20
CA ALA A 386 3.00 -3.69 20.55
C ALA A 386 4.20 -4.42 20.02
N PHE A 387 4.92 -3.81 19.08
CA PHE A 387 6.04 -4.52 18.44
C PHE A 387 7.44 -4.20 19.08
N TYR A 388 7.43 -3.70 20.31
CA TYR A 388 8.66 -3.42 21.03
C TYR A 388 8.52 -4.06 22.39
N VAL A 389 9.67 -4.39 22.99
CA VAL A 389 9.71 -4.97 24.33
C VAL A 389 8.97 -4.02 25.22
N ASP A 390 9.35 -2.74 25.19
CA ASP A 390 8.65 -1.78 26.03
C ASP A 390 7.45 -1.22 25.27
N SER A 391 6.28 -1.79 25.53
CA SER A 391 5.13 -1.48 24.71
C SER A 391 4.34 -0.31 25.27
N SER A 392 4.82 0.28 26.36
CA SER A 392 4.09 1.39 26.89
C SER A 392 4.70 2.66 26.35
N ALA A 393 5.83 2.50 25.64
CA ALA A 393 6.54 3.62 25.03
C ALA A 393 5.70 4.23 23.92
N PRO A 394 5.72 5.58 23.80
CA PRO A 394 5.09 6.26 22.67
C PRO A 394 5.56 5.63 21.37
N SER A 395 4.65 5.45 20.40
CA SER A 395 5.09 5.05 19.07
C SER A 395 4.42 5.85 17.98
N PRO A 396 5.23 6.49 17.13
CA PRO A 396 4.62 7.25 16.09
C PRO A 396 4.32 6.38 14.84
N TYR A 397 4.42 5.06 14.98
CA TYR A 397 4.32 4.16 13.83
C TYR A 397 2.96 3.42 13.73
N LEU A 398 2.53 3.21 12.49
CA LEU A 398 1.32 2.45 12.15
C LEU A 398 1.65 1.20 11.37
N ARG A 399 1.03 0.10 11.72
CA ARG A 399 1.06 -1.07 10.82
C ARG A 399 -0.22 -1.08 10.01
N ALA A 400 -0.06 -1.19 8.68
CA ALA A 400 -1.19 -1.25 7.74
C ALA A 400 -1.18 -2.55 6.84
N SER A 401 -2.28 -3.26 6.72
CA SER A 401 -2.24 -4.50 5.88
C SER A 401 -2.80 -4.35 4.50
N PHE A 402 -1.94 -4.64 3.56
CA PHE A 402 -2.35 -4.65 2.24
C PHE A 402 -2.84 -5.98 1.76
N SER A 403 -3.20 -6.90 2.64
CA SER A 403 -3.58 -8.25 2.15
C SER A 403 -4.98 -8.44 1.47
N SER A 404 -5.96 -7.60 1.84
CA SER A 404 -7.37 -7.76 1.48
C SER A 404 -8.06 -6.55 0.88
N ALA A 405 -7.72 -5.37 1.41
CA ALA A 405 -8.44 -4.14 1.08
C ALA A 405 -8.36 -3.96 -0.40
N SER A 406 -9.35 -3.28 -0.97
CA SER A 406 -9.34 -2.98 -2.40
C SER A 406 -8.67 -1.62 -2.62
N PRO A 407 -8.16 -1.33 -3.87
CA PRO A 407 -7.72 -0.01 -4.18
C PRO A 407 -8.67 1.08 -3.68
N GLU A 408 -9.99 0.94 -3.87
CA GLU A 408 -10.94 1.92 -3.33
C GLU A 408 -10.87 2.06 -1.80
N GLN A 409 -10.93 0.95 -1.07
CA GLN A 409 -10.93 1.03 0.41
C GLN A 409 -9.65 1.63 0.98
N MET A 410 -8.51 1.34 0.36
CA MET A 410 -7.23 2.03 0.66
C MET A 410 -7.23 3.55 0.36
N ASP A 411 -7.89 3.93 -0.75
CA ASP A 411 -8.05 5.38 -1.09
C ASP A 411 -8.70 6.12 0.06
N VAL A 412 -9.80 5.55 0.56
CA VAL A 412 -10.59 6.16 1.64
C VAL A 412 -9.91 6.04 3.00
N ALA A 413 -9.35 4.86 3.29
CA ALA A 413 -8.50 4.68 4.48
C ALA A 413 -7.49 5.80 4.66
N PHE A 414 -6.72 6.07 3.62
CA PHE A 414 -5.64 7.03 3.70
C PHE A 414 -6.05 8.49 3.71
N GLN A 415 -6.99 8.83 2.84
CA GLN A 415 -7.44 10.20 2.79
C GLN A 415 -7.96 10.58 4.14
N VAL A 416 -8.69 9.64 4.74
CA VAL A 416 -9.29 9.82 6.07
C VAL A 416 -8.23 9.91 7.16
N LEU A 417 -7.20 9.09 7.04
CA LEU A 417 -6.11 9.04 7.99
C LEU A 417 -5.29 10.31 7.94
N ALA A 418 -4.91 10.73 6.73
CA ALA A 418 -4.19 12.01 6.53
C ALA A 418 -5.03 13.18 7.03
N GLN A 419 -6.34 13.16 6.74
CA GLN A 419 -7.22 14.23 7.27
C GLN A 419 -6.99 14.48 8.76
N LEU A 420 -6.98 13.39 9.55
CA LEU A 420 -7.00 13.41 11.01
C LEU A 420 -5.62 13.64 11.56
N ILE A 421 -4.60 13.19 10.84
CA ILE A 421 -3.24 13.55 11.16
C ILE A 421 -3.05 15.07 11.09
N LYS A 422 -3.61 15.68 10.07
CA LYS A 422 -3.54 17.12 9.97
C LYS A 422 -4.42 17.82 11.03
N GLU A 423 -5.49 17.17 11.49
CA GLU A 423 -6.25 17.71 12.60
C GLU A 423 -5.52 17.62 13.94
N SER A 424 -4.62 16.64 14.06
CA SER A 424 -3.98 16.41 15.32
C SER A 424 -2.65 17.14 15.45
N LEU A 425 -2.21 17.78 14.37
CA LEU A 425 -0.98 18.57 14.46
C LEU A 425 -1.22 19.91 15.16
N MET B 1 -10.91 -20.19 47.37
CA MET B 1 -9.99 -20.88 46.40
C MET B 1 -8.96 -19.95 45.71
N ASN B 2 -7.69 -20.15 46.05
CA ASN B 2 -6.59 -19.28 45.63
C ASN B 2 -5.88 -19.94 44.49
N TYR B 3 -5.75 -19.22 43.39
CA TYR B 3 -5.32 -19.91 42.19
C TYR B 3 -3.91 -19.69 41.90
N ALA B 4 -3.44 -18.55 42.39
CA ALA B 4 -2.05 -18.19 42.29
C ALA B 4 -1.13 -19.36 42.66
N ARG B 5 -1.47 -20.16 43.69
CA ARG B 5 -0.53 -21.27 44.06
C ARG B 5 -0.37 -22.29 42.94
N PHE B 6 -1.31 -22.32 41.99
CA PHE B 6 -1.31 -23.31 40.92
C PHE B 6 -0.90 -22.76 39.55
N ILE B 7 -0.17 -21.65 39.57
CA ILE B 7 0.22 -20.97 38.35
C ILE B 7 1.68 -20.55 38.39
N THR B 8 2.53 -21.30 37.67
CA THR B 8 3.96 -21.01 37.63
C THR B 8 4.21 -19.51 37.45
N ALA B 9 5.32 -19.04 37.99
CA ALA B 9 5.81 -17.70 37.68
C ALA B 9 5.69 -17.41 36.19
N ALA B 10 6.31 -18.24 35.37
CA ALA B 10 6.20 -18.12 33.90
C ALA B 10 4.75 -18.01 33.40
N SER B 11 3.90 -18.91 33.84
CA SER B 11 2.49 -18.93 33.41
C SER B 11 1.67 -17.66 33.74
N ALA B 12 1.84 -17.14 34.95
CA ALA B 12 1.34 -15.87 35.35
C ALA B 12 1.74 -14.65 34.55
N ALA B 13 2.89 -14.70 33.94
CA ALA B 13 3.47 -13.60 33.28
C ALA B 13 3.11 -13.56 31.83
N ARG B 14 2.30 -14.49 31.39
CA ARG B 14 1.81 -14.49 30.03
C ARG B 14 0.80 -13.43 29.84
N ASN B 15 0.90 -12.70 28.76
CA ASN B 15 -0.14 -11.76 28.41
C ASN B 15 -0.74 -12.23 27.14
N PRO B 16 -1.93 -11.71 26.81
CA PRO B 16 -2.71 -12.22 25.68
C PRO B 16 -2.12 -11.79 24.35
N SER B 17 -1.91 -12.76 23.45
CA SER B 17 -1.27 -12.48 22.16
C SER B 17 -2.12 -12.99 21.01
N PRO B 18 -3.15 -12.22 20.68
CA PRO B 18 -4.28 -12.74 19.91
C PRO B 18 -4.11 -12.55 18.41
N ILE B 19 -4.82 -13.34 17.61
CA ILE B 19 -5.45 -12.83 16.40
C ILE B 19 -6.93 -12.57 16.60
N ARG B 20 -7.24 -11.63 17.49
CA ARG B 20 -7.50 -10.26 17.08
C ARG B 20 -6.89 -10.00 15.70
N GLY B 29 -17.28 3.13 17.58
CA GLY B 29 -17.18 2.36 16.36
C GLY B 29 -18.36 2.44 15.40
N PRO B 30 -18.22 3.26 14.36
CA PRO B 30 -19.13 3.24 13.23
C PRO B 30 -19.07 1.91 12.47
N LYS B 31 -19.71 1.86 11.31
CA LYS B 31 -20.64 0.79 10.98
C LYS B 31 -20.16 -0.02 9.78
N SER B 32 -19.97 0.66 8.66
CA SER B 32 -18.90 0.33 7.72
C SER B 32 -17.56 0.90 8.20
N MET B 33 -16.48 0.26 7.81
CA MET B 33 -15.35 0.04 8.71
C MET B 33 -14.31 -0.61 7.80
N ILE B 34 -13.09 -0.05 7.81
CA ILE B 34 -12.14 -0.28 6.73
C ILE B 34 -10.81 -0.68 7.38
N SER B 35 -10.73 -1.92 7.84
CA SER B 35 -9.64 -2.35 8.70
C SER B 35 -8.39 -2.69 7.90
N LEU B 36 -7.32 -1.94 8.14
CA LEU B 36 -5.98 -2.38 7.75
C LEU B 36 -5.18 -2.84 8.97
N ALA B 37 -5.89 -3.12 10.06
CA ALA B 37 -5.24 -3.27 11.36
C ALA B 37 -4.84 -4.71 11.62
N GLY B 38 -5.57 -5.64 11.00
CA GLY B 38 -5.46 -7.05 11.35
C GLY B 38 -4.37 -7.75 10.56
N GLY B 39 -4.17 -9.04 10.85
CA GLY B 39 -2.97 -9.79 10.35
C GLY B 39 -3.24 -10.90 9.33
N LEU B 40 -4.52 -11.28 9.19
CA LEU B 40 -4.91 -12.39 8.35
C LEU B 40 -4.40 -12.34 6.91
N PRO B 41 -3.89 -13.46 6.40
CA PRO B 41 -3.60 -13.45 4.97
C PRO B 41 -4.91 -13.36 4.18
N ASN B 42 -4.78 -13.09 2.88
CA ASN B 42 -5.95 -13.12 2.04
C ASN B 42 -6.33 -14.58 1.71
N PRO B 43 -7.53 -15.01 2.14
CA PRO B 43 -7.84 -16.44 2.00
C PRO B 43 -8.24 -16.85 0.56
N ASN B 44 -8.14 -15.95 -0.41
CA ASN B 44 -8.58 -16.27 -1.78
C ASN B 44 -7.48 -16.94 -2.51
N MET B 45 -6.30 -16.79 -1.93
CA MET B 45 -5.07 -17.29 -2.49
C MET B 45 -4.91 -18.79 -2.38
N PHE B 46 -5.66 -19.39 -1.44
CA PHE B 46 -5.49 -20.75 -1.01
C PHE B 46 -6.18 -21.66 -2.01
N PRO B 47 -5.63 -22.88 -2.24
CA PRO B 47 -5.96 -23.67 -3.43
C PRO B 47 -7.28 -24.43 -3.31
N PHE B 48 -7.62 -24.90 -2.12
CA PHE B 48 -8.79 -25.72 -1.93
C PHE B 48 -9.99 -24.79 -1.98
N LYS B 49 -11.01 -25.16 -2.72
CA LYS B 49 -12.12 -24.25 -2.89
C LYS B 49 -13.40 -24.80 -2.27
N THR B 50 -13.54 -26.15 -2.24
CA THR B 50 -14.77 -26.79 -1.70
C THR B 50 -14.55 -28.17 -1.20
N ALA B 51 -15.43 -28.64 -0.33
CA ALA B 51 -15.38 -30.03 0.14
C ALA B 51 -16.75 -30.66 0.43
N VAL B 52 -16.79 -31.98 0.25
CA VAL B 52 -17.92 -32.78 0.61
C VAL B 52 -17.36 -33.95 1.37
N ILE B 53 -17.95 -34.24 2.51
CA ILE B 53 -17.47 -35.31 3.34
C ILE B 53 -18.64 -36.16 3.74
N THR B 54 -18.60 -37.44 3.38
CA THR B 54 -19.74 -38.27 3.66
C THR B 54 -19.59 -38.82 5.04
N VAL B 55 -20.72 -38.97 5.69
CA VAL B 55 -20.86 -39.44 7.03
C VAL B 55 -21.70 -40.68 7.00
N GLU B 56 -21.24 -41.75 7.65
CA GLU B 56 -22.11 -42.84 8.06
C GLU B 56 -23.14 -42.25 9.05
N ASN B 57 -24.41 -42.62 8.90
CA ASN B 57 -25.45 -42.29 9.91
C ASN B 57 -25.74 -40.78 10.01
N GLY B 58 -25.53 -40.08 8.89
CA GLY B 58 -25.54 -38.63 8.90
C GLY B 58 -25.73 -38.08 7.52
N LYS B 59 -25.92 -36.76 7.50
CA LYS B 59 -26.13 -35.98 6.30
C LYS B 59 -24.73 -35.60 5.90
N THR B 60 -24.45 -35.56 4.59
CA THR B 60 -23.09 -35.21 4.17
C THR B 60 -22.74 -33.76 4.57
N ILE B 61 -21.44 -33.51 4.74
CA ILE B 61 -21.00 -32.22 5.20
C ILE B 61 -20.49 -31.46 3.98
N GLN B 62 -20.96 -30.24 3.78
CA GLN B 62 -20.53 -29.48 2.63
C GLN B 62 -19.80 -28.23 3.08
N PHE B 63 -18.57 -28.00 2.60
CA PHE B 63 -17.97 -26.66 2.64
C PHE B 63 -18.12 -25.99 1.28
N GLY B 64 -19.06 -25.05 1.21
CA GLY B 64 -19.23 -24.19 0.03
C GLY B 64 -18.05 -23.26 -0.05
N GLU B 65 -17.95 -22.53 -1.14
CA GLU B 65 -16.75 -21.74 -1.37
C GLU B 65 -16.49 -20.75 -0.23
N GLU B 66 -17.51 -19.97 0.11
CA GLU B 66 -17.40 -19.09 1.28
C GLU B 66 -16.96 -19.77 2.61
N MET B 67 -17.45 -20.98 2.87
CA MET B 67 -17.24 -21.69 4.15
C MET B 67 -15.80 -22.24 4.20
N MET B 68 -15.33 -22.63 3.02
CA MET B 68 -14.02 -23.16 2.83
C MET B 68 -12.97 -22.09 3.08
N LYS B 69 -13.19 -20.88 2.59
CA LYS B 69 -12.27 -19.83 2.94
C LYS B 69 -12.22 -19.69 4.46
N ARG B 70 -13.36 -19.82 5.14
CA ARG B 70 -13.35 -19.67 6.56
C ARG B 70 -12.53 -20.80 7.13
N ALA B 71 -12.62 -21.99 6.48
CA ALA B 71 -11.95 -23.22 7.01
C ALA B 71 -10.45 -23.20 6.82
N LEU B 72 -10.02 -22.36 5.88
CA LEU B 72 -8.62 -22.31 5.49
C LEU B 72 -7.87 -21.17 6.24
N GLN B 73 -8.68 -20.41 7.02
CA GLN B 73 -8.30 -19.14 7.59
C GLN B 73 -8.06 -19.27 9.13
N TYR B 74 -7.25 -18.37 9.67
CA TYR B 74 -7.17 -18.24 11.09
C TYR B 74 -8.60 -18.21 11.74
N SER B 75 -8.75 -18.96 12.84
CA SER B 75 -9.93 -18.84 13.68
C SER B 75 -9.57 -18.56 15.21
N PRO B 76 -10.57 -18.34 16.07
CA PRO B 76 -10.21 -17.91 17.43
C PRO B 76 -9.40 -18.98 18.19
N SER B 77 -8.55 -18.52 19.14
CA SER B 77 -7.66 -19.31 20.00
C SER B 77 -8.29 -20.48 20.77
N ALA B 78 -9.43 -20.17 21.39
CA ALA B 78 -10.09 -21.15 22.22
C ALA B 78 -10.94 -22.13 21.46
N GLY B 79 -11.01 -21.99 20.13
CA GLY B 79 -11.92 -22.78 19.27
C GLY B 79 -13.06 -22.00 18.58
N ILE B 80 -13.65 -22.58 17.56
CA ILE B 80 -14.78 -21.85 16.92
C ILE B 80 -16.00 -21.81 17.83
N PRO B 81 -16.76 -20.69 17.78
CA PRO B 81 -17.82 -20.47 18.79
C PRO B 81 -18.97 -21.45 18.74
N GLU B 82 -19.29 -21.96 17.54
CA GLU B 82 -20.30 -23.00 17.43
C GLU B 82 -19.87 -24.34 18.07
N LEU B 83 -18.58 -24.64 18.01
CA LEU B 83 -18.10 -25.86 18.67
C LEU B 83 -17.90 -25.55 20.16
N LEU B 84 -17.48 -24.33 20.45
CA LEU B 84 -17.32 -23.96 21.83
C LEU B 84 -18.65 -23.99 22.57
N SER B 85 -19.67 -23.37 21.99
CA SER B 85 -20.97 -23.33 22.66
C SER B 85 -21.52 -24.74 22.83
N TRP B 86 -21.43 -25.55 21.77
CA TRP B 86 -21.92 -26.95 21.76
C TRP B 86 -21.21 -27.84 22.75
N LEU B 87 -19.89 -27.72 22.87
CA LEU B 87 -19.20 -28.51 23.94
C LEU B 87 -19.54 -28.05 25.38
N LYS B 88 -19.55 -26.73 25.60
CA LYS B 88 -19.97 -26.13 26.89
C LYS B 88 -21.34 -26.68 27.26
N GLN B 89 -22.27 -26.61 26.30
CA GLN B 89 -23.59 -27.14 26.44
C GLN B 89 -23.67 -28.68 26.65
N LEU B 90 -22.84 -29.43 25.92
CA LEU B 90 -22.59 -30.81 26.30
C LEU B 90 -22.17 -30.92 27.76
N GLN B 91 -21.26 -30.05 28.21
CA GLN B 91 -20.72 -30.23 29.54
C GLN B 91 -21.76 -29.87 30.58
N ILE B 92 -22.50 -28.77 30.37
CA ILE B 92 -23.72 -28.54 31.17
C ILE B 92 -24.75 -29.73 31.16
N LYS B 93 -24.95 -30.40 30.04
CA LYS B 93 -25.91 -31.50 30.03
C LYS B 93 -25.44 -32.81 30.66
N LEU B 94 -24.15 -33.06 30.67
CA LEU B 94 -23.61 -34.34 31.06
C LEU B 94 -23.29 -34.32 32.52
N HIS B 95 -22.93 -33.14 33.02
CA HIS B 95 -22.17 -33.03 34.26
C HIS B 95 -22.76 -31.95 35.17
N ASN B 96 -23.48 -31.01 34.57
CA ASN B 96 -24.00 -29.86 35.30
C ASN B 96 -23.07 -29.44 36.44
N PRO B 97 -21.92 -28.89 36.08
CA PRO B 97 -20.89 -28.53 37.05
C PRO B 97 -21.40 -27.48 38.05
N PRO B 98 -21.21 -27.73 39.33
CA PRO B 98 -21.67 -26.81 40.38
C PRO B 98 -21.24 -25.39 40.11
N THR B 99 -20.19 -25.22 39.30
CA THR B 99 -19.55 -23.92 39.14
C THR B 99 -19.97 -23.08 37.95
N ILE B 100 -20.87 -23.54 37.09
CA ILE B 100 -21.11 -22.81 35.82
C ILE B 100 -21.55 -21.33 35.97
N HIS B 101 -22.24 -21.01 37.05
CA HIS B 101 -22.74 -19.64 37.22
C HIS B 101 -21.96 -18.85 38.23
N TYR B 102 -20.85 -19.40 38.74
CA TYR B 102 -19.93 -18.67 39.61
C TYR B 102 -19.25 -17.50 38.90
N PRO B 103 -18.85 -16.46 39.66
CA PRO B 103 -17.88 -15.47 39.24
C PRO B 103 -16.61 -15.97 38.48
N PRO B 104 -16.26 -15.29 37.38
CA PRO B 104 -15.04 -15.63 36.62
C PRO B 104 -13.77 -15.90 37.46
N SER B 105 -13.52 -15.05 38.45
CA SER B 105 -12.29 -15.10 39.26
C SER B 105 -12.35 -16.12 40.40
N GLN B 106 -13.56 -16.44 40.82
CA GLN B 106 -13.85 -17.70 41.49
C GLN B 106 -13.81 -18.70 40.37
N GLY B 107 -14.19 -19.94 40.51
CA GLY B 107 -13.94 -20.80 39.34
C GLY B 107 -14.99 -20.89 38.22
N GLN B 108 -15.41 -19.80 37.60
CA GLN B 108 -16.42 -20.03 36.58
C GLN B 108 -15.93 -21.07 35.54
N MET B 109 -16.84 -21.96 35.16
CA MET B 109 -16.50 -23.09 34.32
C MET B 109 -16.20 -22.45 33.00
N ASP B 110 -15.08 -22.84 32.41
CA ASP B 110 -14.76 -22.40 31.10
C ASP B 110 -14.19 -23.61 30.35
N LEU B 111 -14.26 -23.55 29.00
CA LEU B 111 -13.81 -24.58 28.07
C LEU B 111 -13.02 -24.03 26.88
N CYS B 112 -12.01 -24.78 26.47
CA CYS B 112 -11.11 -24.48 25.38
C CYS B 112 -11.00 -25.73 24.50
N VAL B 113 -11.36 -25.61 23.22
CA VAL B 113 -11.03 -26.63 22.24
C VAL B 113 -9.52 -26.61 22.08
N THR B 114 -8.91 -27.81 22.13
CA THR B 114 -7.45 -28.03 22.09
C THR B 114 -7.09 -29.06 20.98
N SER B 115 -5.85 -28.98 20.50
CA SER B 115 -5.39 -29.85 19.43
C SER B 115 -5.12 -31.26 19.92
N GLY B 116 -6.17 -32.06 20.01
CA GLY B 116 -6.15 -33.26 20.85
C GLY B 116 -6.04 -32.93 22.32
N SER B 117 -6.52 -33.83 23.16
CA SER B 117 -6.75 -33.53 24.56
C SER B 117 -5.46 -33.58 25.37
N GLN B 118 -4.40 -34.10 24.75
CA GLN B 118 -3.12 -34.21 25.39
C GLN B 118 -2.36 -32.87 25.31
N GLN B 119 -2.75 -32.05 24.32
CA GLN B 119 -2.22 -30.70 24.18
C GLN B 119 -2.58 -29.91 25.40
N GLY B 120 -3.88 -29.90 25.74
CA GLY B 120 -4.39 -29.22 26.92
C GLY B 120 -3.76 -29.73 28.20
N LEU B 121 -3.67 -31.05 28.32
CA LEU B 121 -3.15 -31.67 29.52
C LEU B 121 -1.67 -31.29 29.80
N CYS B 122 -0.90 -31.17 28.74
CA CYS B 122 0.51 -30.88 28.84
C CYS B 122 0.64 -29.46 29.32
N LYS B 123 -0.09 -28.57 28.65
CA LYS B 123 -0.07 -27.17 28.96
C LYS B 123 -0.55 -26.89 30.38
N VAL B 124 -1.27 -27.88 30.92
CA VAL B 124 -1.73 -27.80 32.27
C VAL B 124 -0.63 -28.18 33.31
N PHE B 125 0.15 -29.24 33.02
CA PHE B 125 1.29 -29.57 33.82
C PHE B 125 2.32 -28.43 33.86
N GLU B 126 2.57 -27.84 32.69
CA GLU B 126 3.57 -26.78 32.49
C GLU B 126 3.16 -25.56 33.27
N MET B 127 1.84 -25.38 33.38
CA MET B 127 1.27 -24.23 34.08
C MET B 127 1.43 -24.38 35.60
N ILE B 128 1.34 -25.62 36.06
CA ILE B 128 1.25 -25.87 37.50
C ILE B 128 2.64 -26.05 38.12
N ILE B 129 3.44 -26.91 37.51
CA ILE B 129 4.54 -27.58 38.16
C ILE B 129 5.80 -26.79 38.24
N ASN B 130 6.20 -26.42 39.44
CA ASN B 130 7.61 -26.01 39.67
C ASN B 130 8.52 -27.20 39.94
N PRO B 131 9.82 -27.12 39.55
CA PRO B 131 10.65 -28.29 39.95
C PRO B 131 10.62 -28.53 41.46
N GLY B 132 10.64 -29.78 41.91
CA GLY B 132 10.56 -30.06 43.35
C GLY B 132 9.12 -30.24 43.83
N ASP B 133 8.16 -29.88 42.99
CA ASP B 133 6.74 -30.04 43.33
C ASP B 133 6.34 -31.49 43.54
N ASN B 134 5.41 -31.71 44.45
CA ASN B 134 4.86 -33.05 44.67
C ASN B 134 3.50 -33.22 43.98
N VAL B 135 3.33 -34.37 43.33
CA VAL B 135 2.10 -34.73 42.61
C VAL B 135 1.63 -36.15 42.95
N LEU B 136 0.32 -36.31 43.03
CA LEU B 136 -0.24 -37.60 43.25
C LEU B 136 -0.74 -38.23 41.92
N LEU B 137 -0.40 -39.50 41.72
CA LEU B 137 -1.11 -40.30 40.72
C LEU B 137 -0.99 -41.73 41.14
N ASP B 138 -1.81 -42.60 40.53
CA ASP B 138 -1.78 -44.05 40.75
C ASP B 138 -1.20 -44.79 39.56
N GLU B 139 -0.53 -45.90 39.87
CA GLU B 139 0.28 -46.69 38.94
C GLU B 139 -0.29 -48.08 39.04
N PRO B 140 -0.45 -48.77 37.88
CA PRO B 140 0.17 -48.36 36.62
C PRO B 140 -0.47 -47.12 36.03
N ALA B 141 0.36 -46.29 35.39
CA ALA B 141 -0.12 -44.99 34.87
C ALA B 141 0.23 -44.77 33.41
N TYR B 142 -0.44 -43.83 32.75
CA TYR B 142 -0.24 -43.68 31.29
C TYR B 142 1.19 -43.30 30.82
N SER B 143 1.76 -44.16 29.95
CA SER B 143 3.07 -43.91 29.38
C SER B 143 3.28 -42.45 29.17
N GLY B 144 2.31 -41.84 28.47
CA GLY B 144 2.49 -40.52 27.88
C GLY B 144 2.63 -39.48 28.98
N THR B 145 1.86 -39.68 30.06
CA THR B 145 1.85 -38.79 31.19
C THR B 145 3.17 -38.87 32.01
N LEU B 146 3.76 -40.04 32.12
CA LEU B 146 5.06 -40.17 32.82
C LEU B 146 6.18 -39.43 32.06
N GLN B 147 6.22 -39.58 30.72
CA GLN B 147 7.21 -38.87 29.88
C GLN B 147 6.96 -37.38 29.86
N SER B 148 5.78 -37.02 30.33
CA SER B 148 5.39 -35.66 30.33
C SER B 148 5.82 -34.99 31.62
N LEU B 149 5.55 -35.68 32.74
CA LEU B 149 5.79 -35.15 34.07
C LEU B 149 7.25 -35.21 34.48
N HIS B 150 7.97 -36.19 33.91
CA HIS B 150 9.35 -36.46 34.24
C HIS B 150 10.33 -35.32 34.01
N PRO B 151 10.29 -34.66 32.81
CA PRO B 151 11.18 -33.52 32.59
C PRO B 151 10.88 -32.30 33.45
N LEU B 152 9.69 -32.24 34.05
CA LEU B 152 9.25 -31.09 34.85
C LEU B 152 9.78 -31.08 36.27
N GLY B 153 10.62 -32.06 36.59
CA GLY B 153 11.25 -32.04 37.93
C GLY B 153 10.29 -32.08 39.12
N CYS B 154 9.16 -32.73 38.94
CA CYS B 154 8.30 -33.09 40.05
C CYS B 154 8.65 -34.46 40.69
N ASN B 155 8.14 -34.63 41.89
CA ASN B 155 8.29 -35.88 42.61
C ASN B 155 6.94 -36.52 42.56
N ILE B 156 6.86 -37.61 41.81
CA ILE B 156 5.65 -38.43 41.68
C ILE B 156 5.46 -39.41 42.84
N ILE B 157 4.51 -39.09 43.71
CA ILE B 157 4.04 -39.89 44.84
C ILE B 157 2.86 -40.77 44.45
N ASN B 158 3.11 -42.09 44.47
CA ASN B 158 2.21 -43.12 44.02
C ASN B 158 1.18 -43.45 45.07
N VAL B 159 -0.09 -43.49 44.63
CA VAL B 159 -1.18 -43.89 45.48
C VAL B 159 -1.55 -45.28 44.99
N ALA B 160 -1.89 -46.19 45.91
CA ALA B 160 -2.29 -47.52 45.52
C ALA B 160 -3.61 -47.44 44.75
N SER B 161 -3.70 -48.25 43.70
CA SER B 161 -4.94 -48.44 42.93
C SER B 161 -5.20 -49.95 42.93
N ASP B 162 -6.50 -50.31 42.99
CA ASP B 162 -6.89 -51.68 42.72
C ASP B 162 -7.91 -51.65 41.62
N GLU B 163 -8.78 -52.70 41.53
CA GLU B 163 -9.83 -52.83 40.49
C GLU B 163 -10.80 -51.66 40.45
N SER B 164 -10.72 -50.81 41.47
CA SER B 164 -11.62 -49.66 41.44
C SER B 164 -10.87 -48.37 41.33
N GLY B 165 -9.65 -48.44 40.80
CA GLY B 165 -8.76 -47.30 40.78
C GLY B 165 -8.24 -46.89 42.14
N ILE B 166 -7.79 -45.64 42.21
CA ILE B 166 -7.18 -45.10 43.42
C ILE B 166 -7.88 -45.68 44.64
N VAL B 167 -7.11 -46.24 45.55
CA VAL B 167 -7.68 -46.59 46.83
C VAL B 167 -7.68 -45.37 47.74
N PRO B 168 -8.86 -44.91 48.15
CA PRO B 168 -8.90 -43.68 48.98
C PRO B 168 -8.03 -43.69 50.25
N ASP B 169 -8.02 -44.82 50.96
CA ASP B 169 -7.22 -44.92 52.20
C ASP B 169 -5.77 -44.64 51.93
N SER B 170 -5.27 -45.21 50.82
CA SER B 170 -3.91 -44.94 50.38
C SER B 170 -3.66 -43.43 50.28
N LEU B 171 -4.64 -42.72 49.73
CA LEU B 171 -4.53 -41.28 49.58
C LEU B 171 -4.45 -40.59 50.97
N ARG B 172 -5.35 -40.96 51.88
CA ARG B 172 -5.34 -40.48 53.30
C ARG B 172 -3.99 -40.70 53.96
N ASP B 173 -3.60 -41.97 54.05
CA ASP B 173 -2.31 -42.34 54.62
C ASP B 173 -1.16 -41.49 54.08
N ILE B 174 -1.07 -41.42 52.74
CA ILE B 174 -0.03 -40.62 52.07
C ILE B 174 -0.08 -39.14 52.49
N LEU B 175 -1.28 -38.60 52.67
CA LEU B 175 -1.44 -37.17 52.85
C LEU B 175 -1.25 -36.74 54.30
N SER B 176 -1.14 -37.73 55.20
CA SER B 176 -0.94 -37.54 56.64
C SER B 176 0.51 -37.23 57.02
N ARG B 177 1.29 -36.96 55.97
CA ARG B 177 2.64 -36.44 56.02
C ARG B 177 2.56 -34.91 56.24
N TRP B 178 1.34 -34.39 55.97
CA TRP B 178 1.05 -32.98 56.08
C TRP B 178 -0.18 -32.75 56.94
N LYS B 179 -0.16 -31.61 57.61
CA LYS B 179 -1.37 -31.09 58.21
C LYS B 179 -2.10 -30.36 57.09
N PRO B 180 -3.44 -30.30 57.15
CA PRO B 180 -4.28 -29.54 56.21
C PRO B 180 -3.96 -28.02 56.07
N GLU B 181 -3.37 -27.43 57.11
CA GLU B 181 -3.09 -25.99 57.19
C GLU B 181 -1.77 -25.73 56.46
N ASP B 182 -1.03 -26.80 56.19
CA ASP B 182 0.19 -26.76 55.36
C ASP B 182 -0.07 -26.32 53.93
N ALA B 183 -1.34 -26.42 53.52
CA ALA B 183 -1.78 -26.07 52.17
C ALA B 183 -1.69 -24.58 51.97
N LYS B 184 -1.82 -23.83 53.06
CA LYS B 184 -1.67 -22.39 53.00
C LYS B 184 -0.20 -21.93 53.05
N ASN B 185 0.75 -22.83 52.77
CA ASN B 185 2.19 -22.57 53.05
C ASN B 185 3.18 -23.23 52.06
N PRO B 186 3.61 -22.51 50.99
CA PRO B 186 4.35 -23.22 49.91
C PRO B 186 5.59 -24.02 50.38
N GLN B 187 6.26 -23.52 51.44
CA GLN B 187 7.42 -24.18 52.08
C GLN B 187 7.16 -25.66 52.40
N LYS B 188 5.92 -25.96 52.70
CA LYS B 188 5.54 -27.27 53.19
C LYS B 188 5.39 -28.27 52.05
N ASN B 189 5.48 -27.78 50.82
CA ASN B 189 5.30 -28.59 49.62
C ASN B 189 4.26 -29.72 49.64
N THR B 190 3.14 -29.43 50.27
CA THR B 190 1.86 -30.03 49.92
C THR B 190 1.65 -30.30 48.43
N PRO B 191 0.97 -31.39 48.10
CA PRO B 191 0.78 -31.71 46.69
C PRO B 191 0.00 -30.64 45.91
N LYS B 192 0.42 -30.45 44.67
CA LYS B 192 -0.25 -29.52 43.78
C LYS B 192 -1.58 -30.09 43.25
N PHE B 193 -1.60 -31.40 42.99
CA PHE B 193 -2.64 -32.08 42.23
C PHE B 193 -2.53 -33.61 42.21
N LEU B 194 -3.67 -34.25 41.99
CA LEU B 194 -3.82 -35.68 41.80
C LEU B 194 -4.23 -35.90 40.35
N TYR B 195 -3.45 -36.67 39.60
CA TYR B 195 -3.76 -37.02 38.20
C TYR B 195 -4.41 -38.38 38.15
N THR B 196 -5.65 -38.43 37.65
CA THR B 196 -6.29 -39.71 37.44
C THR B 196 -6.91 -39.84 36.06
N VAL B 197 -6.85 -41.06 35.54
CA VAL B 197 -7.68 -41.50 34.43
C VAL B 197 -8.78 -42.42 34.97
N PRO B 198 -10.00 -41.85 35.19
CA PRO B 198 -11.01 -42.59 35.99
C PRO B 198 -11.92 -43.58 35.25
N ASN B 199 -11.76 -43.71 33.94
CA ASN B 199 -12.57 -44.62 33.16
C ASN B 199 -11.74 -45.44 32.18
N GLY B 200 -11.64 -46.74 32.45
CA GLY B 200 -10.81 -47.63 31.66
C GLY B 200 -9.38 -47.13 31.57
N ASN B 201 -8.72 -46.98 32.72
CA ASN B 201 -7.33 -46.57 32.77
C ASN B 201 -6.48 -47.28 31.72
N ASN B 202 -5.76 -46.50 30.93
CA ASN B 202 -4.59 -47.00 30.20
C ASN B 202 -3.38 -47.11 31.09
N PRO B 203 -3.10 -48.32 31.57
CA PRO B 203 -3.26 -49.52 30.75
C PRO B 203 -4.26 -50.50 31.35
N THR B 204 -4.63 -50.27 32.61
CA THR B 204 -5.27 -51.33 33.44
C THR B 204 -6.73 -51.66 33.04
N GLY B 205 -7.46 -50.66 32.57
CA GLY B 205 -8.86 -50.82 32.10
C GLY B 205 -9.89 -50.82 33.22
N ASN B 206 -9.38 -50.62 34.44
CA ASN B 206 -10.22 -50.47 35.59
C ASN B 206 -10.78 -49.05 35.62
N SER B 207 -11.90 -48.87 36.31
CA SER B 207 -12.49 -47.54 36.52
C SER B 207 -12.79 -47.18 37.99
N LEU B 208 -12.80 -45.89 38.29
CA LEU B 208 -13.12 -45.40 39.63
C LEU B 208 -14.59 -45.60 39.94
N THR B 209 -14.94 -45.67 41.22
CA THR B 209 -16.33 -45.80 41.54
C THR B 209 -16.83 -44.43 41.88
N SER B 210 -18.14 -44.35 42.08
CA SER B 210 -18.80 -43.13 42.55
C SER B 210 -18.44 -42.73 44.00
N GLU B 211 -18.61 -43.65 44.94
CA GLU B 211 -18.26 -43.46 46.36
C GLU B 211 -16.80 -43.01 46.47
N ARG B 212 -15.94 -43.67 45.70
CA ARG B 212 -14.53 -43.32 45.67
C ARG B 212 -14.25 -41.90 45.17
N LYS B 213 -14.89 -41.51 44.08
CA LYS B 213 -14.73 -40.18 43.61
C LYS B 213 -15.13 -39.17 44.70
N LYS B 214 -16.24 -39.39 45.41
CA LYS B 214 -16.72 -38.42 46.42
C LYS B 214 -15.67 -38.18 47.51
N GLU B 215 -15.08 -39.30 47.98
CA GLU B 215 -14.03 -39.32 49.00
C GLU B 215 -12.76 -38.69 48.52
N ILE B 216 -12.28 -39.09 47.35
CA ILE B 216 -11.10 -38.42 46.80
C ILE B 216 -11.35 -36.91 46.83
N TYR B 217 -12.52 -36.50 46.34
CA TYR B 217 -12.86 -35.10 46.31
C TYR B 217 -12.68 -34.35 47.65
N GLU B 218 -13.04 -35.00 48.75
CA GLU B 218 -12.98 -34.42 50.09
C GLU B 218 -11.55 -34.20 50.61
N LEU B 219 -10.72 -35.22 50.42
CA LEU B 219 -9.29 -35.17 50.58
C LEU B 219 -8.70 -34.04 49.74
N ALA B 220 -9.19 -33.91 48.51
CA ALA B 220 -8.68 -32.81 47.66
C ALA B 220 -9.11 -31.46 48.21
N ARG B 221 -10.29 -31.41 48.82
CA ARG B 221 -10.69 -30.19 49.49
C ARG B 221 -9.80 -29.94 50.72
N LYS B 222 -9.71 -30.95 51.59
CA LYS B 222 -9.05 -30.83 52.87
C LYS B 222 -7.60 -30.45 52.69
N TYR B 223 -6.92 -31.18 51.81
CA TYR B 223 -5.55 -30.85 51.43
C TYR B 223 -5.52 -30.02 50.16
N ASP B 224 -6.63 -29.35 49.86
CA ASP B 224 -6.64 -28.25 48.92
C ASP B 224 -5.60 -28.45 47.82
N PHE B 225 -5.69 -29.57 47.13
CA PHE B 225 -5.05 -29.70 45.85
C PHE B 225 -6.06 -29.76 44.72
N LEU B 226 -5.56 -29.62 43.52
CA LEU B 226 -6.35 -29.78 42.33
C LEU B 226 -6.49 -31.26 41.99
N ILE B 227 -7.64 -31.63 41.44
CA ILE B 227 -7.81 -32.91 40.78
C ILE B 227 -7.64 -32.77 39.30
N ILE B 228 -6.65 -33.45 38.72
CA ILE B 228 -6.63 -33.54 37.25
C ILE B 228 -7.27 -34.82 36.74
N GLU B 229 -8.43 -34.64 36.12
CA GLU B 229 -9.25 -35.72 35.56
C GLU B 229 -9.01 -35.93 34.07
N ASP B 230 -8.13 -36.88 33.74
CA ASP B 230 -7.88 -37.21 32.31
C ASP B 230 -8.86 -38.31 31.91
N ASP B 231 -9.91 -37.94 31.13
CA ASP B 231 -11.08 -38.86 30.88
C ASP B 231 -11.34 -39.19 29.38
N PRO B 232 -10.25 -39.63 28.70
CA PRO B 232 -10.26 -39.87 27.27
C PRO B 232 -11.23 -40.98 26.89
N TYR B 233 -11.63 -41.80 27.87
CA TYR B 233 -12.37 -43.05 27.67
C TYR B 233 -13.74 -42.97 28.33
N TYR B 234 -14.22 -41.76 28.57
CA TYR B 234 -15.50 -41.53 29.19
C TYR B 234 -16.70 -41.95 28.32
N PHE B 235 -16.58 -41.83 27.00
CA PHE B 235 -17.68 -42.32 26.19
C PHE B 235 -17.44 -43.75 25.77
N LEU B 236 -16.46 -44.42 26.40
CA LEU B 236 -16.28 -45.86 26.09
C LEU B 236 -16.61 -46.77 27.27
N GLN B 237 -17.45 -46.24 28.15
CA GLN B 237 -17.97 -47.00 29.27
C GLN B 237 -18.99 -48.07 28.86
N PHE B 238 -18.72 -49.33 29.24
CA PHE B 238 -19.58 -50.47 28.89
C PHE B 238 -20.82 -50.60 29.73
N ASN B 239 -20.76 -50.02 30.92
CA ASN B 239 -21.91 -49.84 31.82
C ASN B 239 -22.87 -48.74 31.39
N LYS B 240 -24.18 -48.96 31.49
CA LYS B 240 -25.14 -48.00 30.88
C LYS B 240 -25.21 -46.74 31.70
N PHE B 241 -25.35 -46.90 33.01
CA PHE B 241 -25.26 -45.78 33.94
C PHE B 241 -23.80 -45.31 33.97
N ARG B 242 -23.54 -44.14 33.36
CA ARG B 242 -22.21 -43.53 33.37
C ARG B 242 -21.92 -43.04 34.77
N VAL B 243 -20.72 -43.33 35.26
CA VAL B 243 -20.29 -42.87 36.59
C VAL B 243 -20.16 -41.34 36.63
N PRO B 244 -20.62 -40.69 37.72
CA PRO B 244 -20.49 -39.23 37.75
C PRO B 244 -19.04 -38.86 37.73
N THR B 245 -18.73 -37.73 37.08
CA THR B 245 -17.32 -37.27 36.93
C THR B 245 -16.83 -36.50 38.15
N PHE B 246 -15.55 -36.14 38.23
CA PHE B 246 -15.15 -35.18 39.25
C PHE B 246 -15.76 -33.82 38.92
N LEU B 247 -15.70 -33.42 37.65
CA LEU B 247 -16.39 -32.19 37.15
C LEU B 247 -17.77 -31.91 37.75
N SER B 248 -18.65 -32.93 37.73
CA SER B 248 -20.02 -32.81 38.31
C SER B 248 -20.11 -32.68 39.84
N MET B 249 -19.01 -32.89 40.52
CA MET B 249 -19.01 -32.74 41.98
C MET B 249 -18.08 -31.60 42.43
N ASP B 250 -17.71 -30.75 41.47
CA ASP B 250 -16.74 -29.71 41.68
C ASP B 250 -17.36 -28.42 42.23
N VAL B 251 -17.80 -28.47 43.48
CA VAL B 251 -18.35 -27.29 44.12
C VAL B 251 -17.25 -26.27 44.38
N ASP B 252 -15.98 -26.71 44.45
CA ASP B 252 -14.85 -25.73 44.64
C ASP B 252 -14.22 -25.05 43.41
N GLY B 253 -14.27 -25.66 42.24
CA GLY B 253 -13.45 -25.16 41.17
C GLY B 253 -12.01 -25.66 41.28
N ARG B 254 -11.82 -26.84 41.85
CA ARG B 254 -10.49 -27.48 41.87
C ARG B 254 -10.32 -28.60 40.81
N VAL B 255 -11.23 -28.68 39.82
CA VAL B 255 -11.17 -29.74 38.81
C VAL B 255 -10.90 -29.27 37.38
N ILE B 256 -9.91 -29.90 36.76
CA ILE B 256 -9.65 -29.72 35.34
C ILE B 256 -9.92 -31.01 34.56
N ARG B 257 -11.04 -31.03 33.84
CA ARG B 257 -11.37 -32.16 32.98
C ARG B 257 -10.68 -32.04 31.63
N ALA B 258 -10.13 -33.16 31.15
CA ALA B 258 -9.77 -33.28 29.74
C ALA B 258 -10.64 -34.32 29.04
N ASP B 259 -11.21 -33.93 27.91
CA ASP B 259 -12.05 -34.80 27.15
C ASP B 259 -11.46 -34.98 25.77
N SER B 260 -11.61 -36.17 25.22
CA SER B 260 -11.01 -36.50 23.92
C SER B 260 -12.10 -36.92 22.94
N PHE B 261 -11.93 -36.63 21.65
CA PHE B 261 -12.81 -37.17 20.61
C PHE B 261 -12.07 -38.27 19.85
N SER B 262 -11.01 -38.76 20.46
CA SER B 262 -10.01 -39.58 19.72
C SER B 262 -10.38 -41.07 19.56
N1 LLP B 263 -5.03 -40.04 27.48
C2 LLP B 263 -5.09 -41.42 27.43
C2' LLP B 263 -4.73 -42.23 28.65
C3 LLP B 263 -5.47 -42.07 26.26
O3 LLP B 263 -5.52 -43.30 26.22
C4 LLP B 263 -5.80 -41.32 25.14
C4' LLP B 263 -6.21 -42.02 23.87
C5 LLP B 263 -5.74 -39.93 25.19
C6 LLP B 263 -5.36 -39.29 26.36
C5' LLP B 263 -6.09 -39.13 23.97
OP4 LLP B 263 -5.27 -37.99 23.59
P LLP B 263 -5.69 -37.08 22.33
OP1 LLP B 263 -5.49 -37.98 21.17
OP2 LLP B 263 -7.10 -36.73 22.59
OP3 LLP B 263 -4.75 -35.93 22.39
N LLP B 263 -11.05 -41.62 20.56
CA LLP B 263 -11.50 -43.01 20.51
CB LLP B 263 -11.58 -43.60 21.92
CG LLP B 263 -10.54 -43.05 22.89
CD LLP B 263 -9.16 -43.57 22.55
CE LLP B 263 -8.12 -42.46 22.65
NZ LLP B 263 -7.46 -42.46 23.99
C LLP B 263 -12.85 -43.13 19.81
O LLP B 263 -13.30 -44.24 19.50
N ILE B 264 -13.48 -41.99 19.55
CA ILE B 264 -14.90 -41.96 19.24
C ILE B 264 -15.16 -41.32 17.87
N ILE B 265 -14.54 -40.17 17.65
CA ILE B 265 -14.87 -39.34 16.49
C ILE B 265 -13.72 -39.31 15.49
N SER B 266 -12.55 -38.87 15.94
CA SER B 266 -11.31 -39.00 15.16
C SER B 266 -10.08 -38.69 15.97
N SER B 267 -9.12 -39.62 15.93
CA SER B 267 -7.79 -39.44 16.53
C SER B 267 -6.88 -38.56 15.65
N GLY B 268 -7.04 -38.68 14.34
CA GLY B 268 -6.25 -37.91 13.41
C GLY B 268 -6.45 -36.42 13.56
N LEU B 269 -7.70 -36.02 13.76
CA LEU B 269 -8.11 -34.64 13.54
C LEU B 269 -7.53 -33.71 14.61
N ARG B 270 -6.92 -34.29 15.62
CA ARG B 270 -6.34 -33.52 16.71
C ARG B 270 -7.32 -32.48 17.24
N ILE B 271 -8.38 -32.95 17.89
CA ILE B 271 -9.39 -32.07 18.42
C ILE B 271 -9.91 -32.67 19.71
N GLY B 272 -9.72 -31.92 20.79
CA GLY B 272 -10.11 -32.33 22.15
C GLY B 272 -10.43 -31.06 22.91
N PHE B 273 -10.90 -31.19 24.13
CA PHE B 273 -11.15 -29.97 24.84
C PHE B 273 -10.89 -30.00 26.33
N LEU B 274 -10.73 -28.81 26.92
CA LEU B 274 -10.27 -28.68 28.29
C LEU B 274 -11.34 -27.86 29.02
N THR B 275 -11.92 -28.50 30.05
CA THR B 275 -12.93 -27.89 30.92
C THR B 275 -12.37 -27.66 32.36
N GLY B 276 -12.50 -26.41 32.83
CA GLY B 276 -12.00 -26.02 34.17
C GLY B 276 -12.28 -24.57 34.49
N PRO B 277 -11.76 -24.10 35.64
CA PRO B 277 -11.96 -22.73 36.09
C PRO B 277 -11.26 -21.74 35.21
N LYS B 278 -11.83 -20.53 35.15
CA LYS B 278 -11.55 -19.54 34.14
C LYS B 278 -10.08 -19.22 34.23
N PRO B 279 -9.59 -18.84 35.48
CA PRO B 279 -8.24 -18.40 35.57
C PRO B 279 -7.27 -19.43 35.12
N LEU B 280 -7.58 -20.72 35.32
CA LEU B 280 -6.65 -21.81 34.94
C LEU B 280 -6.68 -22.02 33.42
N ILE B 281 -7.91 -22.13 32.87
CA ILE B 281 -8.12 -22.28 31.45
C ILE B 281 -7.43 -21.15 30.71
N GLU B 282 -7.71 -19.93 31.11
CA GLU B 282 -7.01 -18.73 30.64
C GLU B 282 -5.48 -18.87 30.52
N ARG B 283 -4.82 -19.56 31.45
CA ARG B 283 -3.36 -19.74 31.30
C ARG B 283 -3.10 -20.66 30.13
N VAL B 284 -4.02 -21.59 29.87
CA VAL B 284 -3.74 -22.52 28.77
C VAL B 284 -4.03 -21.86 27.44
N ILE B 285 -5.06 -21.03 27.43
CA ILE B 285 -5.45 -20.37 26.23
C ILE B 285 -4.24 -19.57 25.86
N LEU B 286 -3.73 -18.74 26.79
CA LEU B 286 -2.56 -17.89 26.56
C LEU B 286 -1.32 -18.66 26.17
N HIS B 287 -1.08 -19.83 26.74
CA HIS B 287 0.03 -20.62 26.20
C HIS B 287 -0.24 -20.99 24.71
N ILE B 288 -1.45 -21.52 24.42
CA ILE B 288 -1.86 -21.83 23.03
C ILE B 288 -1.57 -20.66 22.04
N GLN B 289 -1.89 -19.43 22.44
CA GLN B 289 -1.71 -18.25 21.61
C GLN B 289 -0.29 -17.95 21.09
N VAL B 290 0.72 -18.55 21.70
CA VAL B 290 2.11 -18.35 21.28
C VAL B 290 2.70 -19.67 20.81
N SER B 291 1.88 -20.70 20.74
CA SER B 291 2.34 -21.96 20.12
C SER B 291 1.47 -22.42 18.90
N THR B 292 0.47 -23.26 19.14
CA THR B 292 -0.39 -23.75 18.07
C THR B 292 -1.36 -22.68 17.55
N LEU B 293 -1.71 -21.73 18.42
CA LEU B 293 -2.65 -20.69 18.07
C LEU B 293 -4.13 -21.05 18.18
N HIS B 294 -4.53 -22.08 17.44
CA HIS B 294 -5.84 -22.69 17.63
C HIS B 294 -5.81 -24.13 17.13
N PRO B 295 -6.94 -24.82 17.23
CA PRO B 295 -7.10 -26.11 16.59
C PRO B 295 -7.43 -25.87 15.13
N SER B 296 -6.91 -26.70 14.24
CA SER B 296 -7.33 -26.61 12.86
C SER B 296 -8.77 -26.13 12.69
N THR B 297 -8.97 -25.09 11.89
CA THR B 297 -10.31 -24.55 11.65
C THR B 297 -11.17 -25.55 10.82
N PHE B 298 -10.71 -25.94 9.64
CA PHE B 298 -11.29 -27.06 8.89
C PHE B 298 -11.86 -28.16 9.78
N ASN B 299 -11.05 -28.71 10.66
CA ASN B 299 -11.46 -29.94 11.34
C ASN B 299 -12.48 -29.63 12.42
N GLN B 300 -12.38 -28.45 13.03
CA GLN B 300 -13.37 -28.05 14.04
C GLN B 300 -14.73 -27.97 13.38
N LEU B 301 -14.73 -27.64 12.09
CA LEU B 301 -15.98 -27.37 11.39
C LEU B 301 -16.61 -28.68 10.92
N MET B 302 -15.76 -29.64 10.61
CA MET B 302 -16.23 -30.99 10.34
C MET B 302 -16.94 -31.49 11.57
N ILE B 303 -16.27 -31.41 12.72
CA ILE B 303 -16.89 -31.85 13.99
C ILE B 303 -18.10 -31.02 14.41
N SER B 304 -18.01 -29.71 14.34
CA SER B 304 -19.10 -28.82 14.74
C SER B 304 -20.36 -29.05 13.91
N GLN B 305 -20.24 -29.09 12.59
CA GLN B 305 -21.39 -29.39 11.74
C GLN B 305 -21.88 -30.79 11.94
N LEU B 306 -20.98 -31.75 12.01
CA LEU B 306 -21.35 -33.12 12.33
C LEU B 306 -22.22 -33.16 13.60
N LEU B 307 -21.68 -32.62 14.70
CA LEU B 307 -22.39 -32.61 15.98
C LEU B 307 -23.69 -31.87 16.02
N HIS B 308 -23.79 -30.72 15.35
CA HIS B 308 -25.06 -29.95 15.33
C HIS B 308 -26.18 -30.57 14.46
N GLU B 309 -25.76 -31.42 13.54
CA GLU B 309 -26.66 -32.10 12.66
C GLU B 309 -27.18 -33.34 13.38
N TRP B 310 -26.34 -33.96 14.18
CA TRP B 310 -26.77 -35.01 15.10
C TRP B 310 -27.56 -34.48 16.28
N GLY B 311 -27.24 -33.29 16.78
CA GLY B 311 -27.78 -32.90 18.08
C GLY B 311 -27.30 -33.85 19.17
N GLU B 312 -27.83 -33.72 20.38
CA GLU B 312 -27.32 -34.57 21.44
C GLU B 312 -27.83 -36.02 21.33
N GLU B 313 -28.95 -36.21 20.63
CA GLU B 313 -29.50 -37.54 20.42
C GLU B 313 -28.66 -38.43 19.48
N GLY B 314 -28.19 -37.85 18.39
CA GLY B 314 -27.36 -38.51 17.39
C GLY B 314 -25.97 -38.78 17.96
N PHE B 315 -25.50 -37.86 18.79
CA PHE B 315 -24.16 -37.98 19.33
C PHE B 315 -24.13 -39.12 20.27
N MET B 316 -25.05 -39.10 21.25
CA MET B 316 -25.14 -40.15 22.27
C MET B 316 -25.43 -41.54 21.66
N ALA B 317 -26.23 -41.55 20.61
CA ALA B 317 -26.53 -42.83 19.94
C ALA B 317 -25.29 -43.36 19.25
N HIS B 318 -24.55 -42.49 18.57
CA HIS B 318 -23.28 -42.86 17.99
C HIS B 318 -22.41 -43.47 19.10
N VAL B 319 -22.20 -42.73 20.19
CA VAL B 319 -21.42 -43.27 21.28
C VAL B 319 -21.97 -44.56 21.82
N ASP B 320 -23.27 -44.78 21.69
CA ASP B 320 -23.79 -46.09 22.03
C ASP B 320 -23.42 -47.22 21.07
N ARG B 321 -23.38 -46.94 19.78
CA ARG B 321 -22.78 -47.89 18.84
C ARG B 321 -21.28 -48.15 19.03
N VAL B 322 -20.44 -47.12 19.26
CA VAL B 322 -19.02 -47.40 19.65
C VAL B 322 -18.86 -48.32 20.86
N ILE B 323 -19.53 -47.98 21.95
CA ILE B 323 -19.50 -48.80 23.14
C ILE B 323 -19.88 -50.28 22.78
N ASP B 324 -20.98 -50.43 22.06
CA ASP B 324 -21.45 -51.75 21.67
C ASP B 324 -20.42 -52.58 20.95
N PHE B 325 -19.75 -51.94 20.00
CA PHE B 325 -18.63 -52.55 19.31
C PHE B 325 -17.50 -52.92 20.29
N TYR B 326 -17.05 -51.90 21.04
CA TYR B 326 -15.94 -52.13 21.99
C TYR B 326 -16.19 -53.19 23.10
N SER B 327 -17.45 -53.36 23.55
CA SER B 327 -17.81 -54.43 24.48
C SER B 327 -17.72 -55.80 23.86
N ASN B 328 -18.48 -56.11 22.77
CA ASN B 328 -18.29 -57.39 22.11
C ASN B 328 -16.81 -57.60 21.92
N GLN B 329 -16.05 -56.55 21.58
CA GLN B 329 -14.61 -56.80 21.32
C GLN B 329 -13.98 -57.28 22.62
N LYS B 330 -14.46 -56.71 23.73
CA LYS B 330 -14.00 -57.04 25.09
C LYS B 330 -14.49 -58.43 25.60
N ASP B 331 -15.69 -58.82 25.20
CA ASP B 331 -16.18 -60.18 25.40
C ASP B 331 -15.28 -61.22 24.77
N ALA B 332 -14.77 -60.88 23.59
CA ALA B 332 -13.91 -61.78 22.78
C ALA B 332 -12.46 -61.91 23.35
N ILE B 333 -11.91 -60.79 23.86
CA ILE B 333 -10.60 -60.81 24.46
C ILE B 333 -10.66 -61.70 25.73
N LEU B 334 -11.77 -61.62 26.48
CA LEU B 334 -11.87 -62.33 27.76
C LEU B 334 -12.16 -63.87 27.62
N ALA B 335 -13.10 -64.18 26.75
CA ALA B 335 -13.33 -65.52 26.21
C ALA B 335 -12.01 -66.09 25.83
N ALA B 336 -11.24 -65.39 24.99
CA ALA B 336 -9.98 -65.94 24.52
C ALA B 336 -9.05 -66.18 25.67
N ALA B 337 -9.10 -65.32 26.68
CA ALA B 337 -8.18 -65.47 27.80
C ALA B 337 -8.70 -66.55 28.72
N ASP B 338 -10.01 -66.63 28.82
CA ASP B 338 -10.61 -67.58 29.71
C ASP B 338 -10.29 -68.88 29.05
N LYS B 339 -10.19 -68.86 27.74
CA LYS B 339 -9.92 -70.05 27.02
C LYS B 339 -8.48 -70.57 27.27
N TRP B 340 -7.48 -69.69 27.25
CA TRP B 340 -6.09 -70.16 27.21
C TRP B 340 -5.28 -69.78 28.42
N LEU B 341 -5.65 -68.69 29.07
CA LEU B 341 -4.80 -68.20 30.16
C LEU B 341 -5.20 -68.75 31.51
N THR B 342 -6.33 -69.45 31.55
CA THR B 342 -6.87 -69.92 32.81
C THR B 342 -5.85 -70.60 33.70
N GLY B 343 -5.66 -69.98 34.85
CA GLY B 343 -4.75 -70.60 35.83
C GLY B 343 -3.32 -70.26 35.55
N LEU B 344 -3.03 -69.59 34.42
CA LEU B 344 -1.69 -69.13 34.00
C LEU B 344 -1.50 -67.65 34.08
N ALA B 345 -2.59 -66.91 34.25
CA ALA B 345 -2.53 -65.44 34.36
C ALA B 345 -3.72 -64.87 35.10
N GLU B 346 -3.60 -63.66 35.58
CA GLU B 346 -4.72 -63.05 36.29
C GLU B 346 -5.12 -61.68 35.70
N TRP B 347 -6.40 -61.35 35.65
CA TRP B 347 -6.81 -60.07 35.10
C TRP B 347 -8.16 -59.76 35.63
N HIS B 348 -8.54 -58.50 35.65
CA HIS B 348 -9.92 -58.08 35.95
C HIS B 348 -10.54 -57.65 34.68
N VAL B 349 -11.86 -57.62 34.64
CA VAL B 349 -12.55 -57.17 33.45
C VAL B 349 -12.73 -55.67 33.31
N PRO B 350 -12.20 -55.15 32.22
CA PRO B 350 -12.19 -53.72 31.91
C PRO B 350 -13.54 -53.11 32.06
N ALA B 351 -13.54 -51.92 32.67
CA ALA B 351 -14.77 -51.17 32.87
C ALA B 351 -15.01 -50.21 31.71
N ALA B 352 -13.95 -49.90 30.98
CA ALA B 352 -14.08 -49.02 29.85
C ALA B 352 -12.85 -49.18 29.00
N GLY B 353 -12.85 -48.47 27.88
CA GLY B 353 -11.64 -48.32 27.09
C GLY B 353 -11.39 -49.53 26.24
N MET B 354 -10.14 -49.69 25.81
CA MET B 354 -9.80 -50.73 24.82
C MET B 354 -8.63 -51.65 25.17
N PHE B 355 -8.42 -51.88 26.46
CA PHE B 355 -7.19 -52.42 26.95
C PHE B 355 -7.50 -53.42 28.05
N LEU B 356 -6.97 -54.64 27.89
CA LEU B 356 -6.97 -55.64 28.93
C LEU B 356 -5.58 -55.70 29.55
N TRP B 357 -5.52 -55.97 30.83
CA TRP B 357 -4.31 -55.83 31.57
C TRP B 357 -4.12 -57.13 32.32
N ILE B 358 -3.01 -57.82 32.01
CA ILE B 358 -2.89 -59.23 32.28
C ILE B 358 -1.63 -59.51 33.08
N LYS B 359 -1.82 -59.95 34.32
CA LYS B 359 -0.75 -60.35 35.18
C LYS B 359 -0.35 -61.79 34.94
N VAL B 360 0.76 -62.00 34.25
CA VAL B 360 1.22 -63.34 34.08
C VAL B 360 1.89 -63.90 35.29
N LYS B 361 1.49 -65.12 35.59
CA LYS B 361 1.77 -65.77 36.86
C LYS B 361 3.03 -66.56 36.65
N GLY B 362 4.03 -66.29 37.49
CA GLY B 362 5.18 -67.18 37.62
C GLY B 362 6.28 -66.92 36.61
N ILE B 363 6.20 -65.74 36.00
CA ILE B 363 7.24 -65.17 35.15
C ILE B 363 7.44 -63.79 35.72
N ASN B 364 8.70 -63.38 35.83
CA ASN B 364 9.03 -62.13 36.53
C ASN B 364 8.97 -60.88 35.68
N ASP B 365 9.66 -60.97 34.54
CA ASP B 365 9.64 -59.95 33.52
C ASP B 365 9.13 -60.54 32.20
N VAL B 366 8.03 -59.94 31.72
CA VAL B 366 7.42 -60.38 30.45
C VAL B 366 8.07 -59.72 29.23
N LYS B 367 9.13 -58.96 29.48
CA LYS B 367 9.82 -58.32 28.38
C LYS B 367 10.52 -59.33 27.48
N GLU B 368 11.14 -60.35 28.06
CA GLU B 368 11.87 -61.41 27.34
C GLU B 368 10.86 -62.25 26.60
N LEU B 369 9.84 -62.64 27.35
CA LEU B 369 8.74 -63.37 26.84
C LEU B 369 8.24 -62.73 25.56
N ILE B 370 8.02 -61.42 25.62
CA ILE B 370 7.42 -60.71 24.48
C ILE B 370 8.47 -60.38 23.40
N GLU B 371 9.45 -59.54 23.76
CA GLU B 371 10.41 -59.01 22.79
C GLU B 371 11.32 -60.08 22.17
N GLU B 372 11.42 -61.28 22.75
CA GLU B 372 12.22 -62.35 22.15
C GLU B 372 11.44 -63.53 21.54
N LYS B 373 10.64 -64.20 22.37
CA LYS B 373 9.97 -65.42 21.98
C LYS B 373 8.63 -65.20 21.23
N ALA B 374 7.77 -64.36 21.81
CA ALA B 374 6.46 -64.10 21.28
C ALA B 374 6.51 -63.46 19.91
N VAL B 375 7.41 -62.50 19.72
CA VAL B 375 7.58 -61.92 18.41
C VAL B 375 8.05 -63.01 17.41
N LYS B 376 9.01 -63.86 17.79
CA LYS B 376 9.44 -64.94 16.87
C LYS B 376 8.24 -65.80 16.36
N MET B 377 7.24 -66.05 17.22
CA MET B 377 6.02 -66.80 16.85
C MET B 377 4.91 -65.97 16.17
N GLY B 378 5.12 -64.66 16.03
CA GLY B 378 4.20 -63.82 15.24
C GLY B 378 3.05 -63.26 16.09
N VAL B 379 3.26 -63.23 17.39
CA VAL B 379 2.32 -62.56 18.24
C VAL B 379 2.96 -61.57 19.16
N LEU B 380 2.20 -60.56 19.52
CA LEU B 380 2.74 -59.35 20.08
C LEU B 380 1.73 -58.74 21.04
N MET B 381 2.22 -58.21 22.14
CA MET B 381 1.39 -57.41 23.01
C MET B 381 2.30 -56.68 24.01
N LEU B 382 1.77 -55.72 24.75
CA LEU B 382 2.63 -54.69 25.30
C LEU B 382 3.14 -55.00 26.72
N PRO B 383 4.45 -55.24 26.85
CA PRO B 383 5.03 -55.32 28.20
C PRO B 383 4.64 -54.10 29.06
N GLY B 384 4.32 -54.39 30.33
CA GLY B 384 3.91 -53.36 31.31
C GLY B 384 4.93 -52.41 31.89
N ASN B 385 6.17 -52.47 31.43
CA ASN B 385 7.24 -51.73 32.13
C ASN B 385 7.09 -50.22 32.08
N ALA B 386 6.72 -49.75 30.88
CA ALA B 386 6.55 -48.34 30.56
C ALA B 386 5.52 -47.63 31.41
N PHE B 387 4.67 -48.37 32.12
CA PHE B 387 3.55 -47.71 32.81
C PHE B 387 3.82 -47.38 34.26
N TYR B 388 5.10 -47.28 34.60
CA TYR B 388 5.53 -46.99 35.97
C TYR B 388 6.61 -45.95 35.92
N VAL B 389 6.64 -45.06 36.93
CA VAL B 389 7.72 -44.06 37.07
C VAL B 389 9.07 -44.75 36.90
N ASP B 390 9.25 -45.90 37.53
CA ASP B 390 10.48 -46.64 37.34
C ASP B 390 10.36 -47.72 36.27
N SER B 391 10.67 -47.38 35.03
CA SER B 391 10.28 -48.26 33.92
C SER B 391 11.25 -49.42 33.82
N SER B 392 12.26 -49.43 34.70
CA SER B 392 13.31 -50.42 34.58
C SER B 392 13.06 -51.54 35.56
N ALA B 393 12.03 -51.37 36.38
CA ALA B 393 11.59 -52.38 37.31
C ALA B 393 10.93 -53.56 36.58
N PRO B 394 11.09 -54.77 37.11
CA PRO B 394 10.43 -55.89 36.43
C PRO B 394 8.89 -55.84 36.44
N SER B 395 8.28 -56.08 35.28
CA SER B 395 6.83 -56.20 35.26
C SER B 395 6.31 -57.58 34.84
N PRO B 396 5.36 -58.13 35.62
CA PRO B 396 4.79 -59.35 35.11
C PRO B 396 3.51 -59.08 34.23
N TYR B 397 3.26 -57.81 33.85
CA TYR B 397 2.06 -57.39 33.14
C TYR B 397 2.22 -57.18 31.64
N LEU B 398 1.21 -57.69 30.91
CA LEU B 398 0.92 -57.33 29.50
C LEU B 398 -0.28 -56.43 29.41
N ARG B 399 -0.23 -55.47 28.50
CA ARG B 399 -1.43 -54.78 28.09
C ARG B 399 -1.82 -55.28 26.67
N ALA B 400 -3.08 -55.56 26.49
CA ALA B 400 -3.54 -56.20 25.28
C ALA B 400 -4.64 -55.34 24.70
N SER B 401 -4.49 -54.96 23.43
CA SER B 401 -5.52 -54.13 22.81
C SER B 401 -6.66 -54.94 22.25
N PHE B 402 -7.85 -54.75 22.81
CA PHE B 402 -9.03 -55.33 22.22
C PHE B 402 -9.74 -54.47 21.19
N SER B 403 -9.02 -53.51 20.61
CA SER B 403 -9.66 -52.59 19.63
C SER B 403 -9.85 -53.05 18.18
N SER B 404 -8.91 -53.80 17.62
CA SER B 404 -8.98 -54.11 16.20
C SER B 404 -9.23 -55.57 15.90
N ALA B 405 -8.60 -56.45 16.70
CA ALA B 405 -8.50 -57.88 16.40
C ALA B 405 -9.82 -58.62 16.30
N SER B 406 -9.87 -59.60 15.42
CA SER B 406 -11.04 -60.44 15.24
C SER B 406 -10.99 -61.63 16.19
N PRO B 407 -12.16 -62.22 16.52
CA PRO B 407 -12.14 -63.31 17.46
C PRO B 407 -11.04 -64.33 17.18
N GLU B 408 -10.71 -64.57 15.93
CA GLU B 408 -9.72 -65.62 15.63
C GLU B 408 -8.29 -65.14 15.89
N GLN B 409 -8.08 -63.87 15.63
CA GLN B 409 -6.81 -63.22 15.84
C GLN B 409 -6.37 -63.39 17.30
N MET B 410 -7.26 -63.04 18.23
CA MET B 410 -7.10 -63.18 19.67
C MET B 410 -6.89 -64.63 20.15
N ASP B 411 -7.66 -65.54 19.56
CA ASP B 411 -7.50 -66.98 19.78
C ASP B 411 -6.08 -67.52 19.56
N VAL B 412 -5.44 -67.10 18.48
CA VAL B 412 -4.07 -67.51 18.19
C VAL B 412 -3.07 -66.72 19.08
N ALA B 413 -3.41 -65.45 19.28
CA ALA B 413 -2.73 -64.57 20.10
C ALA B 413 -2.61 -65.15 21.51
N PHE B 414 -3.68 -65.74 22.00
CA PHE B 414 -3.64 -66.28 23.36
C PHE B 414 -3.24 -67.76 23.37
N GLN B 415 -3.47 -68.46 22.26
CA GLN B 415 -2.95 -69.80 22.21
C GLN B 415 -1.41 -69.75 22.32
N VAL B 416 -0.80 -68.72 21.73
CA VAL B 416 0.63 -68.70 21.50
C VAL B 416 1.31 -68.18 22.76
N LEU B 417 0.66 -67.20 23.35
CA LEU B 417 1.09 -66.61 24.58
C LEU B 417 1.09 -67.62 25.69
N ALA B 418 0.00 -68.36 25.80
CA ALA B 418 -0.08 -69.32 26.89
C ALA B 418 1.07 -70.34 26.73
N GLN B 419 1.29 -70.80 25.51
CA GLN B 419 2.38 -71.75 25.21
C GLN B 419 3.76 -71.27 25.67
N LEU B 420 3.97 -69.95 25.64
CA LEU B 420 5.28 -69.38 25.73
C LEU B 420 5.57 -69.23 27.17
N ILE B 421 4.52 -68.87 27.91
CA ILE B 421 4.41 -68.97 29.35
C ILE B 421 4.61 -70.38 29.93
N LYS B 422 3.92 -71.38 29.41
CA LYS B 422 4.13 -72.75 29.87
C LYS B 422 5.56 -73.20 29.62
N GLU B 423 6.09 -72.76 28.49
CA GLU B 423 7.42 -73.09 27.98
C GLU B 423 8.50 -72.36 28.79
N SER B 424 8.08 -71.32 29.48
CA SER B 424 8.93 -70.44 30.25
C SER B 424 8.73 -70.64 31.73
N LEU B 425 7.92 -71.64 32.11
CA LEU B 425 7.79 -71.94 33.55
C LEU B 425 8.90 -72.88 34.05
N MET C 1 -23.23 12.59 -16.45
CA MET C 1 -23.82 11.28 -16.88
C MET C 1 -23.26 10.83 -18.24
N ASN C 2 -23.67 11.47 -19.32
CA ASN C 2 -23.03 11.23 -20.61
C ASN C 2 -21.89 12.20 -20.89
N TYR C 3 -20.76 12.01 -20.18
CA TYR C 3 -19.57 12.86 -20.35
C TYR C 3 -19.04 12.95 -21.78
N ALA C 4 -19.47 12.06 -22.68
CA ALA C 4 -19.03 12.14 -24.10
C ALA C 4 -19.65 13.32 -24.82
N ARG C 5 -20.71 13.90 -24.25
CA ARG C 5 -21.37 15.05 -24.88
C ARG C 5 -20.49 16.27 -24.95
N PHE C 6 -19.92 16.62 -23.79
CA PHE C 6 -19.23 17.87 -23.53
C PHE C 6 -17.74 17.72 -23.74
N ILE C 7 -17.36 16.83 -24.65
CA ILE C 7 -15.96 16.59 -24.99
C ILE C 7 -15.78 16.66 -26.48
N THR C 8 -15.00 17.64 -26.96
CA THR C 8 -14.70 17.81 -28.40
C THR C 8 -14.12 16.52 -28.99
N ALA C 9 -14.02 16.43 -30.32
CA ALA C 9 -13.44 15.21 -30.90
C ALA C 9 -11.93 15.28 -30.69
N ALA C 10 -11.35 16.42 -31.00
CA ALA C 10 -9.93 16.69 -30.69
C ALA C 10 -9.54 16.34 -29.23
N SER C 11 -10.39 16.78 -28.32
CA SER C 11 -10.16 16.54 -26.91
C SER C 11 -10.28 15.07 -26.49
N ALA C 12 -11.31 14.43 -27.06
CA ALA C 12 -11.52 13.01 -26.94
C ALA C 12 -10.30 12.22 -27.43
N ALA C 13 -9.59 12.79 -28.41
CA ALA C 13 -8.37 12.21 -28.93
C ALA C 13 -7.07 12.47 -28.13
N ARG C 14 -7.10 13.14 -26.99
CA ARG C 14 -5.90 13.26 -26.19
C ARG C 14 -5.48 11.93 -25.62
N ASN C 15 -4.18 11.67 -25.72
CA ASN C 15 -3.55 10.56 -25.05
C ASN C 15 -2.51 11.02 -24.04
N PRO C 16 -2.48 10.35 -22.90
CA PRO C 16 -1.43 10.57 -21.90
C PRO C 16 -0.08 10.90 -22.52
N SER C 17 0.55 11.95 -22.02
CA SER C 17 1.91 12.30 -22.45
C SER C 17 2.76 12.86 -21.31
N PRO C 18 3.12 11.99 -20.38
CA PRO C 18 3.73 12.42 -19.12
C PRO C 18 5.24 12.49 -19.24
N ILE C 19 5.91 13.14 -18.31
CA ILE C 19 7.37 13.11 -18.26
C ILE C 19 7.84 11.74 -17.77
N ARG C 20 7.14 11.21 -16.78
CA ARG C 20 7.41 9.88 -16.23
C ARG C 20 6.61 8.82 -17.00
N THR C 21 7.32 7.98 -17.74
CA THR C 21 6.71 6.94 -18.55
C THR C 21 7.16 5.55 -18.10
N MET C 22 8.40 5.19 -18.44
CA MET C 22 8.96 3.91 -18.03
C MET C 22 9.65 3.99 -16.68
N THR C 23 9.71 5.20 -16.13
CA THR C 23 10.19 5.42 -14.77
C THR C 23 9.05 5.34 -13.75
N ASP C 24 7.88 4.92 -14.24
CA ASP C 24 6.70 4.72 -13.40
C ASP C 24 6.84 3.48 -12.51
N ILE C 25 7.55 2.50 -13.05
CA ILE C 25 7.83 1.23 -12.38
C ILE C 25 9.23 1.21 -11.84
N LEU C 26 9.80 2.41 -11.68
CA LEU C 26 11.03 2.68 -10.92
C LEU C 26 10.75 3.03 -9.45
N SER C 27 9.68 3.79 -9.23
CA SER C 27 9.35 4.33 -7.90
C SER C 27 8.94 3.27 -6.88
N ARG C 28 8.29 2.21 -7.34
CA ARG C 28 7.76 1.18 -6.44
C ARG C 28 8.07 -0.26 -6.84
N GLY C 29 9.20 -0.45 -7.53
CA GLY C 29 9.68 -1.79 -7.86
C GLY C 29 10.88 -2.15 -7.00
N PRO C 30 11.89 -2.82 -7.59
CA PRO C 30 13.17 -3.03 -6.90
C PRO C 30 13.85 -1.69 -6.59
N LYS C 31 14.36 -1.57 -5.38
CA LYS C 31 14.84 -0.30 -4.92
C LYS C 31 16.30 -0.14 -5.06
N SER C 32 16.92 -1.03 -5.82
CA SER C 32 18.27 -0.91 -6.39
C SER C 32 18.24 -0.79 -7.91
N MET C 33 17.18 -0.18 -8.44
CA MET C 33 17.01 0.01 -9.88
C MET C 33 17.86 1.17 -10.40
N ILE C 34 18.56 0.92 -11.50
CA ILE C 34 19.32 1.96 -12.20
C ILE C 34 18.59 2.28 -13.51
N SER C 35 17.85 3.38 -13.52
CA SER C 35 17.00 3.75 -14.65
C SER C 35 17.66 4.79 -15.55
N LEU C 36 17.50 4.60 -16.86
CA LEU C 36 17.97 5.58 -17.83
C LEU C 36 16.85 6.02 -18.77
N ALA C 37 15.62 5.65 -18.42
CA ALA C 37 14.47 5.90 -19.28
C ALA C 37 14.04 7.36 -19.22
N GLY C 38 14.24 7.98 -18.07
CA GLY C 38 13.61 9.25 -17.76
C GLY C 38 14.10 10.38 -18.64
N GLY C 39 13.35 11.47 -18.69
CA GLY C 39 13.76 12.67 -19.42
C GLY C 39 14.20 13.91 -18.62
N LEU C 40 14.25 13.84 -17.27
CA LEU C 40 14.52 15.05 -16.44
C LEU C 40 15.91 15.53 -16.78
N PRO C 41 16.11 16.85 -16.89
CA PRO C 41 17.48 17.26 -16.98
C PRO C 41 18.20 17.03 -15.60
N ASN C 42 19.54 17.04 -15.59
CA ASN C 42 20.27 16.93 -14.33
C ASN C 42 20.06 18.20 -13.48
N PRO C 43 19.43 18.08 -12.30
CA PRO C 43 19.12 19.30 -11.50
C PRO C 43 20.37 20.00 -10.85
N ASN C 44 21.49 19.31 -10.66
CA ASN C 44 22.68 19.97 -10.06
C ASN C 44 23.23 21.08 -10.94
N MET C 45 22.71 21.22 -12.16
CA MET C 45 23.28 22.16 -13.15
C MET C 45 22.71 23.57 -13.00
N PHE C 46 21.66 23.62 -12.22
CA PHE C 46 20.91 24.82 -11.99
C PHE C 46 21.58 25.67 -10.87
N PRO C 47 21.51 27.01 -11.02
CA PRO C 47 22.32 27.97 -10.31
C PRO C 47 21.78 28.28 -8.93
N PHE C 48 20.47 28.17 -8.73
CA PHE C 48 19.84 28.52 -7.46
C PHE C 48 19.98 27.35 -6.53
N LYS C 49 20.36 27.62 -5.26
CA LYS C 49 20.75 26.56 -4.36
C LYS C 49 19.84 26.46 -3.09
N THR C 50 19.38 27.63 -2.58
CA THR C 50 18.60 27.69 -1.34
C THR C 50 17.73 28.91 -1.39
N ALA C 51 16.62 28.87 -0.68
CA ALA C 51 15.75 30.02 -0.61
C ALA C 51 15.26 30.16 0.81
N VAL C 52 15.18 31.41 1.25
CA VAL C 52 14.52 31.75 2.50
C VAL C 52 13.40 32.70 2.15
N ILE C 53 12.18 32.43 2.59
CA ILE C 53 11.00 33.24 2.18
C ILE C 53 10.29 33.50 3.47
N THR C 54 10.13 34.78 3.78
CA THR C 54 9.53 35.16 5.02
C THR C 54 8.05 35.31 4.83
N VAL C 55 7.32 34.64 5.72
CA VAL C 55 5.89 34.77 5.81
C VAL C 55 5.46 35.59 7.04
N GLU C 56 4.48 36.48 6.79
CA GLU C 56 3.74 37.19 7.84
C GLU C 56 2.64 36.28 8.42
N ASN C 57 2.63 36.06 9.73
CA ASN C 57 1.70 35.10 10.40
C ASN C 57 2.05 33.60 10.22
N GLY C 58 3.27 33.28 9.78
CA GLY C 58 3.65 31.90 9.52
C GLY C 58 5.12 31.62 9.77
N LYS C 59 5.50 30.34 9.80
CA LYS C 59 6.91 29.95 9.82
C LYS C 59 7.53 30.39 8.50
N THR C 60 8.79 30.82 8.61
CA THR C 60 9.64 31.16 7.49
C THR C 60 9.75 29.96 6.58
N ILE C 61 9.50 30.18 5.29
CA ILE C 61 9.61 29.06 4.36
C ILE C 61 11.08 28.83 3.92
N GLN C 62 11.60 27.62 4.04
CA GLN C 62 12.99 27.47 3.61
C GLN C 62 13.18 26.32 2.70
N PHE C 63 14.04 26.50 1.71
CA PHE C 63 14.39 25.45 0.82
C PHE C 63 15.84 25.08 0.98
N GLY C 64 16.17 23.89 1.54
CA GLY C 64 17.56 23.43 1.61
C GLY C 64 17.98 22.96 0.24
N GLU C 65 19.21 22.51 0.08
CA GLU C 65 19.67 22.08 -1.24
C GLU C 65 18.77 21.02 -1.93
N GLU C 66 18.30 20.04 -1.17
CA GLU C 66 17.64 18.93 -1.78
C GLU C 66 16.24 19.37 -2.23
N MET C 67 15.53 20.05 -1.33
CA MET C 67 14.24 20.68 -1.58
C MET C 67 14.31 21.67 -2.76
N MET C 68 15.33 22.52 -2.77
CA MET C 68 15.57 23.47 -3.86
C MET C 68 15.74 22.77 -5.20
N LYS C 69 16.29 21.56 -5.17
CA LYS C 69 16.47 20.79 -6.37
C LYS C 69 15.12 20.24 -6.91
N ARG C 70 14.26 19.86 -5.99
CA ARG C 70 12.96 19.43 -6.34
C ARG C 70 12.20 20.62 -6.89
N ALA C 71 12.37 21.79 -6.25
CA ALA C 71 11.60 22.99 -6.64
C ALA C 71 11.89 23.48 -8.07
N LEU C 72 13.05 23.07 -8.60
CA LEU C 72 13.64 23.57 -9.86
C LEU C 72 13.55 22.48 -10.97
N GLN C 73 13.03 21.28 -10.57
CA GLN C 73 12.90 20.13 -11.46
C GLN C 73 11.45 19.97 -12.04
N TYR C 74 11.33 19.28 -13.17
CA TYR C 74 10.03 18.89 -13.65
C TYR C 74 9.34 18.22 -12.45
N SER C 75 8.03 18.50 -12.31
CA SER C 75 7.15 17.76 -11.39
C SER C 75 5.79 17.25 -12.08
N PRO C 76 4.89 16.61 -11.32
CA PRO C 76 3.78 15.90 -11.97
C PRO C 76 2.80 16.86 -12.63
N SER C 77 2.11 16.36 -13.66
CA SER C 77 1.21 17.13 -14.51
C SER C 77 0.12 17.86 -13.76
N ALA C 78 -0.52 17.22 -12.77
CA ALA C 78 -1.73 17.83 -12.15
C ALA C 78 -1.50 18.50 -10.82
N GLY C 79 -0.26 18.56 -10.39
CA GLY C 79 0.16 19.35 -9.22
C GLY C 79 1.02 18.44 -8.39
N ILE C 80 1.87 18.96 -7.53
CA ILE C 80 2.53 18.11 -6.55
C ILE C 80 1.59 17.37 -5.55
N PRO C 81 1.95 16.16 -5.07
CA PRO C 81 1.04 15.38 -4.18
C PRO C 81 0.63 16.08 -2.90
N GLU C 82 1.53 16.83 -2.28
CA GLU C 82 1.20 17.52 -1.07
C GLU C 82 0.07 18.55 -1.26
N LEU C 83 0.20 19.36 -2.32
CA LEU C 83 -0.70 20.49 -2.49
C LEU C 83 -1.98 19.90 -2.99
N LEU C 84 -1.88 18.71 -3.55
CA LEU C 84 -3.01 18.16 -4.26
C LEU C 84 -3.92 17.49 -3.23
N SER C 85 -3.33 16.91 -2.17
CA SER C 85 -4.16 16.32 -1.14
C SER C 85 -4.75 17.40 -0.29
N TRP C 86 -3.98 18.45 -0.07
CA TRP C 86 -4.38 19.49 0.85
C TRP C 86 -5.46 20.34 0.15
N LEU C 87 -5.28 20.60 -1.13
CA LEU C 87 -6.42 21.09 -1.94
C LEU C 87 -7.64 20.13 -2.03
N LYS C 88 -7.43 18.83 -2.23
CA LYS C 88 -8.63 17.93 -2.19
C LYS C 88 -9.25 17.85 -0.78
N GLN C 89 -8.43 17.84 0.27
CA GLN C 89 -8.96 17.85 1.60
C GLN C 89 -9.75 19.13 1.90
N LEU C 90 -9.44 20.24 1.23
CA LEU C 90 -10.08 21.47 1.57
C LEU C 90 -11.45 21.51 0.88
N GLN C 91 -11.51 21.00 -0.33
CA GLN C 91 -12.74 20.84 -1.02
C GLN C 91 -13.77 19.96 -0.26
N ILE C 92 -13.29 18.87 0.33
CA ILE C 92 -14.08 18.02 1.21
C ILE C 92 -14.53 18.70 2.51
N LYS C 93 -13.65 19.44 3.17
CA LYS C 93 -14.06 20.15 4.37
C LYS C 93 -15.05 21.27 4.08
N LEU C 94 -14.78 22.01 3.01
CA LEU C 94 -15.38 23.29 2.74
C LEU C 94 -16.70 23.06 2.04
N HIS C 95 -16.82 21.90 1.43
CA HIS C 95 -17.78 21.72 0.35
C HIS C 95 -18.45 20.35 0.42
N ASN C 96 -17.74 19.37 0.92
CA ASN C 96 -18.20 17.98 0.90
C ASN C 96 -18.93 17.49 -0.34
N PRO C 97 -18.38 17.81 -1.50
CA PRO C 97 -18.96 17.40 -2.77
C PRO C 97 -19.59 16.01 -2.78
N PRO C 98 -20.86 15.92 -3.15
CA PRO C 98 -21.60 14.65 -3.10
C PRO C 98 -20.92 13.52 -3.86
N THR C 99 -19.97 13.87 -4.73
CA THR C 99 -19.40 12.92 -5.66
C THR C 99 -18.09 12.26 -5.22
N ILE C 100 -17.61 12.59 -4.03
CA ILE C 100 -16.30 12.12 -3.61
C ILE C 100 -15.98 10.61 -3.77
N HIS C 101 -16.90 9.74 -3.37
CA HIS C 101 -16.65 8.31 -3.32
C HIS C 101 -17.36 7.59 -4.45
N TYR C 102 -17.96 8.37 -5.37
CA TYR C 102 -18.44 7.79 -6.62
C TYR C 102 -17.34 6.98 -7.27
N PRO C 103 -17.70 6.15 -8.29
CA PRO C 103 -16.79 5.57 -9.24
C PRO C 103 -16.14 6.59 -10.18
N PRO C 104 -14.86 6.38 -10.53
CA PRO C 104 -14.22 7.30 -11.45
C PRO C 104 -15.08 7.59 -12.69
N SER C 105 -15.45 6.56 -13.44
CA SER C 105 -16.26 6.74 -14.63
C SER C 105 -17.56 7.47 -14.31
N GLN C 106 -18.00 7.37 -13.07
CA GLN C 106 -19.29 7.91 -12.66
C GLN C 106 -19.14 9.32 -12.09
N GLY C 107 -18.00 9.94 -12.38
CA GLY C 107 -17.86 11.37 -12.20
C GLY C 107 -17.20 11.75 -10.89
N GLN C 108 -16.44 10.82 -10.34
CA GLN C 108 -15.79 11.02 -9.04
C GLN C 108 -15.07 12.37 -9.00
N MET C 109 -15.19 13.07 -7.87
CA MET C 109 -14.58 14.38 -7.72
C MET C 109 -13.07 14.32 -7.89
N ASP C 110 -12.57 15.01 -8.91
CA ASP C 110 -11.12 15.11 -9.14
C ASP C 110 -10.67 16.62 -9.08
N LEU C 111 -9.37 16.84 -8.91
CA LEU C 111 -8.71 18.14 -8.80
C LEU C 111 -7.36 18.07 -9.48
N CYS C 112 -7.08 19.10 -10.30
CA CYS C 112 -5.71 19.44 -10.72
C CYS C 112 -5.29 20.88 -10.36
N VAL C 113 -4.07 21.03 -9.88
CA VAL C 113 -3.46 22.35 -9.78
C VAL C 113 -3.28 22.89 -11.21
N THR C 114 -3.71 24.15 -11.42
CA THR C 114 -3.53 24.85 -12.69
C THR C 114 -2.66 26.13 -12.53
N SER C 115 -2.12 26.64 -13.63
CA SER C 115 -1.39 27.86 -13.62
C SER C 115 -2.30 29.08 -13.43
N GLY C 116 -2.90 29.26 -12.27
CA GLY C 116 -3.87 30.33 -12.05
C GLY C 116 -5.17 29.78 -12.59
N SER C 117 -6.28 30.13 -11.95
CA SER C 117 -7.57 29.52 -12.22
C SER C 117 -8.00 29.61 -13.71
N GLN C 118 -7.48 30.59 -14.41
CA GLN C 118 -8.02 30.84 -15.75
C GLN C 118 -7.46 29.89 -16.78
N GLN C 119 -6.39 29.18 -16.38
CA GLN C 119 -5.77 28.22 -17.27
C GLN C 119 -6.69 27.07 -17.35
N GLY C 120 -7.23 26.66 -16.20
CA GLY C 120 -8.18 25.56 -16.16
C GLY C 120 -9.54 25.96 -16.71
N LEU C 121 -9.93 27.21 -16.47
CA LEU C 121 -11.09 27.80 -17.14
C LEU C 121 -10.98 27.64 -18.66
N CYS C 122 -9.82 27.97 -19.19
CA CYS C 122 -9.63 28.03 -20.63
C CYS C 122 -9.74 26.65 -21.26
N LYS C 123 -9.04 25.69 -20.67
CA LYS C 123 -8.99 24.34 -21.21
C LYS C 123 -10.33 23.61 -21.01
N VAL C 124 -11.17 24.10 -20.10
CA VAL C 124 -12.52 23.64 -20.01
C VAL C 124 -13.46 24.05 -21.22
N PHE C 125 -13.44 25.35 -21.61
CA PHE C 125 -14.18 25.80 -22.82
C PHE C 125 -13.70 25.04 -24.04
N GLU C 126 -12.36 24.87 -24.15
CA GLU C 126 -11.77 24.17 -25.34
C GLU C 126 -12.15 22.66 -25.42
N MET C 127 -12.31 22.03 -24.28
CA MET C 127 -12.87 20.68 -24.26
C MET C 127 -14.28 20.62 -24.82
N ILE C 128 -15.05 21.64 -24.44
CA ILE C 128 -16.47 21.48 -24.37
C ILE C 128 -17.04 21.84 -25.70
N ILE C 129 -16.57 22.98 -26.24
CA ILE C 129 -17.24 23.76 -27.25
C ILE C 129 -16.90 23.41 -28.71
N ASN C 130 -17.93 23.06 -29.50
CA ASN C 130 -17.84 23.12 -31.00
C ASN C 130 -18.49 24.36 -31.59
N PRO C 131 -17.90 24.93 -32.69
CA PRO C 131 -18.52 26.13 -33.19
C PRO C 131 -20.06 26.00 -33.54
N GLY C 132 -20.83 27.01 -33.20
CA GLY C 132 -22.29 26.90 -33.32
C GLY C 132 -22.96 26.35 -32.07
N ASP C 133 -22.21 25.84 -31.12
CA ASP C 133 -22.88 25.44 -29.88
C ASP C 133 -23.47 26.61 -29.10
N ASN C 134 -24.38 26.27 -28.20
CA ASN C 134 -25.02 27.25 -27.36
C ASN C 134 -24.50 27.16 -25.96
N VAL C 135 -24.06 28.32 -25.45
CA VAL C 135 -23.76 28.45 -24.03
C VAL C 135 -24.54 29.54 -23.30
N LEU C 136 -24.79 29.27 -22.01
CA LEU C 136 -25.53 30.15 -21.15
C LEU C 136 -24.60 30.90 -20.13
N LEU C 137 -24.79 32.23 -20.03
CA LEU C 137 -24.21 33.06 -18.96
C LEU C 137 -24.98 34.36 -18.72
N ASP C 138 -24.54 35.18 -17.76
CA ASP C 138 -25.16 36.47 -17.49
C ASP C 138 -24.23 37.65 -17.79
N GLU C 139 -24.68 38.52 -18.70
CA GLU C 139 -24.10 39.85 -18.89
C GLU C 139 -24.67 40.65 -17.72
N PRO C 140 -23.88 41.57 -17.10
CA PRO C 140 -22.46 41.86 -17.36
C PRO C 140 -21.71 40.64 -16.97
N ALA C 141 -20.75 40.24 -17.81
CA ALA C 141 -19.87 39.08 -17.52
C ALA C 141 -18.42 39.50 -17.60
N TYR C 142 -17.47 38.69 -17.13
CA TYR C 142 -16.10 39.21 -17.14
C TYR C 142 -15.42 39.25 -18.51
N SER C 143 -14.84 40.41 -18.80
CA SER C 143 -14.22 40.67 -20.10
C SER C 143 -13.43 39.46 -20.64
N GLY C 144 -12.49 38.93 -19.85
CA GLY C 144 -11.59 37.88 -20.32
C GLY C 144 -12.24 36.57 -20.69
N THR C 145 -13.36 36.27 -20.01
CA THR C 145 -14.18 35.15 -20.35
C THR C 145 -14.88 35.32 -21.70
N LEU C 146 -15.28 36.56 -22.02
CA LEU C 146 -15.93 36.94 -23.28
C LEU C 146 -14.92 36.81 -24.40
N GLN C 147 -13.72 37.34 -24.16
CA GLN C 147 -12.77 37.34 -25.23
C GLN C 147 -12.21 35.91 -25.47
N SER C 148 -12.47 35.07 -24.47
CA SER C 148 -12.13 33.65 -24.48
C SER C 148 -13.17 32.80 -25.18
N LEU C 149 -14.46 32.97 -24.83
CA LEU C 149 -15.59 32.30 -25.50
C LEU C 149 -15.73 32.77 -26.95
N HIS C 150 -15.57 34.08 -27.20
CA HIS C 150 -15.73 34.67 -28.55
C HIS C 150 -15.16 33.82 -29.69
N PRO C 151 -13.84 33.48 -29.62
CA PRO C 151 -13.18 32.93 -30.79
C PRO C 151 -13.42 31.44 -30.87
N LEU C 152 -13.99 30.88 -29.82
CA LEU C 152 -14.46 29.51 -29.84
C LEU C 152 -15.74 29.32 -30.75
N GLY C 153 -16.40 30.40 -31.13
CA GLY C 153 -17.50 30.31 -32.09
C GLY C 153 -18.77 29.69 -31.53
N CYS C 154 -18.97 29.83 -30.22
CA CYS C 154 -20.24 29.50 -29.61
C CYS C 154 -21.21 30.66 -29.79
N ASN C 155 -22.51 30.36 -29.70
CA ASN C 155 -23.56 31.36 -29.52
C ASN C 155 -23.72 31.49 -28.02
N ILE C 156 -23.47 32.68 -27.52
CA ILE C 156 -23.67 32.99 -26.08
C ILE C 156 -25.14 33.34 -25.84
N ILE C 157 -25.80 32.74 -24.84
CA ILE C 157 -27.15 33.18 -24.44
C ILE C 157 -27.22 33.81 -23.03
N ASN C 158 -27.64 35.05 -23.05
CA ASN C 158 -27.58 35.95 -21.90
C ASN C 158 -28.75 35.60 -21.01
N VAL C 159 -28.49 35.53 -19.72
CA VAL C 159 -29.56 35.25 -18.77
C VAL C 159 -29.76 36.54 -18.00
N ALA C 160 -30.99 36.98 -17.78
CA ALA C 160 -31.15 38.23 -17.06
C ALA C 160 -30.47 38.04 -15.72
N SER C 161 -29.79 39.08 -15.25
CA SER C 161 -29.18 38.95 -13.92
C SER C 161 -29.66 40.14 -13.16
N ASP C 162 -29.54 40.10 -11.83
CA ASP C 162 -29.77 41.30 -11.03
C ASP C 162 -28.85 41.34 -9.80
N GLU C 163 -29.28 42.05 -8.75
CA GLU C 163 -28.53 42.15 -7.49
C GLU C 163 -28.30 40.81 -6.80
N SER C 164 -29.12 39.80 -7.12
CA SER C 164 -28.90 38.41 -6.64
C SER C 164 -28.30 37.42 -7.66
N GLY C 165 -27.61 37.91 -8.70
CA GLY C 165 -27.11 37.07 -9.79
C GLY C 165 -28.18 36.64 -10.80
N ILE C 166 -27.98 35.47 -11.36
CA ILE C 166 -28.84 34.94 -12.41
C ILE C 166 -30.27 34.85 -11.90
N VAL C 167 -31.19 35.40 -12.69
CA VAL C 167 -32.63 35.27 -12.39
C VAL C 167 -33.01 33.88 -12.96
N PRO C 168 -33.39 32.92 -12.08
CA PRO C 168 -33.67 31.57 -12.47
C PRO C 168 -34.86 31.47 -13.41
N ASP C 169 -35.84 32.36 -13.23
CA ASP C 169 -36.94 32.46 -14.19
C ASP C 169 -36.49 32.87 -15.57
N SER C 170 -35.46 33.69 -15.64
CA SER C 170 -34.99 34.05 -16.96
C SER C 170 -34.31 32.78 -17.50
N LEU C 171 -33.85 31.93 -16.59
CA LEU C 171 -33.20 30.71 -16.99
C LEU C 171 -34.25 29.68 -17.52
N ARG C 172 -35.27 29.40 -16.72
CA ARG C 172 -36.40 28.56 -17.11
C ARG C 172 -36.98 28.99 -18.45
N ASP C 173 -37.38 30.26 -18.55
CA ASP C 173 -38.02 30.76 -19.76
C ASP C 173 -37.12 30.63 -21.00
N ILE C 174 -35.81 30.74 -20.81
CA ILE C 174 -34.86 30.58 -21.93
C ILE C 174 -34.79 29.13 -22.40
N LEU C 175 -34.78 28.23 -21.42
CA LEU C 175 -34.63 26.80 -21.63
C LEU C 175 -35.90 26.19 -22.20
N SER C 176 -37.03 26.87 -22.00
CA SER C 176 -38.30 26.42 -22.55
C SER C 176 -38.26 26.37 -24.07
N ARG C 177 -37.29 27.06 -24.65
CA ARG C 177 -36.90 26.82 -26.04
C ARG C 177 -36.93 25.34 -26.37
N TRP C 178 -36.65 24.50 -25.38
CA TRP C 178 -36.45 23.08 -25.60
C TRP C 178 -37.40 22.25 -24.74
N LYS C 179 -37.50 20.97 -25.06
CA LYS C 179 -38.09 20.00 -24.15
C LYS C 179 -36.86 19.45 -23.48
N PRO C 180 -36.97 18.96 -22.22
CA PRO C 180 -35.88 18.21 -21.56
C PRO C 180 -35.30 17.07 -22.40
N GLU C 181 -36.20 16.27 -23.01
CA GLU C 181 -35.83 15.11 -23.86
C GLU C 181 -34.89 15.52 -24.99
N ASP C 182 -34.89 16.82 -25.30
CA ASP C 182 -34.04 17.41 -26.32
C ASP C 182 -32.50 17.31 -25.93
N ALA C 183 -32.21 17.24 -24.63
CA ALA C 183 -30.83 17.12 -24.14
C ALA C 183 -30.09 15.84 -24.61
N LYS C 184 -30.80 14.72 -24.74
CA LYS C 184 -30.21 13.49 -25.26
C LYS C 184 -30.12 13.50 -26.76
N ASN C 185 -30.60 14.59 -27.34
CA ASN C 185 -30.79 14.69 -28.76
C ASN C 185 -29.81 15.75 -29.23
N PRO C 186 -28.63 15.29 -29.70
CA PRO C 186 -27.52 16.24 -30.00
C PRO C 186 -27.86 17.33 -31.02
N GLN C 187 -28.76 17.03 -31.95
CA GLN C 187 -28.91 17.89 -33.12
C GLN C 187 -29.80 19.12 -32.77
N LYS C 188 -30.42 19.07 -31.59
CA LYS C 188 -31.27 20.15 -31.10
C LYS C 188 -30.54 21.40 -30.62
N ASN C 189 -29.31 21.23 -30.16
CA ASN C 189 -28.47 22.36 -29.81
C ASN C 189 -28.74 22.84 -28.40
N THR C 190 -29.22 21.94 -27.57
CA THR C 190 -29.27 22.23 -26.17
C THR C 190 -27.94 22.82 -25.67
N PRO C 191 -28.04 23.81 -24.81
CA PRO C 191 -26.85 24.42 -24.25
C PRO C 191 -25.91 23.36 -23.70
N LYS C 192 -24.62 23.61 -23.80
CA LYS C 192 -23.63 22.70 -23.25
C LYS C 192 -23.37 22.98 -21.79
N PHE C 193 -23.47 24.24 -21.41
CA PHE C 193 -23.21 24.65 -20.01
C PHE C 193 -23.68 26.06 -19.68
N LEU C 194 -23.99 26.28 -18.39
CA LEU C 194 -24.12 27.60 -17.75
C LEU C 194 -22.85 28.04 -17.02
N TYR C 195 -22.18 29.04 -17.60
CA TYR C 195 -21.06 29.72 -16.99
C TYR C 195 -21.52 30.82 -16.04
N THR C 196 -21.08 30.76 -14.78
CA THR C 196 -21.37 31.78 -13.78
C THR C 196 -20.19 32.06 -12.82
N VAL C 197 -20.03 33.33 -12.43
CA VAL C 197 -19.34 33.67 -11.20
C VAL C 197 -20.31 33.99 -10.09
N PRO C 198 -20.43 33.07 -9.13
CA PRO C 198 -21.55 33.06 -8.19
C PRO C 198 -21.34 34.04 -7.04
N ASN C 199 -20.08 34.42 -6.81
CA ASN C 199 -19.75 35.38 -5.77
C ASN C 199 -19.08 36.62 -6.31
N GLY C 200 -19.58 37.78 -5.91
CA GLY C 200 -19.01 39.06 -6.33
C GLY C 200 -18.57 39.03 -7.79
N ASN C 201 -19.52 39.03 -8.70
CA ASN C 201 -19.17 38.90 -10.08
C ASN C 201 -18.15 39.98 -10.37
N ASN C 202 -17.18 39.69 -11.24
CA ASN C 202 -16.52 40.77 -12.00
C ASN C 202 -17.34 41.07 -13.23
N PRO C 203 -17.88 42.31 -13.38
CA PRO C 203 -17.72 43.61 -12.71
C PRO C 203 -18.78 44.09 -11.68
N THR C 204 -19.93 43.40 -11.56
CA THR C 204 -21.07 43.85 -10.74
C THR C 204 -20.85 43.75 -9.25
N GLY C 205 -20.07 42.75 -8.86
CA GLY C 205 -19.93 42.38 -7.45
C GLY C 205 -21.16 41.80 -6.79
N ASN C 206 -22.19 41.48 -7.61
CA ASN C 206 -23.35 40.70 -7.15
C ASN C 206 -23.02 39.24 -6.95
N SER C 207 -23.72 38.58 -6.02
CA SER C 207 -23.53 37.17 -5.74
C SER C 207 -24.87 36.53 -5.81
N LEU C 208 -24.89 35.30 -6.32
CA LEU C 208 -26.02 34.37 -6.25
C LEU C 208 -26.47 34.05 -4.83
N THR C 209 -27.70 33.61 -4.66
CA THR C 209 -28.12 33.26 -3.30
C THR C 209 -28.16 31.77 -3.20
N SER C 210 -28.38 31.29 -1.99
CA SER C 210 -28.56 29.90 -1.74
C SER C 210 -29.81 29.36 -2.43
N GLU C 211 -30.94 30.03 -2.25
CA GLU C 211 -32.18 29.64 -2.91
C GLU C 211 -31.97 29.50 -4.42
N ARG C 212 -31.25 30.44 -5.01
CA ARG C 212 -31.19 30.59 -6.45
C ARG C 212 -30.28 29.52 -7.06
N LYS C 213 -29.16 29.26 -6.41
CA LYS C 213 -28.25 28.20 -6.84
C LYS C 213 -28.95 26.85 -6.89
N LYS C 214 -29.83 26.61 -5.91
CA LYS C 214 -30.58 25.36 -5.85
C LYS C 214 -31.53 25.22 -7.09
N GLU C 215 -32.27 26.29 -7.44
CA GLU C 215 -33.14 26.26 -8.65
C GLU C 215 -32.38 26.11 -9.95
N ILE C 216 -31.32 26.92 -10.12
CA ILE C 216 -30.39 26.76 -11.26
C ILE C 216 -29.84 25.33 -11.36
N TYR C 217 -29.58 24.69 -10.22
CA TYR C 217 -29.14 23.31 -10.26
C TYR C 217 -30.22 22.43 -10.87
N GLU C 218 -31.45 22.58 -10.35
CA GLU C 218 -32.61 21.84 -10.89
C GLU C 218 -32.78 22.09 -12.38
N LEU C 219 -32.62 23.32 -12.82
CA LEU C 219 -32.63 23.61 -14.24
C LEU C 219 -31.55 22.87 -15.02
N ALA C 220 -30.33 22.89 -14.51
CA ALA C 220 -29.23 22.23 -15.17
C ALA C 220 -29.49 20.75 -15.32
N ARG C 221 -30.03 20.16 -14.25
CA ARG C 221 -30.38 18.76 -14.26
C ARG C 221 -31.54 18.39 -15.18
N LYS C 222 -32.57 19.23 -15.24
CA LYS C 222 -33.75 18.96 -16.05
C LYS C 222 -33.37 18.99 -17.51
N TYR C 223 -32.23 19.60 -17.79
CA TYR C 223 -31.86 19.91 -19.15
C TYR C 223 -30.45 19.38 -19.43
N ASP C 224 -29.88 18.71 -18.45
CA ASP C 224 -28.55 18.10 -18.54
C ASP C 224 -27.51 18.94 -19.23
N PHE C 225 -27.36 20.18 -18.81
CA PHE C 225 -26.15 20.91 -19.08
C PHE C 225 -25.17 20.97 -17.91
N LEU C 226 -23.92 21.27 -18.21
CA LEU C 226 -22.90 21.44 -17.18
C LEU C 226 -23.03 22.78 -16.48
N ILE C 227 -22.45 22.88 -15.29
CA ILE C 227 -22.29 24.19 -14.61
C ILE C 227 -20.80 24.50 -14.50
N ILE C 228 -20.35 25.56 -15.14
CA ILE C 228 -19.01 26.04 -14.82
C ILE C 228 -19.11 27.18 -13.83
N GLU C 229 -18.71 26.90 -12.58
CA GLU C 229 -18.79 27.87 -11.50
C GLU C 229 -17.39 28.52 -11.31
N ASP C 230 -17.28 29.79 -11.71
CA ASP C 230 -16.00 30.49 -11.69
C ASP C 230 -15.89 31.40 -10.47
N ASP C 231 -15.15 30.95 -9.47
CA ASP C 231 -15.36 31.39 -8.09
C ASP C 231 -14.06 31.86 -7.46
N PRO C 232 -13.44 32.87 -8.05
CA PRO C 232 -12.16 33.38 -7.56
C PRO C 232 -12.34 34.36 -6.40
N TYR C 233 -13.59 34.72 -6.13
CA TYR C 233 -13.90 35.61 -4.97
C TYR C 233 -14.61 34.80 -3.87
N TYR C 234 -14.59 33.47 -4.01
CA TYR C 234 -15.22 32.61 -3.02
C TYR C 234 -14.70 32.90 -1.60
N PHE C 235 -13.43 33.31 -1.48
CA PHE C 235 -12.85 33.70 -0.17
C PHE C 235 -12.87 35.20 0.15
N LEU C 236 -13.40 35.97 -0.78
CA LEU C 236 -13.66 37.37 -0.47
C LEU C 236 -15.15 37.68 -0.19
N GLN C 237 -15.88 36.71 0.36
CA GLN C 237 -17.24 36.98 0.79
C GLN C 237 -17.30 37.72 2.11
N PHE C 238 -18.07 38.83 2.13
CA PHE C 238 -18.30 39.69 3.28
C PHE C 238 -19.28 39.17 4.33
N ASN C 239 -20.31 38.48 3.85
CA ASN C 239 -21.14 37.71 4.78
C ASN C 239 -20.32 36.54 5.32
N LYS C 240 -20.05 36.63 6.61
CA LYS C 240 -19.33 35.61 7.36
C LYS C 240 -19.81 34.20 7.08
N PHE C 241 -21.11 34.07 6.85
CA PHE C 241 -21.69 32.80 6.46
C PHE C 241 -21.67 32.72 4.93
N ARG C 242 -20.90 31.75 4.42
CA ARG C 242 -20.66 31.63 2.99
C ARG C 242 -21.81 30.88 2.32
N VAL C 243 -22.21 31.40 1.16
CA VAL C 243 -23.21 30.74 0.40
C VAL C 243 -22.59 29.45 -0.09
N PRO C 244 -23.32 28.31 0.13
CA PRO C 244 -23.08 27.00 -0.47
C PRO C 244 -22.81 27.11 -1.95
N THR C 245 -21.86 26.30 -2.46
CA THR C 245 -21.45 26.36 -3.86
C THR C 245 -22.28 25.46 -4.73
N PHE C 246 -22.07 25.52 -6.03
CA PHE C 246 -22.69 24.55 -6.87
C PHE C 246 -22.11 23.17 -6.58
N LEU C 247 -20.82 23.13 -6.14
CA LEU C 247 -20.06 21.90 -6.04
C LEU C 247 -20.59 21.08 -4.91
N SER C 248 -20.87 21.74 -3.78
CA SER C 248 -21.57 21.10 -2.64
C SER C 248 -22.94 20.47 -2.95
N MET C 249 -23.51 20.74 -4.12
CA MET C 249 -24.89 20.28 -4.46
C MET C 249 -24.93 19.50 -5.81
N ASP C 250 -23.74 19.12 -6.25
CA ASP C 250 -23.54 18.47 -7.50
C ASP C 250 -23.57 16.95 -7.29
N VAL C 251 -24.77 16.45 -6.99
CA VAL C 251 -24.97 15.01 -6.79
C VAL C 251 -24.88 14.25 -8.11
N ASP C 252 -25.00 14.99 -9.22
CA ASP C 252 -24.87 14.45 -10.61
C ASP C 252 -23.47 14.25 -11.24
N GLY C 253 -22.48 14.97 -10.75
CA GLY C 253 -21.20 15.13 -11.41
C GLY C 253 -21.34 16.07 -12.61
N ARG C 254 -22.04 17.18 -12.45
CA ARG C 254 -22.23 18.07 -13.62
C ARG C 254 -21.61 19.47 -13.45
N VAL C 255 -20.82 19.62 -12.36
CA VAL C 255 -20.24 20.93 -11.95
C VAL C 255 -18.72 20.91 -12.07
N ILE C 256 -18.19 21.83 -12.86
CA ILE C 256 -16.76 22.06 -12.92
C ILE C 256 -16.48 23.34 -12.08
N ARG C 257 -15.77 23.18 -10.99
CA ARG C 257 -15.32 24.34 -10.19
C ARG C 257 -14.00 24.91 -10.64
N ALA C 258 -13.93 26.22 -10.92
CA ALA C 258 -12.61 26.93 -10.90
C ALA C 258 -12.45 27.70 -9.60
N ASP C 259 -11.26 27.60 -8.99
CA ASP C 259 -10.90 28.16 -7.65
C ASP C 259 -9.60 28.88 -7.80
N SER C 260 -9.45 29.97 -7.01
CA SER C 260 -8.41 30.89 -7.26
C SER C 260 -7.65 31.28 -5.96
N PHE C 261 -6.36 31.43 -6.13
CA PHE C 261 -5.46 31.97 -5.11
C PHE C 261 -5.04 33.42 -5.38
N SER C 262 -5.39 33.92 -6.54
CA SER C 262 -5.04 35.28 -6.95
C SER C 262 -5.42 36.52 -6.03
N1 LLP C 263 -12.02 35.28 -12.81
C2 LLP C 263 -12.45 36.49 -12.35
C2' LLP C 263 -13.82 36.94 -12.74
C3 LLP C 263 -11.64 37.28 -11.54
O3 LLP C 263 -12.06 38.36 -11.14
C4 LLP C 263 -10.37 36.84 -11.19
C4' LLP C 263 -9.49 37.67 -10.32
C5 LLP C 263 -9.94 35.61 -11.68
C6 LLP C 263 -10.77 34.85 -12.46
C5' LLP C 263 -8.59 35.08 -11.34
OP4 LLP C 263 -7.67 34.60 -12.37
P LLP C 263 -6.47 33.65 -11.99
OP1 LLP C 263 -5.43 34.51 -11.50
OP2 LLP C 263 -7.03 32.75 -10.99
OP3 LLP C 263 -6.10 33.03 -13.24
N LLP C 263 -6.38 36.36 -5.13
CA LLP C 263 -6.75 37.49 -4.29
CB LLP C 263 -8.24 37.80 -4.38
CG LLP C 263 -8.67 38.45 -5.69
CD LLP C 263 -8.77 37.42 -6.79
CE LLP C 263 -8.74 38.02 -8.16
NZ LLP C 263 -9.37 37.11 -9.12
C LLP C 263 -6.31 37.28 -2.87
O LLP C 263 -6.28 38.20 -2.09
N ILE C 264 -5.93 36.04 -2.58
CA ILE C 264 -5.61 35.62 -1.23
C ILE C 264 -4.14 35.38 -1.03
N ILE C 265 -3.52 34.57 -1.88
CA ILE C 265 -2.11 34.32 -1.72
C ILE C 265 -1.14 34.78 -2.80
N SER C 266 -1.64 34.88 -4.03
CA SER C 266 -0.89 35.50 -5.11
C SER C 266 -1.68 35.50 -6.41
N SER C 267 -1.57 36.58 -7.17
CA SER C 267 -1.85 36.55 -8.60
C SER C 267 -0.62 36.12 -9.39
N GLY C 268 0.55 36.53 -8.92
CA GLY C 268 1.76 36.45 -9.72
C GLY C 268 2.37 35.06 -9.74
N LEU C 269 2.07 34.29 -8.70
CA LEU C 269 2.66 32.96 -8.54
C LEU C 269 2.04 31.97 -9.52
N ARG C 270 0.86 32.30 -10.02
CA ARG C 270 0.21 31.49 -11.05
C ARG C 270 -0.12 30.10 -10.53
N ILE C 271 -0.98 30.03 -9.52
CA ILE C 271 -1.35 28.77 -8.91
C ILE C 271 -2.81 28.83 -8.47
N GLY C 272 -3.67 28.22 -9.31
CA GLY C 272 -5.09 28.02 -9.04
C GLY C 272 -5.43 26.54 -9.30
N PHE C 273 -6.71 26.17 -9.18
CA PHE C 273 -7.08 24.78 -9.27
C PHE C 273 -8.49 24.52 -9.83
N LEU C 274 -8.67 23.32 -10.37
CA LEU C 274 -9.92 22.90 -10.96
C LEU C 274 -10.45 21.66 -10.25
N THR C 275 -11.73 21.70 -9.95
CA THR C 275 -12.41 20.59 -9.32
C THR C 275 -13.68 20.21 -10.18
N GLY C 276 -13.73 18.91 -10.54
CA GLY C 276 -14.69 18.36 -11.44
C GLY C 276 -14.55 16.83 -11.52
N PRO C 277 -15.47 16.20 -12.28
CA PRO C 277 -15.56 14.78 -12.52
C PRO C 277 -14.32 14.30 -13.28
N LYS C 278 -13.75 13.18 -12.82
CA LYS C 278 -12.48 12.60 -13.31
C LYS C 278 -12.39 12.72 -14.81
N PRO C 279 -13.44 12.21 -15.55
CA PRO C 279 -13.32 12.09 -16.99
C PRO C 279 -13.07 13.46 -17.62
N LEU C 280 -13.64 14.53 -17.08
CA LEU C 280 -13.45 15.91 -17.56
C LEU C 280 -12.10 16.55 -17.17
N ILE C 281 -11.66 16.30 -15.94
CA ILE C 281 -10.38 16.80 -15.45
C ILE C 281 -9.26 16.19 -16.25
N GLU C 282 -9.38 14.89 -16.51
CA GLU C 282 -8.41 14.19 -17.35
C GLU C 282 -8.08 15.00 -18.59
N ARG C 283 -9.10 15.31 -19.37
CA ARG C 283 -8.90 15.91 -20.70
C ARG C 283 -8.10 17.21 -20.59
N VAL C 284 -8.36 17.96 -19.53
CA VAL C 284 -7.55 19.14 -19.22
C VAL C 284 -6.12 18.76 -18.86
N ILE C 285 -5.98 17.79 -17.97
CA ILE C 285 -4.69 17.28 -17.59
C ILE C 285 -3.84 16.94 -18.78
N LEU C 286 -4.45 16.25 -19.76
CA LEU C 286 -3.65 15.75 -20.87
C LEU C 286 -3.36 16.87 -21.81
N HIS C 287 -4.23 17.88 -21.84
CA HIS C 287 -4.02 19.10 -22.60
C HIS C 287 -2.92 19.91 -21.96
N ILE C 288 -2.86 19.85 -20.63
CA ILE C 288 -1.76 20.50 -19.93
C ILE C 288 -0.41 19.84 -20.26
N GLN C 289 -0.38 18.50 -20.40
CA GLN C 289 0.82 17.74 -20.73
C GLN C 289 1.45 18.11 -22.07
N VAL C 290 0.79 18.95 -22.87
CA VAL C 290 1.38 19.22 -24.16
C VAL C 290 1.59 20.69 -24.23
N SER C 291 1.16 21.38 -23.18
CA SER C 291 1.40 22.82 -23.13
C SER C 291 2.34 23.19 -21.97
N THR C 292 1.76 23.55 -20.82
CA THR C 292 2.59 24.00 -19.74
C THR C 292 3.30 22.84 -19.01
N LEU C 293 3.00 21.60 -19.38
CA LEU C 293 3.40 20.40 -18.61
C LEU C 293 2.77 20.45 -17.19
N HIS C 294 3.14 21.41 -16.34
CA HIS C 294 2.53 21.54 -14.98
C HIS C 294 2.71 22.90 -14.44
N PRO C 295 2.06 23.19 -13.28
CA PRO C 295 2.32 24.58 -12.76
C PRO C 295 3.74 24.62 -12.12
N SER C 296 4.33 25.79 -12.04
CA SER C 296 5.63 25.99 -11.42
C SER C 296 5.83 25.12 -10.19
N THR C 297 6.84 24.28 -10.18
CA THR C 297 6.98 23.37 -9.05
C THR C 297 7.44 24.14 -7.81
N PHE C 298 8.45 24.99 -7.93
CA PHE C 298 8.83 26.02 -6.90
C PHE C 298 7.67 26.77 -6.21
N ASN C 299 6.80 27.33 -7.04
CA ASN C 299 5.74 28.21 -6.53
C ASN C 299 4.68 27.42 -5.81
N GLN C 300 4.50 26.14 -6.18
CA GLN C 300 3.58 25.22 -5.45
C GLN C 300 4.10 24.70 -4.07
N LEU C 301 5.43 24.54 -3.93
CA LEU C 301 6.06 24.21 -2.65
C LEU C 301 5.95 25.36 -1.66
N MET C 302 6.24 26.57 -2.11
CA MET C 302 5.97 27.75 -1.36
C MET C 302 4.56 27.71 -0.81
N ILE C 303 3.61 27.42 -1.71
CA ILE C 303 2.22 27.55 -1.34
C ILE C 303 1.86 26.44 -0.44
N SER C 304 2.35 25.25 -0.75
CA SER C 304 1.99 24.05 -0.01
C SER C 304 2.56 23.95 1.41
N GLN C 305 3.78 24.42 1.62
CA GLN C 305 4.32 24.55 2.96
C GLN C 305 3.74 25.72 3.74
N LEU C 306 3.36 26.78 3.04
CA LEU C 306 2.56 27.84 3.63
C LEU C 306 1.35 27.23 4.27
N LEU C 307 0.61 26.50 3.46
CA LEU C 307 -0.68 25.99 3.85
C LEU C 307 -0.64 24.84 4.88
N HIS C 308 0.24 23.86 4.68
CA HIS C 308 0.42 22.78 5.67
C HIS C 308 0.89 23.32 7.05
N GLU C 309 1.78 24.31 7.03
CA GLU C 309 2.24 24.98 8.24
C GLU C 309 1.10 25.71 8.97
N TRP C 310 0.38 26.55 8.24
CA TRP C 310 -0.92 27.12 8.66
C TRP C 310 -2.04 26.21 9.17
N GLY C 311 -2.28 25.08 8.50
CA GLY C 311 -3.48 24.29 8.75
C GLY C 311 -4.69 24.94 8.08
N GLU C 312 -5.84 24.26 8.08
CA GLU C 312 -7.08 24.92 7.64
C GLU C 312 -7.36 26.07 8.61
N GLU C 313 -6.74 25.97 9.79
CA GLU C 313 -6.95 26.87 10.87
C GLU C 313 -6.50 28.27 10.46
N GLY C 314 -5.21 28.37 10.11
CA GLY C 314 -4.55 29.61 9.80
C GLY C 314 -4.83 30.00 8.36
N PHE C 315 -5.25 29.01 7.56
CA PHE C 315 -5.64 29.33 6.21
C PHE C 315 -6.87 30.16 6.27
N MET C 316 -7.89 29.66 6.94
CA MET C 316 -9.20 30.32 7.00
C MET C 316 -9.13 31.62 7.82
N ALA C 317 -8.17 31.70 8.75
CA ALA C 317 -8.04 32.87 9.57
C ALA C 317 -7.36 34.02 8.81
N HIS C 318 -6.50 33.66 7.85
CA HIS C 318 -5.93 34.60 6.91
C HIS C 318 -7.03 35.07 5.98
N VAL C 319 -7.94 34.19 5.60
CA VAL C 319 -8.98 34.58 4.69
C VAL C 319 -9.87 35.63 5.33
N ASP C 320 -10.11 35.49 6.64
CA ASP C 320 -10.89 36.42 7.44
C ASP C 320 -10.27 37.82 7.45
N ARG C 321 -9.00 37.87 7.83
CA ARG C 321 -8.20 39.10 7.89
C ARG C 321 -8.19 39.76 6.49
N VAL C 322 -8.18 38.96 5.42
CA VAL C 322 -8.31 39.61 4.13
C VAL C 322 -9.78 39.96 3.76
N ILE C 323 -10.76 39.25 4.31
CA ILE C 323 -12.15 39.70 4.12
C ILE C 323 -12.35 41.03 4.87
N ASP C 324 -11.79 41.14 6.08
CA ASP C 324 -11.98 42.33 6.87
C ASP C 324 -11.36 43.53 6.23
N PHE C 325 -10.25 43.32 5.53
CA PHE C 325 -9.67 44.49 4.84
C PHE C 325 -10.53 44.99 3.69
N TYR C 326 -10.89 44.06 2.79
CA TYR C 326 -11.76 44.34 1.61
C TYR C 326 -13.10 44.92 2.00
N SER C 327 -13.53 44.64 3.22
CA SER C 327 -14.73 45.25 3.78
C SER C 327 -14.55 46.73 4.15
N ASN C 328 -13.50 47.07 4.87
CA ASN C 328 -13.25 48.48 5.13
C ASN C 328 -13.22 49.21 3.79
N GLN C 329 -12.49 48.65 2.84
CA GLN C 329 -12.41 49.22 1.48
C GLN C 329 -13.77 49.39 0.85
N LYS C 330 -14.61 48.35 0.94
CA LYS C 330 -15.99 48.39 0.42
C LYS C 330 -16.83 49.42 1.18
N ASP C 331 -16.67 49.45 2.49
CA ASP C 331 -17.30 50.50 3.30
C ASP C 331 -17.01 51.90 2.81
N ALA C 332 -15.73 52.18 2.51
CA ALA C 332 -15.27 53.52 2.09
C ALA C 332 -15.65 53.88 0.67
N ILE C 333 -15.45 52.96 -0.27
CA ILE C 333 -15.96 53.21 -1.62
C ILE C 333 -17.47 53.47 -1.47
N LEU C 334 -18.09 52.89 -0.44
CA LEU C 334 -19.53 52.95 -0.37
C LEU C 334 -19.99 54.31 0.19
N ALA C 335 -19.18 54.76 1.15
CA ALA C 335 -19.38 55.98 1.85
C ALA C 335 -19.11 57.12 0.85
N ALA C 336 -17.99 57.07 0.14
CA ALA C 336 -17.66 58.02 -0.87
C ALA C 336 -18.80 58.15 -1.85
N ALA C 337 -19.42 57.02 -2.20
CA ALA C 337 -20.45 57.03 -3.20
C ALA C 337 -21.72 57.67 -2.64
N ASP C 338 -22.03 57.36 -1.38
CA ASP C 338 -23.18 57.96 -0.76
C ASP C 338 -22.98 59.43 -0.68
N LYS C 339 -21.71 59.85 -0.65
CA LYS C 339 -21.37 61.23 -0.39
C LYS C 339 -21.47 62.20 -1.53
N TRP C 340 -21.02 61.80 -2.74
CA TRP C 340 -21.02 62.66 -3.97
C TRP C 340 -21.96 62.25 -5.10
N LEU C 341 -22.43 61.01 -5.10
CA LEU C 341 -23.10 60.47 -6.30
C LEU C 341 -24.57 60.37 -6.06
N THR C 342 -24.90 60.60 -4.81
CA THR C 342 -26.20 60.37 -4.29
C THR C 342 -27.20 61.19 -5.08
N GLY C 343 -28.05 60.47 -5.81
CA GLY C 343 -29.08 61.03 -6.71
C GLY C 343 -28.65 61.16 -8.17
N LEU C 344 -27.36 60.90 -8.45
CA LEU C 344 -26.78 61.04 -9.76
C LEU C 344 -26.42 59.70 -10.40
N ALA C 345 -26.60 58.61 -9.65
CA ALA C 345 -26.26 57.23 -10.05
C ALA C 345 -26.78 56.23 -9.05
N GLU C 346 -26.92 54.97 -9.47
CA GLU C 346 -27.39 53.91 -8.60
C GLU C 346 -26.42 52.72 -8.62
N TRP C 347 -26.58 51.82 -7.64
CA TRP C 347 -25.57 50.81 -7.36
C TRP C 347 -26.15 49.93 -6.26
N HIS C 348 -25.74 48.66 -6.26
CA HIS C 348 -26.08 47.74 -5.18
C HIS C 348 -24.80 47.63 -4.35
N VAL C 349 -24.97 47.41 -3.05
CA VAL C 349 -23.89 47.07 -2.22
C VAL C 349 -23.32 45.67 -2.53
N PRO C 350 -22.05 45.65 -3.01
CA PRO C 350 -21.29 44.48 -3.48
C PRO C 350 -21.27 43.47 -2.41
N ALA C 351 -21.65 42.25 -2.78
CA ALA C 351 -21.76 41.14 -1.85
C ALA C 351 -20.40 40.45 -1.52
N ALA C 352 -19.41 40.65 -2.37
CA ALA C 352 -18.14 39.94 -2.30
C ALA C 352 -17.23 40.67 -3.28
N GLY C 353 -15.90 40.40 -3.19
CA GLY C 353 -15.01 40.79 -4.28
C GLY C 353 -14.40 42.16 -4.01
N MET C 354 -13.96 42.78 -5.11
CA MET C 354 -13.24 44.09 -5.06
C MET C 354 -13.81 45.11 -6.08
N PHE C 355 -15.08 45.02 -6.43
CA PHE C 355 -15.49 46.00 -7.40
C PHE C 355 -16.82 46.50 -7.02
N LEU C 356 -17.07 47.75 -7.41
CA LEU C 356 -18.34 48.39 -7.14
C LEU C 356 -18.78 48.86 -8.50
N TRP C 357 -20.06 48.81 -8.78
CA TRP C 357 -20.49 48.92 -10.17
C TRP C 357 -21.71 49.78 -10.15
N ILE C 358 -21.58 50.87 -10.90
CA ILE C 358 -22.32 52.08 -10.71
C ILE C 358 -23.05 52.40 -11.99
N LYS C 359 -24.34 52.69 -11.88
CA LYS C 359 -25.10 53.07 -13.02
C LYS C 359 -25.36 54.60 -12.91
N VAL C 360 -24.60 55.37 -13.71
CA VAL C 360 -24.74 56.82 -13.94
C VAL C 360 -26.14 57.18 -14.57
N LYS C 361 -26.87 58.15 -14.00
CA LYS C 361 -28.25 58.55 -14.45
C LYS C 361 -28.22 59.57 -15.55
N GLY C 362 -29.06 59.38 -16.59
CA GLY C 362 -29.25 60.45 -17.57
C GLY C 362 -28.07 60.72 -18.47
N ILE C 363 -27.17 59.75 -18.62
CA ILE C 363 -26.08 59.77 -19.60
C ILE C 363 -26.08 58.44 -20.37
N ASN C 364 -25.90 58.51 -21.68
CA ASN C 364 -26.26 57.38 -22.52
C ASN C 364 -25.16 56.35 -22.53
N ASP C 365 -23.95 56.82 -22.89
CA ASP C 365 -22.75 56.03 -22.87
C ASP C 365 -21.68 56.75 -22.07
N VAL C 366 -21.03 56.01 -21.20
CA VAL C 366 -20.15 56.59 -20.22
C VAL C 366 -18.66 56.69 -20.64
N LYS C 367 -18.35 56.28 -21.86
CA LYS C 367 -16.98 56.27 -22.35
C LYS C 367 -16.40 57.68 -22.37
N GLU C 368 -17.03 58.56 -23.12
CA GLU C 368 -16.62 59.96 -23.17
C GLU C 368 -16.33 60.50 -21.78
N LEU C 369 -17.29 60.32 -20.87
CA LEU C 369 -17.15 60.82 -19.50
C LEU C 369 -15.81 60.40 -18.90
N ILE C 370 -15.44 59.14 -19.11
CA ILE C 370 -14.17 58.62 -18.60
C ILE C 370 -12.90 58.98 -19.39
N GLU C 371 -12.92 58.86 -20.71
CA GLU C 371 -11.69 59.02 -21.44
C GLU C 371 -11.47 60.35 -22.12
N GLU C 372 -12.46 61.23 -22.08
CA GLU C 372 -12.21 62.56 -22.54
C GLU C 372 -12.25 63.65 -21.48
N LYS C 373 -12.72 63.28 -20.29
CA LYS C 373 -13.13 64.26 -19.31
C LYS C 373 -12.52 63.91 -17.97
N ALA C 374 -12.68 62.66 -17.58
CA ALA C 374 -12.19 62.19 -16.31
C ALA C 374 -10.68 62.10 -16.27
N VAL C 375 -10.08 61.38 -17.21
CA VAL C 375 -8.60 61.41 -17.35
C VAL C 375 -8.01 62.81 -17.30
N LYS C 376 -8.59 63.79 -18.02
CA LYS C 376 -8.09 65.18 -17.93
C LYS C 376 -8.09 65.71 -16.46
N MET C 377 -9.20 65.49 -15.76
CA MET C 377 -9.35 65.83 -14.34
C MET C 377 -8.54 64.98 -13.32
N GLY C 378 -7.82 63.96 -13.78
CA GLY C 378 -6.93 63.20 -12.88
C GLY C 378 -7.52 61.96 -12.21
N VAL C 379 -8.68 61.47 -12.71
CA VAL C 379 -9.38 60.29 -12.20
C VAL C 379 -9.91 59.31 -13.28
N LEU C 380 -9.79 58.02 -12.97
CA LEU C 380 -10.05 56.94 -13.90
C LEU C 380 -10.98 55.94 -13.26
N MET C 381 -12.05 55.56 -13.97
CA MET C 381 -12.78 54.35 -13.66
C MET C 381 -12.91 53.56 -14.97
N LEU C 382 -13.48 52.36 -14.92
CA LEU C 382 -13.47 51.55 -16.10
C LEU C 382 -14.83 51.58 -16.68
N PRO C 383 -14.98 52.08 -17.91
CA PRO C 383 -16.32 52.04 -18.50
C PRO C 383 -16.79 50.61 -18.66
N GLY C 384 -18.11 50.43 -18.53
CA GLY C 384 -18.70 49.09 -18.60
C GLY C 384 -18.80 48.38 -19.94
N ASN C 385 -18.48 49.06 -21.04
CA ASN C 385 -18.73 48.49 -22.38
C ASN C 385 -18.23 47.03 -22.61
N ALA C 386 -17.04 46.74 -22.09
CA ALA C 386 -16.31 45.49 -22.34
C ALA C 386 -16.87 44.35 -21.57
N PHE C 387 -17.79 44.62 -20.64
CA PHE C 387 -18.40 43.46 -19.95
C PHE C 387 -19.67 42.88 -20.65
N TYR C 388 -19.75 43.05 -21.96
CA TYR C 388 -20.88 42.47 -22.74
C TYR C 388 -20.38 41.88 -24.08
N VAL C 389 -21.02 40.82 -24.53
CA VAL C 389 -20.84 40.28 -25.88
C VAL C 389 -20.81 41.39 -26.92
N ASP C 390 -21.85 42.22 -26.92
CA ASP C 390 -21.80 43.39 -27.78
C ASP C 390 -21.11 44.63 -27.11
N SER C 391 -19.80 44.70 -27.19
CA SER C 391 -19.09 45.72 -26.46
C SER C 391 -19.19 47.08 -27.17
N SER C 392 -19.91 47.12 -28.29
CA SER C 392 -19.93 48.32 -29.10
C SER C 392 -21.15 49.14 -28.68
N ALA C 393 -22.05 48.43 -28.01
CA ALA C 393 -23.29 48.95 -27.50
C ALA C 393 -23.03 50.01 -26.44
N PRO C 394 -23.91 51.01 -26.33
CA PRO C 394 -23.62 52.07 -25.36
C PRO C 394 -23.73 51.52 -23.92
N SER C 395 -22.83 51.91 -23.01
CA SER C 395 -23.02 51.51 -21.59
C SER C 395 -22.97 52.64 -20.54
N PRO C 396 -24.06 52.81 -19.81
CA PRO C 396 -24.20 53.80 -18.72
C PRO C 396 -23.35 53.48 -17.49
N TYR C 397 -22.71 52.31 -17.48
CA TYR C 397 -22.08 51.76 -16.26
C TYR C 397 -20.56 51.96 -16.13
N LEU C 398 -20.11 52.11 -14.89
CA LEU C 398 -18.70 52.28 -14.51
C LEU C 398 -18.31 51.18 -13.52
N ARG C 399 -17.21 50.46 -13.76
CA ARG C 399 -16.67 49.57 -12.72
C ARG C 399 -15.70 50.31 -11.86
N ALA C 400 -15.92 50.24 -10.57
CA ALA C 400 -15.04 50.98 -9.68
C ALA C 400 -14.20 50.01 -8.82
N SER C 401 -12.88 50.06 -8.91
CA SER C 401 -12.08 49.19 -8.01
C SER C 401 -11.82 49.80 -6.64
N PHE C 402 -12.24 49.07 -5.60
CA PHE C 402 -11.90 49.37 -4.24
C PHE C 402 -10.80 48.55 -3.58
N SER C 403 -9.92 47.96 -4.39
CA SER C 403 -8.91 47.04 -3.87
C SER C 403 -7.84 47.79 -3.08
N SER C 404 -7.61 49.04 -3.45
CA SER C 404 -6.29 49.64 -3.35
C SER C 404 -6.30 51.05 -2.77
N ALA C 405 -7.12 51.92 -3.36
CA ALA C 405 -7.07 53.34 -3.06
C ALA C 405 -7.43 53.59 -1.62
N SER C 406 -6.98 54.70 -1.06
CA SER C 406 -7.37 55.14 0.31
C SER C 406 -8.68 55.96 0.32
N PRO C 407 -9.41 55.98 1.46
CA PRO C 407 -10.54 56.88 1.57
C PRO C 407 -10.27 58.27 1.04
N GLU C 408 -9.20 58.94 1.46
CA GLU C 408 -8.89 60.24 0.87
C GLU C 408 -8.95 60.09 -0.63
N GLN C 409 -8.18 59.16 -1.20
CA GLN C 409 -8.14 59.07 -2.67
C GLN C 409 -9.52 58.78 -3.31
N MET C 410 -10.40 58.09 -2.58
CA MET C 410 -11.75 57.66 -3.05
C MET C 410 -12.77 58.82 -3.08
N ASP C 411 -12.76 59.61 -2.01
CA ASP C 411 -13.44 60.92 -1.85
C ASP C 411 -13.16 61.86 -2.97
N VAL C 412 -11.88 62.02 -3.32
CA VAL C 412 -11.51 62.92 -4.43
C VAL C 412 -12.02 62.41 -5.77
N ALA C 413 -11.62 61.20 -6.16
CA ALA C 413 -12.21 60.43 -7.26
C ALA C 413 -13.70 60.68 -7.46
N PHE C 414 -14.48 60.42 -6.43
CA PHE C 414 -15.90 60.58 -6.50
C PHE C 414 -16.37 62.01 -6.55
N GLN C 415 -15.74 62.93 -5.79
CA GLN C 415 -16.14 64.33 -5.90
C GLN C 415 -15.87 64.84 -7.27
N VAL C 416 -14.77 64.38 -7.88
CA VAL C 416 -14.41 64.89 -9.21
C VAL C 416 -15.31 64.29 -10.28
N LEU C 417 -15.61 63.02 -10.12
CA LEU C 417 -16.39 62.27 -11.07
C LEU C 417 -17.84 62.77 -11.09
N ALA C 418 -18.34 63.23 -9.94
CA ALA C 418 -19.71 63.74 -9.84
C ALA C 418 -19.76 65.16 -10.37
N GLN C 419 -18.67 65.90 -10.22
CA GLN C 419 -18.65 67.15 -10.91
C GLN C 419 -18.66 66.98 -12.45
N LEU C 420 -18.16 65.89 -12.99
CA LEU C 420 -18.12 65.76 -14.47
C LEU C 420 -19.44 65.24 -14.96
N ILE C 421 -19.98 64.26 -14.26
CA ILE C 421 -21.35 63.77 -14.45
C ILE C 421 -22.32 64.96 -14.49
N LYS C 422 -22.28 65.80 -13.47
CA LYS C 422 -23.15 66.99 -13.48
C LYS C 422 -22.84 67.90 -14.65
N GLU C 423 -21.56 68.10 -14.95
CA GLU C 423 -21.27 68.89 -16.17
C GLU C 423 -21.78 68.27 -17.49
N SER C 424 -21.94 66.95 -17.56
CA SER C 424 -22.39 66.29 -18.80
C SER C 424 -23.93 66.16 -18.92
N LEU C 425 -24.69 66.95 -18.19
CA LEU C 425 -26.17 66.79 -18.29
C LEU C 425 -26.90 67.69 -19.32
N MET D 1 5.12 35.38 -45.79
CA MET D 1 4.71 36.81 -45.84
C MET D 1 3.24 37.06 -46.20
N ASN D 2 2.44 36.00 -46.22
CA ASN D 2 1.03 36.13 -45.96
C ASN D 2 0.66 35.37 -44.72
N TYR D 3 0.53 36.08 -43.60
CA TYR D 3 0.42 35.40 -42.31
C TYR D 3 -0.95 34.82 -42.08
N ALA D 4 -1.95 35.44 -42.70
CA ALA D 4 -3.30 34.87 -42.80
C ALA D 4 -3.28 33.36 -42.94
N ARG D 5 -2.49 32.85 -43.88
CA ARG D 5 -2.41 31.41 -44.20
C ARG D 5 -2.18 30.53 -43.02
N PHE D 6 -1.37 31.04 -42.08
CA PHE D 6 -0.85 30.22 -41.00
C PHE D 6 -1.61 30.45 -39.69
N ILE D 7 -2.86 30.89 -39.79
CA ILE D 7 -3.59 31.35 -38.60
C ILE D 7 -4.97 30.84 -38.70
N THR D 8 -5.35 29.93 -37.80
CA THR D 8 -6.73 29.45 -37.74
C THR D 8 -7.73 30.62 -37.58
N ALA D 9 -8.92 30.45 -38.17
CA ALA D 9 -10.03 31.41 -38.01
C ALA D 9 -10.26 31.74 -36.53
N ALA D 10 -10.45 30.72 -35.70
CA ALA D 10 -10.53 30.91 -34.24
C ALA D 10 -9.42 31.87 -33.69
N SER D 11 -8.22 31.63 -34.17
CA SER D 11 -7.06 32.35 -33.79
C SER D 11 -7.04 33.80 -34.26
N ALA D 12 -7.44 34.04 -35.49
CA ALA D 12 -7.59 35.37 -35.99
C ALA D 12 -8.70 36.15 -35.35
N ALA D 13 -9.66 35.42 -34.81
CA ALA D 13 -10.77 35.98 -34.13
C ALA D 13 -10.49 36.45 -32.72
N ARG D 14 -9.27 36.30 -32.29
CA ARG D 14 -8.89 36.58 -30.93
C ARG D 14 -8.71 38.04 -30.77
N ASN D 15 -9.26 38.59 -29.71
CA ASN D 15 -9.07 40.00 -29.40
C ASN D 15 -8.36 40.16 -28.09
N PRO D 16 -7.42 41.08 -28.06
CA PRO D 16 -6.70 41.42 -26.83
C PRO D 16 -7.58 41.38 -25.60
N SER D 17 -7.27 40.51 -24.66
CA SER D 17 -7.92 40.56 -23.36
C SER D 17 -6.93 40.94 -22.28
N PRO D 18 -6.57 42.21 -22.26
CA PRO D 18 -5.45 42.66 -21.45
C PRO D 18 -5.86 42.82 -20.01
N ILE D 19 -4.86 42.88 -19.15
CA ILE D 19 -5.02 43.20 -17.74
C ILE D 19 -4.89 44.69 -17.46
N ARG D 20 -4.83 45.49 -18.52
CA ARG D 20 -4.69 46.94 -18.43
C ARG D 20 -6.00 47.71 -18.62
N ARG D 28 -3.20 60.81 -20.57
CA ARG D 28 -3.95 61.81 -21.29
C ARG D 28 -4.29 63.01 -20.40
N GLY D 29 -4.32 62.77 -19.09
CA GLY D 29 -3.85 63.75 -18.15
C GLY D 29 -2.64 63.26 -17.37
N PRO D 30 -2.61 63.55 -16.07
CA PRO D 30 -1.44 64.13 -15.42
C PRO D 30 -0.69 63.10 -14.58
N LYS D 31 0.40 63.51 -13.93
CA LYS D 31 1.22 62.59 -13.14
C LYS D 31 0.43 61.98 -11.97
N SER D 32 -0.13 62.84 -11.12
CA SER D 32 -0.90 62.40 -9.96
C SER D 32 -2.26 61.87 -10.38
N MET D 33 -2.30 60.57 -10.70
CA MET D 33 -3.51 59.92 -11.18
C MET D 33 -4.11 58.99 -10.13
N ILE D 34 -5.38 59.21 -9.81
CA ILE D 34 -6.13 58.33 -8.92
C ILE D 34 -6.89 57.32 -9.76
N SER D 35 -6.42 56.11 -9.89
CA SER D 35 -7.16 55.15 -10.66
C SER D 35 -7.96 54.11 -9.91
N LEU D 36 -9.17 53.94 -10.35
CA LEU D 36 -10.02 52.89 -9.87
C LEU D 36 -10.51 52.03 -11.05
N ALA D 37 -9.87 52.15 -12.19
CA ALA D 37 -10.28 51.45 -13.33
C ALA D 37 -9.61 50.13 -13.35
N GLY D 38 -8.55 49.95 -12.57
CA GLY D 38 -7.75 48.71 -12.59
C GLY D 38 -8.40 47.46 -12.02
N GLY D 39 -7.78 46.30 -12.24
CA GLY D 39 -8.31 45.05 -11.70
C GLY D 39 -7.35 44.23 -10.87
N LEU D 40 -6.23 44.85 -10.48
CA LEU D 40 -5.19 44.16 -9.77
C LEU D 40 -5.70 44.00 -8.36
N PRO D 41 -5.49 42.84 -7.71
CA PRO D 41 -5.92 42.97 -6.32
C PRO D 41 -4.80 43.53 -5.38
N ASN D 42 -5.20 43.95 -4.19
CA ASN D 42 -4.22 44.48 -3.24
C ASN D 42 -3.02 43.53 -2.91
N PRO D 43 -1.80 43.91 -3.32
CA PRO D 43 -0.67 42.95 -3.13
C PRO D 43 -0.25 42.84 -1.65
N ASN D 44 -0.71 43.75 -0.80
CA ASN D 44 -0.33 43.74 0.64
C ASN D 44 -0.97 42.64 1.40
N MET D 45 -1.83 41.88 0.73
CA MET D 45 -2.54 40.79 1.42
C MET D 45 -1.85 39.43 1.35
N PHE D 46 -0.88 39.31 0.46
CA PHE D 46 -0.14 38.11 0.31
C PHE D 46 0.84 37.92 1.47
N PRO D 47 1.01 36.65 1.87
CA PRO D 47 1.71 36.35 3.09
C PRO D 47 3.21 36.36 2.96
N PHE D 48 3.72 36.21 1.72
CA PHE D 48 5.16 36.13 1.54
C PHE D 48 5.68 37.53 1.40
N LYS D 49 6.80 37.80 2.12
CA LYS D 49 7.28 39.15 2.38
C LYS D 49 8.66 39.45 1.77
N THR D 50 9.60 38.50 1.90
CA THR D 50 10.96 38.67 1.39
C THR D 50 11.49 37.34 0.96
N ALA D 51 12.31 37.33 -0.08
CA ALA D 51 12.97 36.12 -0.45
C ALA D 51 14.47 36.30 -0.50
N VAL D 52 15.19 35.24 -0.20
CA VAL D 52 16.63 35.24 -0.33
C VAL D 52 16.93 33.96 -1.05
N ILE D 53 17.65 34.04 -2.16
CA ILE D 53 17.92 32.84 -2.99
C ILE D 53 19.37 32.88 -3.34
N THR D 54 20.08 31.81 -3.02
CA THR D 54 21.52 31.78 -3.20
C THR D 54 21.79 31.15 -4.53
N VAL D 55 22.77 31.73 -5.20
CA VAL D 55 23.21 31.34 -6.51
C VAL D 55 24.62 30.82 -6.33
N GLU D 56 24.91 29.67 -6.97
CA GLU D 56 26.24 29.14 -7.03
C GLU D 56 26.99 29.93 -8.09
N ASN D 57 28.22 30.35 -7.75
CA ASN D 57 29.02 31.12 -8.70
C ASN D 57 28.32 32.45 -8.99
N GLY D 58 27.93 33.18 -7.96
CA GLY D 58 27.01 34.31 -8.24
C GLY D 58 26.48 35.06 -7.05
N LYS D 59 25.98 36.28 -7.30
CA LYS D 59 25.45 37.15 -6.27
C LYS D 59 24.12 36.58 -5.74
N THR D 60 23.82 36.86 -4.47
CA THR D 60 22.59 36.37 -3.86
C THR D 60 21.38 37.12 -4.46
N ILE D 61 20.27 36.42 -4.66
CA ILE D 61 19.12 37.15 -5.18
C ILE D 61 18.26 37.63 -4.00
N GLN D 62 18.02 38.92 -3.91
CA GLN D 62 17.14 39.37 -2.83
C GLN D 62 15.89 40.09 -3.28
N PHE D 63 14.76 39.66 -2.79
CA PHE D 63 13.55 40.40 -2.92
C PHE D 63 13.26 41.13 -1.62
N GLY D 64 13.53 42.43 -1.55
CA GLY D 64 13.02 43.21 -0.43
C GLY D 64 11.51 43.32 -0.57
N GLU D 65 10.91 44.12 0.31
CA GLU D 65 9.48 44.18 0.40
C GLU D 65 8.74 44.71 -0.83
N GLU D 66 9.29 45.70 -1.51
CA GLU D 66 8.58 46.27 -2.66
C GLU D 66 8.59 45.31 -3.86
N MET D 67 9.74 44.71 -4.06
CA MET D 67 9.99 43.69 -5.06
C MET D 67 9.13 42.41 -4.84
N MET D 68 8.98 41.96 -3.59
CA MET D 68 8.14 40.83 -3.33
C MET D 68 6.68 41.12 -3.75
N LYS D 69 6.20 42.33 -3.46
CA LYS D 69 4.85 42.73 -3.85
C LYS D 69 4.67 42.64 -5.36
N ARG D 70 5.62 43.19 -6.11
CA ARG D 70 5.64 43.04 -7.56
C ARG D 70 5.74 41.57 -7.95
N ALA D 71 6.47 40.80 -7.16
CA ALA D 71 6.71 39.40 -7.47
C ALA D 71 5.44 38.57 -7.33
N LEU D 72 4.55 39.01 -6.45
CA LEU D 72 3.40 38.20 -6.06
C LEU D 72 2.16 38.64 -6.85
N GLN D 73 2.37 39.63 -7.73
CA GLN D 73 1.34 40.34 -8.42
C GLN D 73 1.22 40.00 -9.96
N TYR D 74 0.09 40.25 -10.57
CA TYR D 74 0.01 40.10 -12.00
C TYR D 74 1.11 40.94 -12.62
N SER D 75 1.72 40.41 -13.68
CA SER D 75 2.64 41.18 -14.57
C SER D 75 2.19 41.06 -16.07
N PRO D 76 2.88 41.70 -17.03
CA PRO D 76 2.54 41.74 -18.45
C PRO D 76 2.52 40.36 -19.05
N SER D 77 1.69 40.17 -20.09
CA SER D 77 1.41 38.81 -20.59
C SER D 77 2.54 38.21 -21.41
N ALA D 78 3.21 39.08 -22.14
CA ALA D 78 4.37 38.73 -22.94
C ALA D 78 5.64 38.47 -22.12
N GLY D 79 5.76 39.04 -20.93
CA GLY D 79 6.90 38.77 -20.01
C GLY D 79 7.18 40.03 -19.25
N ILE D 80 7.93 39.96 -18.18
CA ILE D 80 8.40 41.22 -17.61
C ILE D 80 9.38 41.95 -18.54
N PRO D 81 9.35 43.29 -18.53
CA PRO D 81 10.21 44.05 -19.46
C PRO D 81 11.73 43.82 -19.28
N GLU D 82 12.23 43.62 -18.07
CA GLU D 82 13.64 43.32 -17.99
C GLU D 82 14.02 41.95 -18.61
N LEU D 83 13.08 41.00 -18.60
CA LEU D 83 13.41 39.70 -19.14
C LEU D 83 13.15 39.69 -20.66
N LEU D 84 12.25 40.53 -21.14
CA LEU D 84 11.99 40.57 -22.57
C LEU D 84 13.05 41.31 -23.31
N SER D 85 13.53 42.39 -22.74
CA SER D 85 14.61 43.10 -23.44
C SER D 85 15.90 42.31 -23.41
N TRP D 86 16.20 41.68 -22.27
CA TRP D 86 17.39 40.75 -22.11
C TRP D 86 17.32 39.49 -23.02
N LEU D 87 16.14 38.97 -23.37
CA LEU D 87 16.14 37.82 -24.33
C LEU D 87 16.21 38.26 -25.78
N LYS D 88 15.55 39.37 -26.06
CA LYS D 88 15.61 39.92 -27.39
C LYS D 88 17.06 40.30 -27.66
N GLN D 89 17.71 40.88 -26.68
CA GLN D 89 19.11 41.26 -26.80
C GLN D 89 20.01 40.05 -26.99
N LEU D 90 19.73 38.99 -26.25
CA LEU D 90 20.49 37.75 -26.35
C LEU D 90 20.36 37.13 -27.75
N GLN D 91 19.12 37.09 -28.24
CA GLN D 91 18.79 36.71 -29.61
C GLN D 91 19.51 37.47 -30.70
N ILE D 92 19.68 38.77 -30.52
CA ILE D 92 20.50 39.58 -31.40
C ILE D 92 22.01 39.36 -31.29
N LYS D 93 22.46 38.73 -30.21
CA LYS D 93 23.84 38.32 -30.14
C LYS D 93 24.08 36.91 -30.63
N LEU D 94 23.15 36.02 -30.38
CA LEU D 94 23.29 34.65 -30.83
C LEU D 94 22.81 34.37 -32.24
N HIS D 95 22.07 35.28 -32.86
CA HIS D 95 21.40 34.94 -34.10
C HIS D 95 21.29 36.05 -35.13
N ASN D 96 21.67 37.26 -34.77
CA ASN D 96 21.30 38.39 -35.62
C ASN D 96 20.26 38.02 -36.67
N PRO D 97 19.01 37.99 -36.27
CA PRO D 97 17.93 37.61 -37.18
C PRO D 97 17.66 38.62 -38.28
N PRO D 98 17.61 38.15 -39.51
CA PRO D 98 17.42 39.06 -40.65
C PRO D 98 16.25 40.02 -40.43
N THR D 99 15.31 39.61 -39.59
CA THR D 99 14.05 40.33 -39.45
C THR D 99 13.97 41.41 -38.35
N ILE D 100 15.06 41.76 -37.65
CA ILE D 100 14.93 42.69 -36.51
C ILE D 100 14.29 44.06 -36.80
N HIS D 101 14.64 44.66 -37.94
CA HIS D 101 14.29 46.04 -38.21
C HIS D 101 13.30 46.20 -39.33
N TYR D 102 12.61 45.12 -39.68
CA TYR D 102 11.49 45.20 -40.61
C TYR D 102 10.37 46.08 -40.06
N PRO D 103 9.33 46.27 -40.86
CA PRO D 103 8.01 46.62 -40.33
C PRO D 103 7.35 45.43 -39.64
N PRO D 104 6.54 45.71 -38.63
CA PRO D 104 6.03 44.65 -37.74
C PRO D 104 5.09 43.70 -38.48
N SER D 105 4.36 44.22 -39.45
CA SER D 105 3.47 43.40 -40.26
C SER D 105 4.25 42.56 -41.27
N GLN D 106 5.40 43.08 -41.69
CA GLN D 106 6.37 42.29 -42.44
C GLN D 106 7.11 41.22 -41.57
N GLY D 107 6.54 40.73 -40.47
CA GLY D 107 7.25 39.74 -39.63
C GLY D 107 8.41 40.24 -38.78
N GLN D 108 8.34 41.47 -38.31
CA GLN D 108 9.40 41.96 -37.44
C GLN D 108 9.69 41.00 -36.27
N MET D 109 10.94 40.88 -35.88
CA MET D 109 11.28 39.90 -34.83
C MET D 109 10.63 40.38 -33.55
N ASP D 110 9.87 39.46 -32.95
CA ASP D 110 9.18 39.70 -31.69
C ASP D 110 9.49 38.46 -30.84
N LEU D 111 9.26 38.58 -29.53
CA LEU D 111 9.52 37.54 -28.53
C LEU D 111 8.55 37.56 -27.36
N CYS D 112 8.27 36.35 -26.90
CA CYS D 112 7.33 36.13 -25.83
C CYS D 112 7.98 35.24 -24.74
N VAL D 113 7.78 35.64 -23.48
CA VAL D 113 8.13 34.72 -22.36
C VAL D 113 6.94 33.82 -22.20
N THR D 114 7.20 32.50 -22.11
CA THR D 114 6.16 31.49 -21.99
C THR D 114 6.39 30.62 -20.73
N SER D 115 5.36 29.92 -20.29
CA SER D 115 5.53 29.08 -19.16
C SER D 115 6.23 27.77 -19.52
N GLY D 116 7.47 27.83 -19.98
CA GLY D 116 8.14 26.64 -20.45
C GLY D 116 7.96 26.67 -21.94
N SER D 117 8.92 26.13 -22.69
CA SER D 117 9.02 26.49 -24.09
C SER D 117 7.96 25.76 -24.90
N GLN D 118 7.28 24.84 -24.28
CA GLN D 118 6.43 24.02 -25.13
C GLN D 118 4.98 24.38 -24.90
N GLN D 119 4.81 25.39 -24.02
CA GLN D 119 3.63 26.19 -24.01
C GLN D 119 3.57 26.97 -25.31
N GLY D 120 4.70 27.58 -25.68
CA GLY D 120 4.83 28.29 -26.94
C GLY D 120 4.54 27.43 -28.18
N LEU D 121 5.13 26.22 -28.23
CA LEU D 121 4.88 25.21 -29.30
C LEU D 121 3.43 24.72 -29.44
N CYS D 122 2.82 24.42 -28.30
CA CYS D 122 1.44 23.99 -28.27
C CYS D 122 0.58 25.09 -28.88
N LYS D 123 0.65 26.30 -28.34
CA LYS D 123 -0.12 27.42 -28.82
C LYS D 123 0.22 27.90 -30.26
N VAL D 124 1.48 27.75 -30.68
CA VAL D 124 1.81 27.77 -32.10
C VAL D 124 1.08 26.71 -33.04
N PHE D 125 0.95 25.45 -32.58
CA PHE D 125 0.37 24.38 -33.34
C PHE D 125 -1.10 24.66 -33.46
N GLU D 126 -1.71 25.04 -32.32
CA GLU D 126 -3.10 25.46 -32.22
C GLU D 126 -3.48 26.60 -33.16
N MET D 127 -2.53 27.50 -33.41
CA MET D 127 -2.78 28.70 -34.17
C MET D 127 -2.71 28.38 -35.66
N ILE D 128 -1.99 27.32 -36.00
CA ILE D 128 -1.72 27.00 -37.40
C ILE D 128 -2.65 25.94 -38.03
N ILE D 129 -3.15 24.99 -37.26
CA ILE D 129 -3.55 23.72 -37.81
C ILE D 129 -5.05 23.45 -37.93
N ASN D 130 -5.49 23.10 -39.14
CA ASN D 130 -6.87 22.74 -39.39
C ASN D 130 -6.95 21.25 -39.66
N PRO D 131 -7.99 20.55 -39.14
CA PRO D 131 -8.08 19.13 -39.44
C PRO D 131 -7.91 18.84 -40.94
N GLY D 132 -7.01 17.89 -41.24
CA GLY D 132 -6.60 17.59 -42.62
C GLY D 132 -5.45 18.42 -43.16
N ASP D 133 -4.82 19.28 -42.35
CA ASP D 133 -3.65 20.08 -42.84
C ASP D 133 -2.37 19.20 -42.99
N ASN D 134 -1.43 19.61 -43.84
CA ASN D 134 -0.21 18.85 -43.97
C ASN D 134 0.96 19.45 -43.19
N VAL D 135 1.73 18.56 -42.56
CA VAL D 135 2.91 18.98 -41.77
C VAL D 135 4.06 18.02 -41.92
N LEU D 136 5.25 18.56 -41.78
CA LEU D 136 6.45 17.81 -41.97
C LEU D 136 7.26 17.70 -40.68
N LEU D 137 7.57 16.45 -40.32
CA LEU D 137 8.69 16.24 -39.42
C LEU D 137 9.46 14.98 -39.72
N ASP D 138 10.55 14.81 -38.96
CA ASP D 138 11.32 13.59 -39.04
C ASP D 138 11.09 12.74 -37.82
N GLU D 139 10.71 11.48 -38.09
CA GLU D 139 10.67 10.44 -37.09
C GLU D 139 12.05 9.79 -37.08
N PRO D 140 12.60 9.53 -35.88
CA PRO D 140 11.94 9.72 -34.60
C PRO D 140 11.77 11.20 -34.21
N ALA D 141 10.59 11.51 -33.68
CA ALA D 141 10.20 12.85 -33.22
C ALA D 141 9.88 12.75 -31.76
N TYR D 142 10.12 13.80 -30.99
CA TYR D 142 9.76 13.78 -29.55
C TYR D 142 8.27 13.42 -29.28
N SER D 143 8.10 12.49 -28.36
CA SER D 143 6.82 11.96 -28.03
C SER D 143 5.76 13.02 -27.69
N GLY D 144 6.09 13.98 -26.85
CA GLY D 144 5.12 15.04 -26.56
C GLY D 144 4.55 15.71 -27.83
N THR D 145 5.41 15.96 -28.81
CA THR D 145 4.98 16.62 -30.03
C THR D 145 3.99 15.80 -30.86
N LEU D 146 4.22 14.50 -30.98
CA LEU D 146 3.26 13.63 -31.63
C LEU D 146 1.94 13.64 -30.83
N GLN D 147 2.07 13.49 -29.51
CA GLN D 147 0.92 13.58 -28.61
C GLN D 147 0.24 14.96 -28.66
N SER D 148 1.04 15.96 -29.03
CA SER D 148 0.49 17.27 -29.34
C SER D 148 -0.23 17.31 -30.68
N LEU D 149 0.40 16.77 -31.72
CA LEU D 149 -0.09 16.99 -33.10
C LEU D 149 -1.34 16.22 -33.38
N HIS D 150 -1.42 15.05 -32.74
CA HIS D 150 -2.34 14.02 -33.07
C HIS D 150 -3.76 14.51 -32.98
N PRO D 151 -4.16 15.05 -31.80
CA PRO D 151 -5.54 15.45 -31.62
C PRO D 151 -5.92 16.60 -32.53
N LEU D 152 -4.91 17.32 -33.04
CA LEU D 152 -5.16 18.47 -33.88
C LEU D 152 -5.62 18.05 -35.27
N GLY D 153 -5.53 16.73 -35.49
CA GLY D 153 -6.01 16.12 -36.72
C GLY D 153 -5.34 16.66 -37.95
N CYS D 154 -4.03 16.91 -37.86
CA CYS D 154 -3.23 17.10 -39.04
C CYS D 154 -2.85 15.73 -39.56
N ASN D 155 -2.38 15.66 -40.81
CA ASN D 155 -1.67 14.45 -41.24
C ASN D 155 -0.15 14.62 -41.21
N ILE D 156 0.54 13.74 -40.50
CA ILE D 156 2.02 13.90 -40.41
C ILE D 156 2.78 13.21 -41.56
N ILE D 157 3.57 13.98 -42.29
CA ILE D 157 4.35 13.47 -43.41
C ILE D 157 5.84 13.44 -43.01
N ASN D 158 6.29 12.21 -42.76
CA ASN D 158 7.60 11.88 -42.29
C ASN D 158 8.65 12.22 -43.31
N VAL D 159 9.76 12.81 -42.85
CA VAL D 159 10.91 13.15 -43.71
C VAL D 159 11.98 12.25 -43.16
N ALA D 160 12.94 11.79 -43.99
CA ALA D 160 13.94 10.85 -43.46
C ALA D 160 15.14 11.57 -42.85
N SER D 161 15.68 10.98 -41.79
CA SER D 161 16.73 11.59 -41.02
C SER D 161 17.89 10.57 -41.02
N ASP D 162 19.09 10.97 -40.55
CA ASP D 162 20.25 10.04 -40.43
C ASP D 162 21.24 10.66 -39.43
N GLU D 163 22.54 10.32 -39.42
CA GLU D 163 23.49 10.97 -38.46
C GLU D 163 23.23 12.46 -38.30
N SER D 164 22.62 13.09 -39.30
CA SER D 164 22.61 14.55 -39.44
C SER D 164 21.23 15.30 -39.47
N GLY D 165 20.23 14.79 -38.76
CA GLY D 165 18.85 15.29 -38.89
C GLY D 165 18.24 14.95 -40.24
N ILE D 166 17.12 15.61 -40.56
CA ILE D 166 16.38 15.30 -41.79
C ILE D 166 17.29 15.43 -42.96
N VAL D 167 17.04 14.58 -43.96
CA VAL D 167 17.79 14.46 -45.20
C VAL D 167 17.11 15.38 -46.22
N PRO D 168 17.79 16.45 -46.63
CA PRO D 168 17.16 17.44 -47.51
C PRO D 168 16.56 16.83 -48.79
N ASP D 169 17.24 15.85 -49.38
CA ASP D 169 16.74 15.13 -50.56
C ASP D 169 15.42 14.50 -50.28
N SER D 170 15.30 13.93 -49.09
CA SER D 170 14.02 13.36 -48.66
C SER D 170 12.93 14.46 -48.67
N LEU D 171 13.32 15.64 -48.22
CA LEU D 171 12.42 16.79 -48.19
C LEU D 171 12.04 17.19 -49.62
N ARG D 172 13.06 17.46 -50.43
CA ARG D 172 12.93 17.79 -51.87
C ARG D 172 11.86 16.95 -52.58
N ASP D 173 12.04 15.63 -52.48
CA ASP D 173 11.27 14.66 -53.24
C ASP D 173 9.84 14.44 -52.64
N ILE D 174 9.69 14.66 -51.34
CA ILE D 174 8.37 14.70 -50.72
C ILE D 174 7.63 15.96 -51.21
N LEU D 175 8.37 17.05 -51.34
CA LEU D 175 7.75 18.32 -51.64
C LEU D 175 7.29 18.38 -53.07
N SER D 176 7.86 17.46 -53.87
CA SER D 176 7.69 17.47 -55.32
C SER D 176 6.34 16.92 -55.74
N ARG D 177 5.55 16.49 -54.75
CA ARG D 177 4.11 16.28 -54.86
C ARG D 177 3.39 17.54 -55.32
N TRP D 178 4.08 18.68 -55.26
CA TRP D 178 3.46 19.97 -55.58
C TRP D 178 4.33 20.77 -56.55
N LYS D 179 3.75 21.79 -57.16
CA LYS D 179 4.51 22.91 -57.68
C LYS D 179 4.60 24.05 -56.67
N PRO D 180 5.60 24.91 -56.84
CA PRO D 180 5.80 26.04 -55.93
C PRO D 180 4.68 27.07 -56.04
N GLU D 181 3.60 26.71 -56.73
CA GLU D 181 2.52 27.64 -56.99
C GLU D 181 1.27 27.27 -56.18
N ASP D 182 1.22 26.04 -55.72
CA ASP D 182 0.09 25.56 -54.93
C ASP D 182 0.16 26.08 -53.49
N ALA D 183 1.31 26.66 -53.14
CA ALA D 183 1.41 27.44 -51.92
C ALA D 183 0.28 28.45 -51.79
N LYS D 184 -0.16 28.98 -52.94
CA LYS D 184 -0.96 30.20 -52.95
C LYS D 184 -2.44 29.89 -52.81
N ASN D 185 -2.75 28.68 -52.36
CA ASN D 185 -3.85 27.90 -52.92
C ASN D 185 -4.29 26.77 -51.99
N PRO D 186 -5.19 27.09 -51.07
CA PRO D 186 -5.31 26.34 -49.81
C PRO D 186 -5.63 24.87 -50.05
N GLN D 187 -6.70 24.62 -50.78
CA GLN D 187 -7.28 23.25 -50.87
C GLN D 187 -6.37 22.26 -51.61
N LYS D 188 -5.32 22.77 -52.28
CA LYS D 188 -4.19 21.96 -52.80
C LYS D 188 -3.35 21.42 -51.64
N ASN D 189 -3.41 22.17 -50.54
CA ASN D 189 -3.03 21.67 -49.23
C ASN D 189 -1.55 21.40 -49.02
N THR D 190 -0.73 22.38 -49.35
CA THR D 190 0.69 22.26 -49.12
C THR D 190 1.01 22.29 -47.60
N PRO D 191 2.14 21.71 -47.20
CA PRO D 191 2.50 21.80 -45.79
C PRO D 191 2.43 23.21 -45.16
N LYS D 192 1.83 23.28 -43.98
CA LYS D 192 1.86 24.53 -43.26
C LYS D 192 3.27 24.83 -42.68
N PHE D 193 3.99 23.77 -42.26
CA PHE D 193 5.31 23.83 -41.61
C PHE D 193 6.17 22.52 -41.64
N LEU D 194 7.48 22.72 -41.63
CA LEU D 194 8.50 21.76 -41.21
C LEU D 194 8.77 21.91 -39.72
N TYR D 195 8.31 20.97 -38.87
CA TYR D 195 8.75 20.89 -37.48
C TYR D 195 10.05 20.10 -37.35
N THR D 196 11.08 20.67 -36.72
CA THR D 196 12.21 19.89 -36.20
C THR D 196 12.88 20.39 -34.91
N VAL D 197 13.55 19.44 -34.25
CA VAL D 197 14.51 19.72 -33.20
C VAL D 197 15.89 19.49 -33.83
N PRO D 198 16.58 20.59 -34.14
CA PRO D 198 17.79 20.54 -34.94
C PRO D 198 19.09 20.30 -34.16
N ASN D 199 18.97 20.14 -32.85
CA ASN D 199 20.14 19.96 -32.00
C ASN D 199 19.90 18.93 -30.89
N GLY D 200 20.52 17.77 -31.03
CA GLY D 200 20.31 16.68 -30.08
C GLY D 200 18.86 16.28 -29.96
N ASN D 201 18.22 16.06 -31.10
CA ASN D 201 16.89 15.47 -31.14
C ASN D 201 16.67 14.48 -29.99
N ASN D 202 15.69 14.78 -29.17
CA ASN D 202 14.90 13.77 -28.48
C ASN D 202 14.05 12.96 -29.45
N PRO D 203 14.55 11.79 -29.84
CA PRO D 203 15.24 10.88 -28.93
C PRO D 203 16.64 10.49 -29.38
N THR D 204 17.10 11.05 -30.49
CA THR D 204 18.24 10.49 -31.20
C THR D 204 19.55 11.09 -30.76
N GLY D 205 19.60 12.39 -30.50
CA GLY D 205 20.88 13.05 -30.38
C GLY D 205 21.49 13.53 -31.70
N ASN D 206 20.88 13.20 -32.83
CA ASN D 206 21.43 13.79 -34.05
C ASN D 206 21.16 15.30 -34.15
N SER D 207 22.10 16.02 -34.75
CA SER D 207 21.94 17.41 -35.08
C SER D 207 22.03 17.71 -36.58
N LEU D 208 21.12 18.57 -37.05
CA LEU D 208 21.21 19.23 -38.34
C LEU D 208 22.56 19.90 -38.52
N THR D 209 23.06 19.88 -39.76
CA THR D 209 24.28 20.60 -40.09
C THR D 209 23.98 22.00 -40.57
N SER D 210 25.02 22.73 -40.91
CA SER D 210 24.91 24.04 -41.46
C SER D 210 24.48 23.98 -42.93
N GLU D 211 25.12 23.12 -43.73
CA GLU D 211 24.74 22.96 -45.14
C GLU D 211 23.24 22.64 -45.25
N ARG D 212 22.82 21.60 -44.53
CA ARG D 212 21.45 21.14 -44.50
C ARG D 212 20.42 22.19 -44.09
N LYS D 213 20.65 22.91 -42.98
CA LYS D 213 19.71 24.00 -42.62
C LYS D 213 19.42 24.92 -43.84
N LYS D 214 20.46 25.49 -44.46
CA LYS D 214 20.31 26.36 -45.65
C LYS D 214 19.41 25.72 -46.74
N GLU D 215 19.68 24.43 -47.02
CA GLU D 215 18.95 23.64 -47.99
C GLU D 215 17.48 23.63 -47.59
N ILE D 216 17.25 23.23 -46.33
CA ILE D 216 15.91 23.19 -45.79
C ILE D 216 15.26 24.58 -45.89
N TYR D 217 16.00 25.62 -45.52
CA TYR D 217 15.45 26.96 -45.65
C TYR D 217 14.95 27.25 -47.07
N GLU D 218 15.78 26.97 -48.08
CA GLU D 218 15.49 27.32 -49.49
C GLU D 218 14.21 26.62 -50.04
N LEU D 219 14.10 25.34 -49.73
CA LEU D 219 12.92 24.52 -49.94
C LEU D 219 11.67 25.02 -49.21
N ALA D 220 11.83 25.48 -47.97
CA ALA D 220 10.75 26.17 -47.25
C ALA D 220 10.39 27.49 -47.92
N ARG D 221 11.40 28.18 -48.41
CA ARG D 221 11.19 29.38 -49.18
C ARG D 221 10.41 29.01 -50.47
N LYS D 222 10.79 27.90 -51.10
CA LYS D 222 10.24 27.53 -52.39
C LYS D 222 8.80 27.08 -52.32
N TYR D 223 8.44 26.35 -51.25
CA TYR D 223 7.06 25.84 -51.08
C TYR D 223 6.30 26.60 -49.98
N ASP D 224 6.85 27.77 -49.61
CA ASP D 224 6.24 28.69 -48.65
C ASP D 224 5.63 27.98 -47.43
N PHE D 225 6.45 27.29 -46.64
CA PHE D 225 5.95 26.80 -45.36
C PHE D 225 6.67 27.45 -44.22
N LEU D 226 6.21 27.21 -43.00
CA LEU D 226 6.85 27.80 -41.86
C LEU D 226 7.94 26.84 -41.41
N ILE D 227 8.89 27.33 -40.62
CA ILE D 227 9.82 26.44 -39.95
C ILE D 227 9.65 26.57 -38.43
N ILE D 228 9.09 25.50 -37.85
CA ILE D 228 9.07 25.41 -36.39
C ILE D 228 10.35 24.75 -35.88
N GLU D 229 11.14 25.57 -35.19
CA GLU D 229 12.48 25.17 -34.75
C GLU D 229 12.41 24.98 -33.25
N ASP D 230 12.39 23.73 -32.82
CA ASP D 230 12.23 23.46 -31.41
C ASP D 230 13.66 23.15 -30.88
N ASP D 231 14.23 24.10 -30.14
CA ASP D 231 15.67 24.07 -29.86
C ASP D 231 16.02 24.14 -28.38
N PRO D 232 15.54 23.16 -27.60
CA PRO D 232 15.80 23.24 -26.15
C PRO D 232 17.19 22.80 -25.75
N TYR D 233 17.91 22.18 -26.68
CA TYR D 233 19.25 21.71 -26.46
C TYR D 233 20.20 22.58 -27.24
N TYR D 234 19.73 23.74 -27.69
CA TYR D 234 20.64 24.76 -28.20
C TYR D 234 21.88 25.04 -27.37
N PHE D 235 21.71 25.27 -26.07
CA PHE D 235 22.83 25.64 -25.21
C PHE D 235 23.48 24.32 -24.66
N LEU D 236 23.08 23.17 -25.21
CA LEU D 236 23.70 21.92 -24.82
C LEU D 236 24.42 21.22 -25.93
N GLN D 237 25.00 22.03 -26.80
CA GLN D 237 25.88 21.52 -27.84
C GLN D 237 27.28 21.21 -27.37
N PHE D 238 27.87 20.15 -27.93
CA PHE D 238 29.21 19.72 -27.58
C PHE D 238 30.35 20.31 -28.41
N ASN D 239 30.10 20.50 -29.71
CA ASN D 239 31.04 21.29 -30.50
C ASN D 239 31.08 22.73 -29.98
N LYS D 240 32.29 23.22 -29.70
CA LYS D 240 32.37 24.53 -29.08
C LYS D 240 31.81 25.59 -30.00
N PHE D 241 31.72 25.25 -31.30
CA PHE D 241 31.13 26.14 -32.30
C PHE D 241 29.71 25.71 -32.59
N ARG D 242 28.78 26.63 -32.33
CA ARG D 242 27.37 26.35 -32.46
C ARG D 242 26.96 26.53 -33.88
N VAL D 243 26.16 25.59 -34.40
CA VAL D 243 25.64 25.70 -35.76
C VAL D 243 24.51 26.73 -35.84
N PRO D 244 24.65 27.67 -36.76
CA PRO D 244 23.60 28.68 -36.98
C PRO D 244 22.20 28.08 -36.90
N THR D 245 21.33 28.70 -36.11
CA THR D 245 19.92 28.30 -36.07
C THR D 245 19.20 28.76 -37.33
N PHE D 246 17.95 28.31 -37.49
CA PHE D 246 17.12 28.70 -38.61
C PHE D 246 16.81 30.19 -38.51
N LEU D 247 16.65 30.68 -37.27
CA LEU D 247 16.35 32.09 -37.02
C LEU D 247 17.48 32.97 -37.49
N SER D 248 18.70 32.46 -37.32
CA SER D 248 19.90 33.13 -37.81
C SER D 248 19.83 33.48 -39.30
N MET D 249 19.26 32.60 -40.10
CA MET D 249 19.22 32.79 -41.54
C MET D 249 17.79 32.94 -42.04
N ASP D 250 17.01 33.77 -41.36
CA ASP D 250 15.58 33.89 -41.63
C ASP D 250 15.25 35.23 -42.27
N VAL D 251 15.55 35.36 -43.56
CA VAL D 251 15.41 36.62 -44.27
C VAL D 251 13.95 36.96 -44.52
N ASP D 252 13.06 36.02 -44.17
CA ASP D 252 11.70 36.04 -44.67
C ASP D 252 10.70 36.25 -43.54
N GLY D 253 11.15 36.02 -42.31
CA GLY D 253 10.22 35.85 -41.17
C GLY D 253 9.35 34.64 -41.41
N ARG D 254 9.98 33.47 -41.66
CA ARG D 254 9.19 32.21 -41.86
C ARG D 254 9.59 31.13 -40.86
N VAL D 255 10.25 31.62 -39.81
CA VAL D 255 10.79 30.79 -38.73
C VAL D 255 10.16 31.16 -37.42
N ILE D 256 9.65 30.16 -36.70
CA ILE D 256 9.22 30.34 -35.32
C ILE D 256 10.10 29.57 -34.35
N ARG D 257 10.95 30.28 -33.63
CA ARG D 257 11.86 29.66 -32.67
C ARG D 257 11.15 29.30 -31.38
N ALA D 258 11.59 28.23 -30.73
CA ALA D 258 11.34 28.03 -29.31
C ALA D 258 12.64 27.78 -28.56
N ASP D 259 12.80 28.45 -27.42
CA ASP D 259 14.04 28.37 -26.65
C ASP D 259 13.76 28.09 -25.18
N SER D 260 14.55 27.21 -24.59
CA SER D 260 14.22 26.65 -23.31
C SER D 260 15.35 26.90 -22.28
N PHE D 261 14.97 27.23 -21.06
CA PHE D 261 15.87 27.28 -19.93
C PHE D 261 15.73 25.98 -19.11
N SER D 262 15.12 24.97 -19.69
CA SER D 262 14.88 23.75 -18.91
C SER D 262 16.07 22.84 -18.65
N1 LLP D 263 11.24 19.93 -26.02
C2 LLP D 263 12.06 18.86 -26.00
C2' LLP D 263 12.06 17.98 -27.21
C3 LLP D 263 12.86 18.58 -24.90
O3 LLP D 263 13.58 17.60 -24.94
C4 LLP D 263 12.85 19.44 -23.78
C4' LLP D 263 13.68 19.22 -22.53
C5 LLP D 263 11.99 20.53 -23.84
C6 LLP D 263 11.20 20.76 -24.95
C5' LLP D 263 11.86 21.49 -22.71
OP4 LLP D 263 10.53 21.71 -22.17
P LLP D 263 10.12 23.15 -21.67
OP1 LLP D 263 10.33 23.12 -20.25
OP2 LLP D 263 11.00 24.03 -22.40
OP3 LLP D 263 8.73 23.22 -22.04
N LLP D 263 17.09 22.91 -19.48
CA LLP D 263 18.24 22.05 -19.29
CB LLP D 263 18.73 21.52 -20.63
CG LLP D 263 17.95 20.35 -21.24
CD LLP D 263 16.53 20.19 -20.73
CE LLP D 263 15.45 20.58 -21.75
NZ LLP D 263 14.96 19.51 -22.68
C LLP D 263 19.33 22.80 -18.53
O LLP D 263 20.32 22.22 -18.14
N ILE D 264 19.09 24.09 -18.32
CA ILE D 264 20.14 25.06 -18.03
C ILE D 264 19.88 25.85 -16.77
N ILE D 265 18.77 26.55 -16.73
CA ILE D 265 18.43 27.32 -15.55
C ILE D 265 17.46 26.59 -14.63
N SER D 266 16.36 26.13 -15.18
CA SER D 266 15.39 25.37 -14.40
C SER D 266 14.33 24.75 -15.32
N SER D 267 13.87 23.57 -14.94
CA SER D 267 12.77 22.92 -15.65
C SER D 267 11.47 23.24 -14.88
N GLY D 268 11.64 23.31 -13.56
CA GLY D 268 10.54 23.43 -12.66
C GLY D 268 9.91 24.82 -12.62
N LEU D 269 10.71 25.85 -12.94
CA LEU D 269 10.24 27.27 -12.90
C LEU D 269 9.30 27.64 -14.04
N ARG D 270 9.21 26.79 -15.06
CA ARG D 270 8.27 26.99 -16.19
C ARG D 270 8.40 28.33 -16.89
N ILE D 271 9.55 28.54 -17.53
CA ILE D 271 9.90 29.85 -18.06
C ILE D 271 10.78 29.72 -19.30
N GLY D 272 10.16 29.51 -20.45
CA GLY D 272 10.85 29.60 -21.73
C GLY D 272 10.34 30.75 -22.58
N PHE D 273 11.04 31.03 -23.67
CA PHE D 273 10.71 32.16 -24.52
C PHE D 273 10.56 31.75 -25.98
N LEU D 274 9.71 32.45 -26.71
CA LEU D 274 9.39 32.09 -28.09
C LEU D 274 9.60 33.26 -29.02
N THR D 275 10.33 33.03 -30.11
CA THR D 275 10.80 34.10 -30.97
C THR D 275 10.30 33.82 -32.39
N GLY D 276 9.60 34.79 -32.96
CA GLY D 276 9.12 34.69 -34.34
C GLY D 276 8.57 35.99 -34.86
N PRO D 277 7.97 35.93 -36.07
CA PRO D 277 7.39 37.14 -36.65
C PRO D 277 6.23 37.65 -35.78
N LYS D 278 6.24 38.97 -35.52
CA LYS D 278 5.28 39.64 -34.62
C LYS D 278 3.86 39.24 -34.86
N PRO D 279 3.45 39.11 -36.15
CA PRO D 279 2.05 38.82 -36.28
C PRO D 279 1.64 37.44 -35.79
N LEU D 280 2.53 36.46 -35.83
CA LEU D 280 2.29 35.20 -35.16
C LEU D 280 2.59 35.20 -33.68
N ILE D 281 3.64 35.88 -33.23
CA ILE D 281 3.89 35.95 -31.77
C ILE D 281 2.65 36.54 -31.11
N GLU D 282 2.15 37.60 -31.72
CA GLU D 282 0.91 38.24 -31.26
C GLU D 282 -0.18 37.22 -31.02
N ARG D 283 -0.53 36.47 -32.06
CA ARG D 283 -1.56 35.45 -31.95
C ARG D 283 -1.33 34.56 -30.73
N VAL D 284 -0.09 34.17 -30.52
CA VAL D 284 0.27 33.32 -29.37
C VAL D 284 0.05 34.06 -28.06
N ILE D 285 0.55 35.30 -27.99
CA ILE D 285 0.34 36.14 -26.85
C ILE D 285 -1.16 36.30 -26.51
N LEU D 286 -2.00 36.54 -27.53
CA LEU D 286 -3.44 36.74 -27.22
C LEU D 286 -4.14 35.52 -26.68
N HIS D 287 -3.81 34.32 -27.18
CA HIS D 287 -4.26 33.05 -26.55
C HIS D 287 -3.79 32.99 -25.08
N ILE D 288 -2.54 33.41 -24.84
CA ILE D 288 -1.98 33.47 -23.49
C ILE D 288 -2.78 34.34 -22.54
N GLN D 289 -3.27 35.49 -23.01
CA GLN D 289 -4.15 36.38 -22.23
C GLN D 289 -5.47 35.77 -21.77
N VAL D 290 -5.81 34.58 -22.28
CA VAL D 290 -7.05 33.98 -21.87
C VAL D 290 -6.88 32.59 -21.29
N SER D 291 -5.62 32.21 -21.13
CA SER D 291 -5.35 31.01 -20.36
C SER D 291 -4.49 31.35 -19.12
N THR D 292 -3.16 31.37 -19.26
CA THR D 292 -2.27 31.45 -18.11
C THR D 292 -2.06 32.89 -17.61
N LEU D 293 -2.55 33.83 -18.42
CA LEU D 293 -2.34 35.26 -18.31
C LEU D 293 -0.95 35.74 -18.66
N HIS D 294 0.01 35.13 -17.99
CA HIS D 294 1.40 35.36 -18.19
C HIS D 294 2.28 34.27 -17.47
N PRO D 295 3.61 34.32 -17.66
CA PRO D 295 4.45 33.38 -16.87
C PRO D 295 4.65 33.89 -15.45
N SER D 296 4.74 32.99 -14.47
CA SER D 296 4.88 33.46 -13.07
C SER D 296 5.81 34.68 -12.95
N THR D 297 5.40 35.76 -12.25
CA THR D 297 6.22 37.03 -12.13
C THR D 297 7.50 36.78 -11.25
N PHE D 298 7.29 35.99 -10.19
CA PHE D 298 8.30 35.54 -9.28
C PHE D 298 9.46 34.85 -9.95
N ASN D 299 9.15 33.85 -10.75
CA ASN D 299 10.19 33.04 -11.38
C ASN D 299 10.95 33.81 -12.43
N GLN D 300 10.30 34.79 -13.09
CA GLN D 300 10.92 35.68 -14.08
C GLN D 300 11.91 36.70 -13.46
N LEU D 301 11.59 37.13 -12.26
CA LEU D 301 12.43 38.10 -11.57
C LEU D 301 13.68 37.37 -11.08
N MET D 302 13.48 36.15 -10.60
CA MET D 302 14.57 35.27 -10.25
C MET D 302 15.53 35.16 -11.38
N ILE D 303 15.06 34.73 -12.54
CA ILE D 303 15.91 34.57 -13.75
C ILE D 303 16.42 35.91 -14.33
N SER D 304 15.55 36.87 -14.49
CA SER D 304 16.02 38.17 -14.94
C SER D 304 17.13 38.72 -14.01
N GLN D 305 16.92 38.74 -12.73
CA GLN D 305 17.95 39.20 -11.82
C GLN D 305 19.25 38.42 -11.94
N LEU D 306 19.14 37.12 -12.16
CA LEU D 306 20.31 36.28 -12.29
C LEU D 306 21.09 36.58 -13.55
N LEU D 307 20.37 36.81 -14.63
CA LEU D 307 21.00 37.02 -15.92
C LEU D 307 21.61 38.42 -16.03
N HIS D 308 20.94 39.42 -15.49
CA HIS D 308 21.53 40.75 -15.52
C HIS D 308 22.78 40.90 -14.64
N GLU D 309 22.93 40.05 -13.61
CA GLU D 309 24.12 40.16 -12.74
C GLU D 309 25.26 39.51 -13.46
N TRP D 310 25.03 38.28 -13.94
CA TRP D 310 25.93 37.59 -14.83
C TRP D 310 26.21 38.38 -16.13
N GLY D 311 25.19 39.06 -16.65
CA GLY D 311 25.29 39.57 -18.02
C GLY D 311 25.52 38.44 -19.02
N GLU D 312 25.51 38.76 -20.30
CA GLU D 312 25.59 37.72 -21.32
C GLU D 312 26.91 36.87 -21.33
N GLU D 313 27.86 37.19 -20.46
CA GLU D 313 29.14 36.49 -20.48
C GLU D 313 29.21 35.48 -19.35
N GLY D 314 28.60 35.81 -18.21
CA GLY D 314 28.46 34.91 -17.10
C GLY D 314 27.49 33.82 -17.50
N PHE D 315 26.50 34.21 -18.32
CA PHE D 315 25.48 33.30 -18.79
C PHE D 315 26.08 32.19 -19.64
N MET D 316 26.94 32.56 -20.60
CA MET D 316 27.69 31.62 -21.47
C MET D 316 28.73 30.85 -20.65
N ALA D 317 29.42 31.55 -19.73
CA ALA D 317 30.31 30.84 -18.82
C ALA D 317 29.56 29.65 -18.21
N HIS D 318 28.32 29.86 -17.80
CA HIS D 318 27.57 28.84 -17.12
C HIS D 318 27.07 27.76 -18.08
N VAL D 319 26.57 28.15 -19.24
CA VAL D 319 26.16 27.17 -20.20
C VAL D 319 27.34 26.35 -20.62
N ASP D 320 28.53 26.90 -20.39
CA ASP D 320 29.73 26.23 -20.85
C ASP D 320 30.18 25.17 -19.86
N ARG D 321 30.04 25.46 -18.59
CA ARG D 321 30.16 24.47 -17.55
C ARG D 321 29.13 23.35 -17.61
N VAL D 322 27.95 23.63 -18.15
CA VAL D 322 26.97 22.58 -18.29
C VAL D 322 27.17 21.66 -19.48
N ILE D 323 27.70 22.21 -20.55
CA ILE D 323 28.06 21.42 -21.71
C ILE D 323 29.18 20.46 -21.39
N ASP D 324 30.07 20.91 -20.52
CA ASP D 324 31.32 20.21 -20.18
C ASP D 324 30.97 19.01 -19.41
N PHE D 325 30.09 19.22 -18.43
CA PHE D 325 29.60 18.13 -17.63
C PHE D 325 28.70 17.20 -18.46
N TYR D 326 27.74 17.75 -19.23
CA TYR D 326 26.95 16.84 -20.09
C TYR D 326 27.83 16.09 -21.10
N SER D 327 29.09 16.54 -21.27
CA SER D 327 30.04 15.96 -22.22
C SER D 327 30.71 14.74 -21.63
N ASN D 328 31.43 14.95 -20.53
CA ASN D 328 31.89 13.89 -19.66
C ASN D 328 30.79 12.79 -19.57
N GLN D 329 29.55 13.18 -19.28
CA GLN D 329 28.43 12.22 -19.14
C GLN D 329 28.19 11.43 -20.42
N LYS D 330 28.13 12.11 -21.56
CA LYS D 330 28.16 11.48 -22.89
C LYS D 330 29.40 10.58 -23.12
N ASP D 331 30.58 11.02 -22.71
CA ASP D 331 31.75 10.16 -22.95
C ASP D 331 31.67 8.86 -22.20
N ALA D 332 31.26 9.01 -20.95
CA ALA D 332 30.93 7.94 -20.03
C ALA D 332 29.93 6.95 -20.58
N ILE D 333 28.83 7.42 -21.19
CA ILE D 333 27.85 6.45 -21.68
C ILE D 333 28.33 5.80 -22.96
N LEU D 334 29.09 6.52 -23.75
CA LEU D 334 29.66 5.94 -24.95
C LEU D 334 30.69 4.88 -24.62
N ALA D 335 31.54 5.16 -23.65
CA ALA D 335 32.50 4.20 -23.16
C ALA D 335 31.77 2.92 -22.79
N ALA D 336 30.76 3.04 -21.92
CA ALA D 336 30.00 1.87 -21.53
C ALA D 336 29.37 1.13 -22.75
N ALA D 337 28.89 1.86 -23.76
CA ALA D 337 28.29 1.16 -24.92
C ALA D 337 29.41 0.51 -25.71
N ASP D 338 30.58 1.18 -25.73
CA ASP D 338 31.71 0.58 -26.36
C ASP D 338 32.09 -0.64 -25.58
N LYS D 339 31.73 -0.65 -24.31
CA LYS D 339 32.26 -1.71 -23.45
C LYS D 339 31.53 -3.00 -23.66
N TRP D 340 30.22 -2.99 -23.46
CA TRP D 340 29.38 -4.17 -23.56
C TRP D 340 28.59 -4.35 -24.88
N LEU D 341 28.39 -3.31 -25.67
CA LEU D 341 27.31 -3.37 -26.69
C LEU D 341 27.87 -3.65 -28.04
N THR D 342 29.18 -3.79 -28.06
CA THR D 342 29.96 -3.75 -29.24
C THR D 342 29.80 -5.04 -30.05
N GLY D 343 29.30 -4.86 -31.27
CA GLY D 343 28.90 -5.97 -32.10
C GLY D 343 27.43 -6.29 -31.87
N LEU D 344 26.85 -5.76 -30.80
CA LEU D 344 25.54 -6.16 -30.32
C LEU D 344 24.41 -5.16 -30.62
N ALA D 345 24.77 -3.92 -30.93
CA ALA D 345 23.85 -2.84 -31.31
C ALA D 345 24.58 -1.73 -32.06
N GLU D 346 23.86 -0.75 -32.57
CA GLU D 346 24.51 0.40 -33.23
C GLU D 346 23.97 1.77 -32.77
N TRP D 347 24.82 2.79 -32.82
CA TRP D 347 24.39 4.11 -32.40
C TRP D 347 25.35 5.11 -32.93
N HIS D 348 24.87 6.32 -33.13
CA HIS D 348 25.71 7.47 -33.39
C HIS D 348 26.06 8.20 -32.12
N VAL D 349 27.14 8.97 -32.20
CA VAL D 349 27.51 9.84 -31.12
C VAL D 349 26.66 11.14 -30.98
N PRO D 350 25.97 11.27 -29.83
CA PRO D 350 25.11 12.43 -29.58
C PRO D 350 25.88 13.69 -29.80
N ALA D 351 25.30 14.56 -30.64
CA ALA D 351 25.92 15.84 -30.94
C ALA D 351 25.56 16.88 -29.85
N ALA D 352 24.53 16.62 -29.06
CA ALA D 352 23.97 17.63 -28.12
C ALA D 352 22.99 16.94 -27.17
N GLY D 353 22.44 17.66 -26.20
CA GLY D 353 21.34 17.11 -25.44
C GLY D 353 21.84 16.06 -24.51
N MET D 354 20.96 15.16 -24.07
CA MET D 354 21.28 14.26 -22.98
C MET D 354 20.75 12.80 -23.24
N PHE D 355 20.69 12.41 -24.51
CA PHE D 355 20.18 11.07 -24.86
C PHE D 355 21.12 10.31 -25.86
N LEU D 356 21.26 9.01 -25.65
CA LEU D 356 21.99 8.15 -26.57
C LEU D 356 20.91 7.25 -27.16
N TRP D 357 20.87 7.09 -28.48
CA TRP D 357 19.84 6.31 -29.11
C TRP D 357 20.49 5.06 -29.71
N ILE D 358 20.05 3.93 -29.18
CA ILE D 358 20.65 2.64 -29.54
C ILE D 358 19.79 1.70 -30.40
N LYS D 359 20.32 1.18 -31.48
CA LYS D 359 19.66 0.16 -32.31
C LYS D 359 20.17 -1.26 -32.06
N VAL D 360 19.39 -2.05 -31.34
CA VAL D 360 19.65 -3.46 -31.05
C VAL D 360 19.66 -4.36 -32.32
N LYS D 361 20.63 -5.26 -32.43
CA LYS D 361 20.68 -6.20 -33.59
C LYS D 361 19.91 -7.44 -33.25
N GLY D 362 19.16 -7.93 -34.25
CA GLY D 362 18.49 -9.23 -34.17
C GLY D 362 17.30 -9.34 -33.24
N ILE D 363 16.70 -8.22 -32.85
CA ILE D 363 15.49 -8.22 -31.99
C ILE D 363 14.51 -7.27 -32.61
N ASN D 364 13.28 -7.72 -32.82
CA ASN D 364 12.36 -6.96 -33.69
C ASN D 364 11.77 -5.76 -33.01
N ASP D 365 11.19 -6.05 -31.84
CA ASP D 365 10.65 -5.10 -30.90
C ASP D 365 11.40 -5.16 -29.59
N VAL D 366 11.91 -4.03 -29.16
CA VAL D 366 12.68 -4.03 -27.92
C VAL D 366 11.86 -3.88 -26.62
N LYS D 367 10.52 -3.99 -26.74
CA LYS D 367 9.56 -3.68 -25.66
C LYS D 367 9.49 -4.74 -24.57
N GLU D 368 9.53 -6.02 -24.96
CA GLU D 368 9.58 -7.11 -23.97
C GLU D 368 10.95 -7.16 -23.28
N LEU D 369 12.00 -6.94 -24.05
CA LEU D 369 13.35 -6.97 -23.52
C LEU D 369 13.41 -6.09 -22.27
N ILE D 370 12.89 -4.86 -22.38
CA ILE D 370 12.92 -3.89 -21.28
C ILE D 370 11.78 -4.01 -20.23
N GLU D 371 10.54 -4.19 -20.70
CA GLU D 371 9.39 -4.15 -19.82
C GLU D 371 9.25 -5.45 -19.04
N GLU D 372 9.96 -6.47 -19.47
CA GLU D 372 9.85 -7.78 -18.87
C GLU D 372 11.15 -8.19 -18.15
N LYS D 373 12.28 -8.05 -18.84
CA LYS D 373 13.53 -8.70 -18.44
C LYS D 373 14.49 -7.72 -17.79
N ALA D 374 14.79 -6.63 -18.52
CA ALA D 374 15.66 -5.61 -18.01
C ALA D 374 15.17 -5.10 -16.66
N VAL D 375 13.89 -4.75 -16.56
CA VAL D 375 13.29 -4.37 -15.27
C VAL D 375 13.56 -5.41 -14.13
N LYS D 376 13.39 -6.70 -14.40
CA LYS D 376 13.79 -7.75 -13.42
C LYS D 376 15.25 -7.64 -12.89
N MET D 377 16.22 -7.38 -13.79
CA MET D 377 17.61 -7.29 -13.37
C MET D 377 18.02 -5.98 -12.65
N GLY D 378 17.07 -5.06 -12.45
CA GLY D 378 17.30 -3.76 -11.83
C GLY D 378 17.69 -2.69 -12.82
N VAL D 379 17.39 -2.90 -14.08
CA VAL D 379 17.78 -1.91 -15.08
C VAL D 379 16.73 -1.51 -16.07
N LEU D 380 16.70 -0.23 -16.39
CA LEU D 380 15.69 0.35 -17.29
C LEU D 380 16.30 1.16 -18.41
N MET D 381 15.74 1.06 -19.61
CA MET D 381 15.88 2.12 -20.62
C MET D 381 14.52 2.43 -21.27
N LEU D 382 14.39 3.60 -21.93
CA LEU D 382 13.17 3.92 -22.72
C LEU D 382 13.10 3.24 -24.11
N PRO D 383 12.14 2.32 -24.31
CA PRO D 383 11.82 1.73 -25.66
C PRO D 383 11.45 2.78 -26.72
N GLY D 384 11.96 2.57 -27.92
CA GLY D 384 11.71 3.50 -28.99
C GLY D 384 10.29 3.67 -29.56
N ASN D 385 9.28 2.97 -29.07
CA ASN D 385 7.97 3.03 -29.79
C ASN D 385 7.32 4.39 -29.78
N ALA D 386 7.34 5.08 -28.64
CA ALA D 386 6.63 6.35 -28.51
C ALA D 386 7.18 7.43 -29.39
N PHE D 387 8.34 7.22 -30.02
CA PHE D 387 8.92 8.28 -30.85
C PHE D 387 8.50 8.29 -32.35
N TYR D 388 7.38 7.61 -32.64
CA TYR D 388 6.81 7.44 -34.00
C TYR D 388 5.31 7.73 -34.04
N VAL D 389 4.82 8.16 -35.21
CA VAL D 389 3.38 8.38 -35.40
C VAL D 389 2.62 7.08 -35.14
N ASP D 390 3.15 6.00 -35.66
CA ASP D 390 2.54 4.72 -35.41
C ASP D 390 3.45 4.01 -34.42
N SER D 391 3.12 4.16 -33.15
CA SER D 391 3.91 3.70 -32.02
C SER D 391 3.58 2.24 -31.68
N SER D 392 2.59 1.68 -32.37
CA SER D 392 2.24 0.32 -32.16
C SER D 392 3.13 -0.50 -33.06
N ALA D 393 3.84 0.16 -33.97
CA ALA D 393 4.85 -0.50 -34.82
C ALA D 393 6.06 -0.97 -33.99
N PRO D 394 6.68 -2.10 -34.41
CA PRO D 394 7.77 -2.63 -33.65
C PRO D 394 8.99 -1.73 -33.70
N SER D 395 9.70 -1.59 -32.59
CA SER D 395 10.92 -0.75 -32.62
C SER D 395 12.12 -1.49 -32.06
N PRO D 396 13.23 -1.53 -32.82
CA PRO D 396 14.41 -2.21 -32.34
C PRO D 396 15.38 -1.24 -31.58
N TYR D 397 14.87 -0.08 -31.18
CA TYR D 397 15.60 1.09 -30.62
C TYR D 397 15.33 1.39 -29.13
N LEU D 398 16.40 1.70 -28.39
CA LEU D 398 16.34 2.18 -26.99
C LEU D 398 16.78 3.63 -26.91
N ARG D 399 16.15 4.41 -26.04
CA ARG D 399 16.72 5.75 -25.74
C ARG D 399 17.30 5.63 -24.35
N ALA D 400 18.56 6.05 -24.19
CA ALA D 400 19.21 6.02 -22.89
C ALA D 400 19.56 7.43 -22.46
N SER D 401 19.15 7.82 -21.25
CA SER D 401 19.51 9.13 -20.77
C SER D 401 20.87 9.13 -20.09
N PHE D 402 21.84 9.82 -20.67
CA PHE D 402 23.15 10.00 -20.04
C PHE D 402 23.22 11.34 -19.30
N SER D 403 22.18 11.63 -18.53
CA SER D 403 22.05 12.94 -17.87
C SER D 403 22.53 12.88 -16.43
N SER D 404 22.41 11.71 -15.81
CA SER D 404 22.40 11.62 -14.36
C SER D 404 23.33 10.51 -13.87
N ALA D 405 23.09 9.29 -14.34
CA ALA D 405 23.75 8.11 -13.80
C ALA D 405 25.26 8.32 -13.71
N SER D 406 25.89 7.67 -12.74
CA SER D 406 27.37 7.68 -12.62
C SER D 406 28.01 6.69 -13.62
N PRO D 407 29.31 6.84 -13.91
CA PRO D 407 29.89 5.80 -14.76
C PRO D 407 29.68 4.37 -14.29
N GLU D 408 29.77 4.08 -12.99
CA GLU D 408 29.45 2.73 -12.54
C GLU D 408 28.06 2.26 -12.92
N GLN D 409 27.06 3.09 -12.65
CA GLN D 409 25.68 2.73 -12.96
C GLN D 409 25.55 2.43 -14.45
N MET D 410 26.31 3.16 -15.27
CA MET D 410 26.25 2.99 -16.71
C MET D 410 26.77 1.64 -17.14
N ASP D 411 27.93 1.30 -16.56
CA ASP D 411 28.62 0.04 -16.78
C ASP D 411 27.84 -1.20 -16.40
N VAL D 412 27.23 -1.20 -15.21
CA VAL D 412 26.32 -2.30 -14.79
C VAL D 412 25.06 -2.32 -15.71
N ALA D 413 24.49 -1.13 -15.96
CA ALA D 413 23.35 -0.97 -16.93
C ALA D 413 23.63 -1.66 -18.24
N PHE D 414 24.73 -1.29 -18.88
CA PHE D 414 25.04 -1.87 -20.16
C PHE D 414 25.48 -3.33 -20.07
N GLN D 415 26.18 -3.66 -19.00
CA GLN D 415 26.57 -5.04 -18.79
C GLN D 415 25.35 -5.91 -18.74
N VAL D 416 24.41 -5.58 -17.82
CA VAL D 416 23.16 -6.31 -17.62
C VAL D 416 22.27 -6.23 -18.88
N LEU D 417 22.34 -5.12 -19.59
CA LEU D 417 21.59 -5.01 -20.82
C LEU D 417 22.19 -5.84 -21.93
N ALA D 418 23.50 -5.90 -21.96
CA ALA D 418 24.20 -6.77 -22.91
C ALA D 418 23.89 -8.25 -22.61
N GLN D 419 23.79 -8.60 -21.31
CA GLN D 419 23.51 -9.97 -20.90
C GLN D 419 22.20 -10.37 -21.55
N LEU D 420 21.19 -9.51 -21.43
CA LEU D 420 19.81 -9.89 -21.82
C LEU D 420 19.63 -9.81 -23.30
N ILE D 421 20.28 -8.87 -23.96
CA ILE D 421 20.34 -9.03 -25.40
C ILE D 421 20.92 -10.40 -25.81
N LYS D 422 22.03 -10.87 -25.24
CA LYS D 422 22.58 -12.18 -25.71
C LYS D 422 21.55 -13.33 -25.55
N GLU D 423 20.80 -13.29 -24.44
CA GLU D 423 19.85 -14.33 -24.00
C GLU D 423 18.54 -14.31 -24.83
N SER D 424 18.36 -13.22 -25.60
CA SER D 424 17.16 -12.98 -26.39
C SER D 424 17.23 -13.43 -27.85
N LEU D 425 18.44 -13.70 -28.31
CA LEU D 425 18.69 -14.01 -29.71
C LEU D 425 18.61 -15.55 -29.91
C1 AKG E . -2.44 -43.62 22.68
O1 AKG E . -1.93 -44.09 23.77
O2 AKG E . -3.65 -43.81 22.33
C2 AKG E . -1.53 -42.83 21.83
O5 AKG E . -1.72 -41.64 21.83
C3 AKG E . -0.36 -43.53 21.14
C4 AKG E . -0.04 -43.07 19.69
C5 AKG E . 1.22 -43.67 18.98
O3 AKG E . 2.04 -44.53 19.52
O4 AKG E . 1.38 -43.24 17.78
C1 GOL F . 0.30 -15.13 12.80
O1 GOL F . 0.36 -16.19 13.72
C2 GOL F . -0.77 -14.17 13.26
O2 GOL F . -1.78 -14.91 13.87
C3 GOL F . -1.27 -13.41 12.06
O3 GOL F . -0.18 -12.97 11.29
C1 GOL G . 8.59 -47.39 23.16
O1 GOL G . 9.55 -47.00 22.17
C2 GOL G . 8.03 -46.07 23.65
O2 GOL G . 9.15 -45.15 23.44
C3 GOL G . 7.65 -46.15 25.13
O3 GOL G . 8.78 -45.47 25.78
C1 GOL H . 10.38 19.92 9.01
O1 GOL H . 9.97 18.84 8.14
C2 GOL H . 10.89 21.11 8.14
O2 GOL H . 11.57 20.69 6.95
C3 GOL H . 9.74 21.98 7.64
O3 GOL H . 9.06 21.33 6.55
C1 GOL I . 9.75 16.64 -20.67
O1 GOL I . 9.99 15.33 -20.08
C2 GOL I . 11.14 17.20 -21.02
O2 GOL I . 10.78 17.93 -22.19
C3 GOL I . 12.10 16.19 -21.63
O3 GOL I . 12.63 15.40 -20.53
C1 GOL J . 9.77 -5.56 -10.98
O1 GOL J . 10.94 -4.90 -10.40
C2 GOL J . 9.00 -4.41 -11.64
O2 GOL J . 8.84 -3.36 -10.69
C3 GOL J . 7.61 -4.88 -12.09
O3 GOL J . 7.58 -4.85 -13.52
C1 GOL K . -7.09 39.35 -13.66
O1 GOL K . -7.09 39.07 -15.05
C2 GOL K . -7.81 40.68 -13.42
O2 GOL K . -7.94 41.53 -14.58
C3 GOL K . -9.16 40.37 -12.82
O3 GOL K . -9.22 41.06 -11.58
#